data_6VP6
#
_entry.id   6VP6
#
_cell.length_a   1.00
_cell.length_b   1.00
_cell.length_c   1.00
_cell.angle_alpha   90.00
_cell.angle_beta   90.00
_cell.angle_gamma   90.00
#
_symmetry.space_group_name_H-M   'P 1'
#
loop_
_entity.id
_entity.type
_entity.pdbx_description
1 polymer 'Leucine-rich repeat serine/threonine-protein kinase 2'
2 non-polymer "GUANOSINE-5'-DIPHOSPHATE"
3 non-polymer 'MAGNESIUM ION'
#
_entity_poly.entity_id   1
_entity_poly.type   'polypeptide(L)'
_entity_poly.pdbx_seq_one_letter_code
;KKAVPYNRMKLMIVGN(TPO)GSGKTTLLQQLMKTKKSDLGMQSATVGIDVKDWPIQIRDKRKRDLVLNVWDFAGREEFY
STHPHFMTQRALYLAVYDLSKGQAEVDAMKPWLFNIKARASSSPVILVGTHLDVSDEKQRKACMSKITKELLNKRGFPAI
RDYHFVNATEESDALAKLRKTIINESLNFKIRDQLVVGQLIPDCYVELEKIILSERKNVPIEFPVIDRKRLLQLVRENQL
QLDENELPHAVHFLNESGVLLHFQDPALQLSDLYFVEPKWLCKIMAQILTVKVEGCPKHPKGIISRRDVEKFLSKKRKFP
KNYMSQYFKLLEKFQIALPIGEEYLLVPSSLSDHRPVIELPHCENSEIIIRLYEMPYFPMGFWSRLINRLLEISPYMLSG
RERALRPNRMYWRQGIYLNWSPEAYCLVGSEVLDNHPESFLKITVPSCRKGCILLGQVVDHIDSLMEEWFPGLLEIDICG
EGETLLKKWALYSFNDGEEHQKILLDDLMKKAEEGDLLVNPDQPRLTIPISQIAPDLILADLPRNIMLNNDELEFEQAPE
FLLGDGSFGSVYRAAYEGEEVAVKIFNKHTSLRLLRQELVVLCHLHHPSLISLLAAGIRPRMLVMELASKGSLDRLLQQD
KASLTRTLQHRIALHVADGLRYLHSAMIIYRDLKPHNVLLFTLYPNAAIIAKIADYGIAQYCCRMGIKTSEGTPGFRAPE
VARGNVIYNQQADVYSFGLLLYDILTTGGRIVEGLKFPNEFDELEIQGKLPDPVKEYGCAPWPMVEKLIKQCLKENPQER
PTSAQVFDILNSAELVCLTRRILLPKNVIVECMVATHHNSRNASIWLGCGHTDRGQLSFLDLNTEGYTSEEVADSRILCL
ALVHLPVEKESWIVSGTQSGTLLVINTEDGKKRHTLEKMTDSVTCLYCNSFSKQSKQKNFLLVGTADGKLAIFEDKTVKL
KGAAPLKILNIGNVSTPLMCLSESTNSTERNVMWGGCGTKIFSFSNDFTIQKLIETRTSQLFSYAAFSDSNIITVVVDTA
LYIAKQNSPVVEVWDKKTEKLCGLIDCVHFLREVMVKENKESKHKMSYSGRVKTLCLQKNTALWIGTGGGHILLLDLSTR
RLIRVIYNFCNSVRVMMTAQLGSLKNVMLVLGYNRKNTEGTQKQKEIQSCLTVWDINLPHEVQNLEKHIEVRKELAEKMR
RTSVE
;
_entity_poly.pdbx_strand_id   A,B,C
#
loop_
_chem_comp.id
_chem_comp.type
_chem_comp.name
_chem_comp.formula
GDP RNA linking GUANOSINE-5'-DIPHOSPHATE 'C10 H15 N5 O11 P2'
MG non-polymer 'MAGNESIUM ION' 'Mg 2'
#
# COMPACT_ATOMS: atom_id res chain seq x y z
N VAL A 4 -38.02 -14.28 31.23
CA VAL A 4 -38.75 -13.76 32.39
C VAL A 4 -39.15 -12.30 32.19
N PRO A 5 -40.28 -11.89 32.78
CA PRO A 5 -40.95 -10.60 32.65
C PRO A 5 -40.17 -9.45 33.26
N TYR A 6 -39.26 -8.91 32.47
CA TYR A 6 -38.43 -7.77 32.82
C TYR A 6 -39.30 -6.54 33.00
N ASN A 7 -39.15 -5.84 34.14
CA ASN A 7 -39.98 -4.67 34.45
C ASN A 7 -39.18 -3.40 34.75
N ARG A 8 -38.19 -3.13 33.91
CA ARG A 8 -37.35 -1.96 34.09
C ARG A 8 -37.33 -1.13 32.79
N MET A 9 -37.43 0.18 32.94
CA MET A 9 -37.54 1.08 31.78
C MET A 9 -36.79 2.37 32.03
N LYS A 10 -36.19 2.94 30.99
CA LYS A 10 -35.40 4.14 31.19
C LYS A 10 -36.24 5.42 31.12
N LEU A 11 -35.82 6.42 31.86
CA LEU A 11 -36.47 7.71 31.82
C LEU A 11 -35.45 8.75 31.39
N MET A 12 -35.68 9.35 30.24
CA MET A 12 -34.77 10.33 29.72
C MET A 12 -35.29 11.72 29.96
N ILE A 13 -34.59 12.51 30.74
CA ILE A 13 -35.03 13.85 31.02
C ILE A 13 -34.14 14.84 30.30
N VAL A 14 -34.75 15.64 29.43
CA VAL A 14 -34.00 16.58 28.62
C VAL A 14 -34.54 17.99 28.71
N GLY A 15 -33.71 18.94 28.31
CA GLY A 15 -34.05 20.34 28.33
C GLY A 15 -32.79 21.18 28.37
N ASN A 16 -32.93 22.48 28.38
CA ASN A 16 -31.78 23.36 28.41
C ASN A 16 -31.37 23.73 29.82
N TPO A 17 -30.12 24.16 29.98
CA TPO A 17 -29.57 24.54 31.26
CB TPO A 17 -28.10 25.00 31.12
CG2 TPO A 17 -27.53 25.36 32.48
OG1 TPO A 17 -27.32 23.95 30.54
P TPO A 17 -25.91 24.27 29.84
O1P TPO A 17 -25.11 25.20 30.79
O2P TPO A 17 -25.16 22.93 29.61
O3P TPO A 17 -26.21 24.98 28.49
C TPO A 17 -30.39 25.65 31.91
O TPO A 17 -30.68 26.67 31.26
N GLY A 18 -30.78 25.45 33.16
CA GLY A 18 -31.58 26.41 33.89
C GLY A 18 -33.08 26.08 33.88
N SER A 19 -33.46 24.97 33.24
CA SER A 19 -34.87 24.57 33.15
C SER A 19 -35.55 24.23 34.47
N GLY A 20 -34.78 23.75 35.45
CA GLY A 20 -35.35 23.36 36.72
C GLY A 20 -35.70 21.86 36.77
N LYS A 21 -35.38 21.16 35.69
CA LYS A 21 -35.71 19.74 35.53
C LYS A 21 -35.19 18.78 36.62
N THR A 22 -34.10 19.11 37.31
CA THR A 22 -33.63 18.20 38.36
C THR A 22 -34.53 18.28 39.56
N THR A 23 -34.94 19.49 39.92
CA THR A 23 -35.84 19.67 41.05
C THR A 23 -37.21 19.13 40.71
N LEU A 24 -37.57 19.19 39.43
CA LEU A 24 -38.80 18.55 38.98
C LEU A 24 -38.76 17.08 39.28
N LEU A 25 -37.67 16.42 38.88
CA LEU A 25 -37.47 15.02 39.18
C LEU A 25 -37.53 14.75 40.67
N GLN A 26 -36.83 15.56 41.45
CA GLN A 26 -36.81 15.42 42.90
C GLN A 26 -38.20 15.34 43.49
N GLN A 27 -39.05 16.30 43.10
CA GLN A 27 -40.39 16.32 43.64
C GLN A 27 -41.23 15.16 43.12
N LEU A 28 -41.06 14.81 41.85
CA LEU A 28 -41.81 13.69 41.30
C LEU A 28 -41.50 12.39 42.01
N MET A 29 -40.24 12.20 42.38
CA MET A 29 -39.81 11.01 43.09
C MET A 29 -40.15 11.06 44.58
N GLY A 44 -22.38 15.05 33.24
CA GLY A 44 -23.41 15.28 32.22
C GLY A 44 -24.78 14.73 32.61
N ILE A 45 -24.84 13.41 32.81
CA ILE A 45 -26.09 12.76 33.20
C ILE A 45 -26.05 12.21 34.63
N ASP A 46 -27.02 12.60 35.43
CA ASP A 46 -27.18 12.07 36.79
C ASP A 46 -28.10 10.87 36.74
N VAL A 47 -27.56 9.67 36.95
CA VAL A 47 -28.36 8.46 36.82
C VAL A 47 -28.77 7.81 38.13
N LYS A 48 -30.09 7.66 38.33
CA LYS A 48 -30.61 7.02 39.55
C LYS A 48 -31.87 6.20 39.29
N ASP A 49 -32.07 5.15 40.08
CA ASP A 49 -33.29 4.36 39.98
C ASP A 49 -34.50 5.03 40.61
N TRP A 50 -35.68 4.76 40.03
CA TRP A 50 -36.94 5.23 40.55
C TRP A 50 -38.03 4.16 40.53
N PRO A 51 -38.10 3.31 41.55
CA PRO A 51 -39.14 2.33 41.78
C PRO A 51 -40.47 3.02 41.98
N ILE A 52 -41.46 2.59 41.21
CA ILE A 52 -42.81 3.11 41.31
C ILE A 52 -43.77 1.98 41.57
N LEU A 62 -42.54 -1.15 39.08
CA LEU A 62 -41.93 -0.51 37.91
C LEU A 62 -40.68 0.21 38.31
N VAL A 63 -39.54 -0.24 37.83
CA VAL A 63 -38.34 0.47 38.22
C VAL A 63 -37.82 1.25 37.06
N LEU A 64 -37.77 2.56 37.22
CA LEU A 64 -37.26 3.34 36.14
C LEU A 64 -35.79 3.63 36.32
N ASN A 65 -35.07 3.57 35.22
CA ASN A 65 -33.66 3.89 35.20
C ASN A 65 -33.60 5.33 34.75
N VAL A 66 -33.51 6.26 35.68
CA VAL A 66 -33.63 7.66 35.29
C VAL A 66 -32.31 8.29 34.92
N TRP A 67 -32.25 8.81 33.70
CA TRP A 67 -31.07 9.52 33.20
C TRP A 67 -31.39 11.01 33.11
N ASP A 68 -30.85 11.78 34.04
CA ASP A 68 -31.03 13.22 34.05
C ASP A 68 -29.92 13.95 33.31
N PHE A 69 -30.16 14.35 32.06
CA PHE A 69 -29.15 15.07 31.28
C PHE A 69 -28.96 16.46 31.83
N ALA A 70 -28.24 16.57 32.94
CA ALA A 70 -28.07 17.82 33.65
C ALA A 70 -27.43 18.88 32.78
N GLY A 71 -26.27 18.56 32.23
CA GLY A 71 -25.53 19.49 31.39
C GLY A 71 -25.63 19.12 29.92
N ARG A 72 -24.75 19.68 29.09
CA ARG A 72 -24.70 19.39 27.65
C ARG A 72 -24.09 18.04 27.34
N GLU A 73 -24.74 16.98 27.79
CA GLU A 73 -24.19 15.67 27.56
C GLU A 73 -24.52 15.16 26.19
N GLU A 74 -23.52 15.30 25.33
CA GLU A 74 -23.59 14.90 23.93
C GLU A 74 -24.09 13.49 23.67
N PHE A 75 -24.08 12.60 24.69
CA PHE A 75 -24.63 11.22 24.64
C PHE A 75 -25.90 11.08 23.81
N TYR A 76 -26.77 12.09 23.85
CA TYR A 76 -28.01 12.07 23.08
C TYR A 76 -27.79 12.12 21.55
N SER A 77 -26.55 12.19 21.12
CA SER A 77 -26.17 12.23 19.73
C SER A 77 -24.93 11.37 19.51
N THR A 78 -24.07 11.24 20.53
CA THR A 78 -22.85 10.45 20.40
C THR A 78 -23.06 8.98 20.72
N HIS A 79 -24.13 8.65 21.43
CA HIS A 79 -24.46 7.26 21.62
C HIS A 79 -25.90 7.11 22.06
N PRO A 80 -26.83 7.63 21.25
CA PRO A 80 -28.29 7.60 21.39
C PRO A 80 -28.85 6.21 21.08
N ARG A 86 -37.41 1.48 24.88
CA ARG A 86 -37.57 1.18 26.29
C ARG A 86 -37.27 2.41 27.11
N ALA A 87 -37.84 3.54 26.70
CA ALA A 87 -37.53 4.80 27.34
C ALA A 87 -38.63 5.80 27.14
N LEU A 88 -38.80 6.69 28.11
CA LEU A 88 -39.78 7.76 28.02
C LEU A 88 -39.08 9.08 28.13
N TYR A 89 -39.47 10.02 27.29
CA TYR A 89 -38.82 11.30 27.31
C TYR A 89 -39.61 12.35 28.01
N LEU A 90 -38.95 13.07 28.89
CA LEU A 90 -39.56 14.15 29.60
C LEU A 90 -38.90 15.44 29.14
N ALA A 91 -39.65 16.23 28.41
CA ALA A 91 -39.14 17.48 27.88
C ALA A 91 -39.48 18.60 28.84
N VAL A 92 -38.47 19.20 29.43
CA VAL A 92 -38.71 20.23 30.41
C VAL A 92 -38.26 21.59 29.93
N TYR A 93 -39.12 22.60 30.07
CA TYR A 93 -38.73 23.94 29.65
C TYR A 93 -39.30 24.99 30.60
N ASP A 94 -38.70 26.17 30.59
CA ASP A 94 -39.09 27.27 31.45
C ASP A 94 -40.18 28.15 30.83
N LEU A 95 -41.42 27.97 31.29
CA LEU A 95 -42.55 28.74 30.79
C LEU A 95 -42.38 30.25 30.89
N SER A 96 -41.69 30.73 31.94
CA SER A 96 -41.55 32.18 32.12
C SER A 96 -40.63 32.77 31.06
N LYS A 97 -39.82 31.93 30.40
CA LYS A 97 -39.01 32.40 29.30
C LYS A 97 -39.92 32.55 28.10
N GLY A 98 -40.78 31.56 27.90
CA GLY A 98 -41.79 31.67 26.86
C GLY A 98 -41.54 30.89 25.57
N GLN A 99 -42.18 31.39 24.52
CA GLN A 99 -42.20 30.79 23.18
C GLN A 99 -40.81 30.60 22.59
N ALA A 100 -39.90 31.48 22.94
CA ALA A 100 -38.53 31.36 22.46
C ALA A 100 -37.93 30.04 22.94
N GLU A 101 -38.27 29.63 24.15
CA GLU A 101 -37.77 28.39 24.70
C GLU A 101 -38.42 27.23 24.02
N VAL A 102 -39.70 27.38 23.70
CA VAL A 102 -40.42 26.35 22.98
C VAL A 102 -39.69 26.06 21.68
N ASP A 103 -39.34 27.11 20.95
CA ASP A 103 -38.59 26.94 19.71
C ASP A 103 -37.23 26.31 19.94
N ALA A 104 -36.59 26.64 21.04
CA ALA A 104 -35.30 26.04 21.37
C ALA A 104 -35.41 24.52 21.54
N MET A 105 -36.58 24.02 21.91
CA MET A 105 -36.76 22.59 22.09
C MET A 105 -36.96 21.82 20.78
N LYS A 106 -37.06 22.53 19.65
CA LYS A 106 -37.27 21.83 18.39
C LYS A 106 -36.12 20.91 18.01
N PRO A 107 -34.85 21.32 18.18
CA PRO A 107 -33.68 20.48 17.96
C PRO A 107 -33.69 19.27 18.85
N TRP A 108 -34.22 19.41 20.07
CA TRP A 108 -34.30 18.30 21.00
C TRP A 108 -35.31 17.31 20.50
N LEU A 109 -36.45 17.81 20.05
CA LEU A 109 -37.50 16.97 19.55
C LEU A 109 -37.10 16.30 18.26
N PHE A 110 -36.37 17.02 17.41
CA PHE A 110 -35.86 16.47 16.17
C PHE A 110 -34.99 15.30 16.46
N ASN A 111 -34.03 15.51 17.34
CA ASN A 111 -33.10 14.47 17.73
C ASN A 111 -33.81 13.25 18.30
N ILE A 112 -34.84 13.48 19.11
CA ILE A 112 -35.60 12.37 19.66
C ILE A 112 -36.27 11.59 18.56
N LYS A 113 -36.97 12.29 17.67
CA LYS A 113 -37.65 11.62 16.57
C LYS A 113 -36.67 10.87 15.70
N ALA A 114 -35.51 11.48 15.49
CA ALA A 114 -34.45 10.94 14.66
C ALA A 114 -33.86 9.64 15.20
N ARG A 115 -34.14 9.28 16.45
CA ARG A 115 -33.57 8.05 16.98
C ARG A 115 -34.64 7.14 17.57
N ALA A 116 -35.75 7.71 18.02
CA ALA A 116 -36.85 6.93 18.55
C ALA A 116 -38.17 7.65 18.37
N SER A 117 -38.67 7.70 17.13
CA SER A 117 -39.93 8.40 16.86
C SER A 117 -41.13 7.76 17.57
N SER A 118 -41.03 6.47 17.84
CA SER A 118 -42.09 5.73 18.50
C SER A 118 -42.12 5.96 20.01
N SER A 119 -41.04 6.48 20.58
CA SER A 119 -40.98 6.69 22.01
C SER A 119 -41.88 7.85 22.40
N PRO A 120 -42.43 7.84 23.62
CA PRO A 120 -43.35 8.80 24.17
C PRO A 120 -42.62 10.03 24.64
N VAL A 121 -43.27 11.18 24.47
CA VAL A 121 -42.73 12.45 24.91
C VAL A 121 -43.76 13.21 25.72
N ILE A 122 -43.37 13.61 26.92
CA ILE A 122 -44.22 14.43 27.76
C ILE A 122 -43.60 15.80 27.90
N LEU A 123 -44.34 16.82 27.49
CA LEU A 123 -43.82 18.18 27.52
C LEU A 123 -44.27 18.90 28.79
N VAL A 124 -43.33 19.33 29.61
CA VAL A 124 -43.67 20.02 30.84
C VAL A 124 -43.08 21.41 30.96
N GLY A 125 -43.96 22.40 31.12
CA GLY A 125 -43.55 23.77 31.33
C GLY A 125 -43.39 24.01 32.82
N THR A 126 -42.34 24.73 33.20
CA THR A 126 -42.09 25.00 34.60
C THR A 126 -42.14 26.49 34.85
N HIS A 127 -41.93 26.89 36.10
CA HIS A 127 -41.99 28.30 36.48
C HIS A 127 -43.34 28.96 36.22
N LEU A 128 -44.42 28.19 36.30
CA LEU A 128 -45.76 28.76 36.14
C LEU A 128 -46.06 29.73 37.27
N ASP A 129 -45.49 29.53 38.46
CA ASP A 129 -45.76 30.45 39.57
C ASP A 129 -45.09 31.83 39.40
N VAL A 130 -44.28 32.01 38.36
CA VAL A 130 -43.67 33.29 38.06
C VAL A 130 -43.89 33.61 36.60
N SER A 131 -44.93 33.00 36.03
CA SER A 131 -45.26 33.20 34.63
C SER A 131 -46.74 33.49 34.49
N ASP A 132 -47.05 34.66 33.96
CA ASP A 132 -48.44 35.04 33.76
C ASP A 132 -49.11 34.08 32.81
N GLU A 133 -50.40 33.82 33.02
CA GLU A 133 -51.12 32.91 32.15
C GLU A 133 -51.08 33.36 30.69
N LYS A 134 -50.81 34.65 30.45
CA LYS A 134 -50.59 35.15 29.11
C LYS A 134 -49.54 34.30 28.41
N GLN A 135 -48.43 34.06 29.11
CA GLN A 135 -47.36 33.25 28.57
C GLN A 135 -47.78 31.81 28.47
N ARG A 136 -48.51 31.34 29.49
CA ARG A 136 -49.01 29.97 29.48
C ARG A 136 -49.83 29.69 28.24
N LYS A 137 -50.83 30.53 27.98
CA LYS A 137 -51.68 30.32 26.84
C LYS A 137 -50.98 30.69 25.53
N ALA A 138 -49.97 31.57 25.61
CA ALA A 138 -49.20 31.91 24.41
C ALA A 138 -48.43 30.69 23.98
N CYS A 139 -47.75 30.06 24.94
CA CYS A 139 -46.99 28.86 24.68
C CYS A 139 -47.90 27.70 24.35
N MET A 140 -49.09 27.68 24.96
CA MET A 140 -50.06 26.67 24.64
C MET A 140 -50.40 26.75 23.17
N SER A 141 -50.74 27.95 22.70
CA SER A 141 -51.06 28.09 21.30
C SER A 141 -49.84 27.86 20.43
N LYS A 142 -48.67 28.20 20.93
CA LYS A 142 -47.44 27.98 20.21
C LYS A 142 -47.24 26.50 19.91
N ILE A 143 -47.42 25.65 20.91
CA ILE A 143 -47.24 24.23 20.68
C ILE A 143 -48.40 23.61 19.92
N THR A 144 -49.61 24.17 20.03
CA THR A 144 -50.69 23.59 19.24
C THR A 144 -50.51 23.94 17.78
N LYS A 145 -49.86 25.07 17.52
CA LYS A 145 -49.61 25.49 16.17
C LYS A 145 -48.33 24.92 15.58
N GLU A 146 -47.31 24.70 16.40
CA GLU A 146 -46.04 24.30 15.83
C GLU A 146 -45.43 22.98 16.28
N LEU A 147 -45.99 22.29 17.27
CA LEU A 147 -45.37 21.02 17.66
C LEU A 147 -46.37 19.88 17.76
N LEU A 148 -47.47 20.12 18.45
CA LEU A 148 -48.49 19.12 18.67
C LEU A 148 -49.15 18.69 17.38
N ASN A 149 -49.27 19.63 16.46
CA ASN A 149 -49.86 19.36 15.18
C ASN A 149 -48.85 19.53 14.06
N LYS A 150 -47.58 19.23 14.32
CA LYS A 150 -46.57 19.45 13.31
C LYS A 150 -45.66 18.25 13.07
N ARG A 151 -45.66 17.79 11.81
CA ARG A 151 -44.82 16.69 11.42
C ARG A 151 -43.37 17.10 11.48
N GLY A 152 -42.50 16.13 11.70
CA GLY A 152 -41.09 16.40 11.88
C GLY A 152 -40.74 16.31 13.35
N PHE A 153 -41.76 16.40 14.21
CA PHE A 153 -41.54 16.25 15.63
C PHE A 153 -42.27 14.98 16.03
N PRO A 154 -41.76 14.22 17.00
CA PRO A 154 -42.21 12.89 17.44
C PRO A 154 -43.54 12.85 18.20
N ALA A 155 -44.57 13.50 17.64
CA ALA A 155 -45.93 13.57 18.16
C ALA A 155 -46.04 13.58 19.68
N ILE A 156 -45.53 14.62 20.34
CA ILE A 156 -45.67 14.82 21.78
C ILE A 156 -46.94 14.17 22.29
N ARG A 157 -46.79 13.20 23.18
CA ARG A 157 -47.93 12.43 23.61
C ARG A 157 -48.83 13.22 24.56
N ASP A 158 -48.23 13.97 25.48
CA ASP A 158 -49.04 14.78 26.40
C ASP A 158 -48.21 15.93 26.95
N TYR A 159 -48.84 16.81 27.72
CA TYR A 159 -48.13 17.92 28.30
C TYR A 159 -48.77 18.47 29.57
N HIS A 160 -47.97 19.16 30.37
CA HIS A 160 -48.39 19.77 31.62
C HIS A 160 -47.69 21.09 31.93
N PHE A 161 -48.23 21.83 32.88
CA PHE A 161 -47.59 23.04 33.36
C PHE A 161 -47.48 22.94 34.88
N VAL A 162 -46.33 23.32 35.42
CA VAL A 162 -46.09 23.22 36.85
C VAL A 162 -45.68 24.54 37.48
N ASN A 163 -46.36 24.89 38.57
CA ASN A 163 -46.08 26.11 39.32
C ASN A 163 -44.72 26.07 39.97
N ALA A 164 -44.49 25.05 40.78
CA ALA A 164 -43.24 24.92 41.51
C ALA A 164 -43.05 23.51 42.00
N THR A 165 -41.78 23.17 42.25
CA THR A 165 -41.39 21.85 42.71
C THR A 165 -41.60 21.62 44.20
N GLU A 166 -42.37 22.49 44.85
CA GLU A 166 -42.82 22.29 46.21
C GLU A 166 -43.85 21.16 46.30
N GLU A 167 -44.58 20.98 45.19
CA GLU A 167 -45.64 19.97 44.98
C GLU A 167 -46.81 20.69 44.31
N SER A 168 -47.72 19.92 43.71
CA SER A 168 -48.87 20.49 43.03
C SER A 168 -49.82 19.44 42.53
N ASP A 169 -51.05 19.87 42.27
CA ASP A 169 -52.03 18.99 41.68
C ASP A 169 -51.57 18.64 40.27
N ALA A 170 -50.86 19.59 39.65
CA ALA A 170 -50.29 19.39 38.32
C ALA A 170 -49.27 18.27 38.36
N LEU A 171 -48.46 18.24 39.43
CA LEU A 171 -47.46 17.21 39.58
C LEU A 171 -48.10 15.88 39.88
N ALA A 172 -49.20 15.88 40.63
CA ALA A 172 -49.91 14.64 40.88
C ALA A 172 -50.40 14.06 39.57
N LYS A 173 -50.95 14.94 38.72
CA LYS A 173 -51.44 14.56 37.41
C LYS A 173 -50.30 14.10 36.53
N LEU A 174 -49.17 14.80 36.61
CA LEU A 174 -47.98 14.46 35.85
C LEU A 174 -47.50 13.08 36.22
N ARG A 175 -47.44 12.78 37.51
CA ARG A 175 -47.04 11.45 37.95
C ARG A 175 -47.96 10.40 37.37
N LYS A 176 -49.26 10.67 37.40
CA LYS A 176 -50.24 9.76 36.84
C LYS A 176 -50.04 9.61 35.35
N THR A 177 -49.74 10.71 34.68
CA THR A 177 -49.49 10.74 33.26
C THR A 177 -48.29 9.93 32.89
N ILE A 178 -47.20 10.13 33.63
CA ILE A 178 -45.97 9.42 33.37
C ILE A 178 -46.17 7.93 33.50
N ILE A 179 -46.84 7.53 34.57
CA ILE A 179 -47.08 6.12 34.77
C ILE A 179 -47.96 5.53 33.70
N ASN A 180 -49.11 6.14 33.48
CA ASN A 180 -50.05 5.62 32.53
C ASN A 180 -49.52 5.66 31.12
N GLU A 181 -48.80 6.72 30.79
CA GLU A 181 -48.27 6.86 29.46
C GLU A 181 -47.15 5.90 29.21
N SER A 182 -46.32 5.63 30.21
CA SER A 182 -45.26 4.66 30.01
C SER A 182 -45.84 3.27 29.80
N LEU A 183 -47.00 3.03 30.42
CA LEU A 183 -47.68 1.77 30.23
C LEU A 183 -48.25 1.72 28.81
N ASN A 184 -48.80 2.87 28.37
CA ASN A 184 -49.37 3.00 27.03
C ASN A 184 -48.29 2.82 25.98
N PHE A 185 -47.12 3.36 26.23
CA PHE A 185 -45.98 3.23 25.35
C PHE A 185 -45.60 1.81 25.14
N LYS A 186 -45.47 1.08 26.23
CA LYS A 186 -45.11 -0.31 26.06
C LYS A 186 -46.22 -1.06 25.36
N ILE A 187 -47.47 -0.64 25.54
CA ILE A 187 -48.54 -1.22 24.76
C ILE A 187 -48.30 -0.93 23.27
N ARG A 188 -47.88 0.30 22.96
CA ARG A 188 -47.56 0.69 21.60
C ARG A 188 -46.43 -0.18 21.05
N ASP A 189 -45.43 -0.47 21.89
CA ASP A 189 -44.37 -1.37 21.47
C ASP A 189 -44.92 -2.74 21.17
N GLN A 190 -45.85 -3.23 21.97
CA GLN A 190 -46.45 -4.52 21.68
C GLN A 190 -47.18 -4.52 20.35
N LEU A 191 -47.79 -3.38 20.01
CA LEU A 191 -48.48 -3.24 18.75
C LEU A 191 -47.51 -3.23 17.56
N VAL A 192 -46.31 -2.70 17.74
CA VAL A 192 -45.33 -2.63 16.65
C VAL A 192 -44.15 -3.60 16.81
N VAL A 193 -43.45 -3.46 17.93
CA VAL A 193 -42.28 -4.26 18.26
C VAL A 193 -42.65 -5.68 18.69
N GLY A 194 -43.67 -5.79 19.53
CA GLY A 194 -44.10 -7.06 20.08
C GLY A 194 -43.69 -7.22 21.54
N GLN A 195 -43.42 -6.11 22.23
CA GLN A 195 -43.00 -6.18 23.64
C GLN A 195 -43.74 -5.19 24.56
N LEU A 196 -44.10 -5.66 25.75
CA LEU A 196 -44.77 -4.89 26.83
C LEU A 196 -43.83 -4.57 28.00
N ILE A 197 -44.34 -3.80 28.97
CA ILE A 197 -43.53 -3.47 30.15
C ILE A 197 -43.22 -4.68 31.04
N PRO A 198 -43.86 -5.85 30.84
CA PRO A 198 -43.37 -7.08 31.47
C PRO A 198 -42.91 -8.03 30.37
N ASP A 199 -42.25 -7.50 29.35
CA ASP A 199 -41.80 -8.38 28.29
C ASP A 199 -40.78 -9.32 28.81
N CYS A 200 -40.85 -10.55 28.32
CA CYS A 200 -39.98 -11.56 28.81
C CYS A 200 -38.69 -11.63 28.02
N TYR A 201 -37.58 -11.61 28.75
CA TYR A 201 -36.25 -11.70 28.18
C TYR A 201 -35.54 -12.87 28.79
N VAL A 202 -34.60 -13.46 28.08
CA VAL A 202 -33.95 -14.64 28.60
C VAL A 202 -33.36 -14.33 29.97
N GLU A 203 -33.75 -15.13 30.97
CA GLU A 203 -33.38 -14.97 32.36
C GLU A 203 -31.89 -14.92 32.61
N LEU A 204 -31.13 -15.46 31.69
CA LEU A 204 -29.71 -15.53 31.81
C LEU A 204 -29.12 -14.15 31.58
N GLU A 205 -29.79 -13.34 30.76
CA GLU A 205 -29.37 -11.97 30.51
C GLU A 205 -29.64 -11.17 31.77
N LYS A 206 -30.78 -11.47 32.40
CA LYS A 206 -31.14 -10.84 33.66
C LYS A 206 -30.08 -11.12 34.72
N ILE A 207 -29.62 -12.38 34.77
CA ILE A 207 -28.58 -12.76 35.70
C ILE A 207 -27.31 -11.97 35.44
N ILE A 208 -26.92 -11.84 34.18
CA ILE A 208 -25.75 -11.07 33.82
C ILE A 208 -25.83 -9.66 34.31
N LEU A 209 -26.99 -9.04 34.18
CA LEU A 209 -27.20 -7.69 34.69
C LEU A 209 -26.76 -7.62 36.15
N SER A 210 -27.26 -8.56 36.95
CA SER A 210 -26.90 -8.63 38.37
C SER A 210 -25.41 -8.87 38.56
N GLU A 211 -24.81 -9.69 37.69
CA GLU A 211 -23.39 -9.98 37.79
C GLU A 211 -22.57 -8.73 37.49
N ARG A 212 -23.05 -7.91 36.57
CA ARG A 212 -22.37 -6.67 36.23
C ARG A 212 -22.59 -5.63 37.29
N LYS A 213 -23.72 -5.69 37.96
CA LYS A 213 -23.96 -4.81 39.08
C LYS A 213 -22.89 -5.02 40.14
N ASN A 214 -22.60 -6.28 40.43
CA ASN A 214 -21.62 -6.63 41.45
C ASN A 214 -20.17 -6.58 40.96
N VAL A 215 -19.69 -5.37 40.65
CA VAL A 215 -18.32 -5.19 40.20
C VAL A 215 -17.54 -4.10 40.94
N PRO A 216 -16.48 -4.49 41.65
CA PRO A 216 -15.58 -3.54 42.33
C PRO A 216 -14.23 -3.45 41.63
N ILE A 217 -14.07 -2.47 40.74
CA ILE A 217 -12.80 -2.26 40.02
C ILE A 217 -12.33 -0.79 40.09
N GLU A 218 -11.06 -0.58 40.43
CA GLU A 218 -10.47 0.77 40.53
C GLU A 218 -10.62 1.59 39.25
N PHE A 219 -10.26 1.00 38.12
CA PHE A 219 -10.43 1.60 36.79
C PHE A 219 -11.37 0.68 36.01
N PRO A 220 -12.67 0.75 36.30
CA PRO A 220 -13.73 -0.10 35.77
C PRO A 220 -13.75 -0.27 34.25
N VAL A 221 -12.84 -1.09 33.77
CA VAL A 221 -12.75 -1.48 32.37
C VAL A 221 -12.72 -3.00 32.40
N ILE A 222 -13.66 -3.63 31.74
CA ILE A 222 -13.80 -5.07 31.87
C ILE A 222 -13.48 -5.89 30.63
N ASP A 223 -12.67 -6.92 30.89
CA ASP A 223 -12.25 -7.92 29.92
C ASP A 223 -12.46 -9.30 30.53
N ARG A 224 -12.29 -9.37 31.86
CA ARG A 224 -12.50 -10.57 32.68
C ARG A 224 -13.91 -11.16 32.59
N LYS A 225 -14.83 -10.46 31.92
CA LYS A 225 -16.18 -10.89 31.65
C LYS A 225 -16.24 -12.35 31.20
N ARG A 226 -15.25 -12.77 30.40
CA ARG A 226 -15.17 -14.15 29.94
C ARG A 226 -15.08 -15.09 31.14
N LEU A 227 -14.28 -14.71 32.11
CA LEU A 227 -14.13 -15.46 33.34
C LEU A 227 -15.42 -15.40 34.12
N LEU A 228 -16.01 -14.22 34.17
CA LEU A 228 -17.25 -14.03 34.93
C LEU A 228 -18.35 -14.94 34.37
N GLN A 229 -18.35 -15.16 33.06
CA GLN A 229 -19.24 -16.11 32.43
C GLN A 229 -18.99 -17.49 33.01
N LEU A 230 -17.70 -17.84 33.16
CA LEU A 230 -17.28 -19.09 33.75
C LEU A 230 -17.51 -19.15 35.27
N VAL A 231 -17.56 -17.99 35.92
CA VAL A 231 -17.85 -17.95 37.35
C VAL A 231 -19.29 -18.37 37.57
N ARG A 232 -20.20 -17.75 36.83
CA ARG A 232 -21.60 -18.13 36.89
C ARG A 232 -21.88 -19.36 36.02
N GLU A 233 -21.23 -20.48 36.35
CA GLU A 233 -21.36 -21.69 35.58
C GLU A 233 -20.94 -21.41 34.14
N ASN A 234 -21.90 -21.37 33.23
CA ASN A 234 -21.65 -21.00 31.85
C ASN A 234 -22.99 -20.83 31.16
N GLN A 235 -23.55 -19.64 31.28
CA GLN A 235 -24.85 -19.39 30.71
C GLN A 235 -24.71 -18.66 29.38
N LEU A 236 -25.71 -18.78 28.52
CA LEU A 236 -25.67 -18.15 27.20
C LEU A 236 -24.40 -18.57 26.47
N GLN A 237 -24.17 -19.87 26.51
CA GLN A 237 -22.99 -20.52 25.96
C GLN A 237 -22.77 -20.34 24.46
N LEU A 238 -23.76 -19.84 23.72
CA LEU A 238 -23.53 -19.61 22.31
C LEU A 238 -22.82 -18.30 22.16
N ASP A 239 -21.50 -18.36 22.30
CA ASP A 239 -20.63 -17.21 22.21
C ASP A 239 -20.81 -16.49 20.88
N GLU A 240 -21.11 -17.24 19.84
CA GLU A 240 -21.35 -16.71 18.51
C GLU A 240 -22.73 -16.05 18.32
N ASN A 241 -23.65 -16.21 19.27
CA ASN A 241 -24.97 -15.61 19.10
C ASN A 241 -25.59 -15.03 20.38
N GLU A 242 -25.63 -15.85 21.43
CA GLU A 242 -26.22 -15.44 22.69
C GLU A 242 -25.39 -14.39 23.37
N LEU A 243 -24.08 -14.56 23.32
CA LEU A 243 -23.19 -13.58 23.91
C LEU A 243 -23.37 -12.18 23.29
N PRO A 244 -23.38 -12.03 21.96
CA PRO A 244 -23.66 -10.79 21.25
C PRO A 244 -25.00 -10.21 21.62
N HIS A 245 -26.00 -11.07 21.82
CA HIS A 245 -27.31 -10.57 22.19
C HIS A 245 -27.32 -10.05 23.60
N ALA A 246 -26.59 -10.71 24.49
CA ALA A 246 -26.52 -10.25 25.86
C ALA A 246 -25.90 -8.88 25.88
N VAL A 247 -24.79 -8.70 25.15
CA VAL A 247 -24.11 -7.42 25.11
C VAL A 247 -24.99 -6.33 24.54
N HIS A 248 -25.68 -6.66 23.46
CA HIS A 248 -26.61 -5.74 22.83
C HIS A 248 -27.64 -5.26 23.83
N PHE A 249 -28.23 -6.22 24.56
CA PHE A 249 -29.18 -5.94 25.61
C PHE A 249 -28.58 -5.05 26.68
N LEU A 250 -27.37 -5.37 27.10
CA LEU A 250 -26.70 -4.63 28.15
C LEU A 250 -26.50 -3.15 27.81
N ASN A 251 -26.24 -2.81 26.54
CA ASN A 251 -26.23 -1.38 26.23
C ASN A 251 -27.66 -0.84 26.19
N GLU A 252 -28.58 -1.49 25.49
CA GLU A 252 -29.93 -0.93 25.40
C GLU A 252 -30.63 -0.79 26.74
N SER A 253 -30.37 -1.72 27.64
CA SER A 253 -30.94 -1.72 28.97
C SER A 253 -30.25 -0.78 29.95
N GLY A 254 -29.12 -0.19 29.56
CA GLY A 254 -28.43 0.73 30.44
C GLY A 254 -27.63 0.06 31.54
N VAL A 255 -26.90 -1.00 31.20
CA VAL A 255 -26.10 -1.71 32.20
C VAL A 255 -24.62 -1.45 32.01
N LEU A 256 -24.11 -1.67 30.80
CA LEU A 256 -22.69 -1.42 30.54
C LEU A 256 -22.46 -0.92 29.13
N LEU A 257 -21.21 -0.57 28.83
CA LEU A 257 -20.88 0.02 27.54
C LEU A 257 -19.86 -0.69 26.66
N HIS A 258 -20.32 -1.34 25.59
CA HIS A 258 -19.39 -1.66 24.51
C HIS A 258 -19.15 -0.41 23.69
N PHE A 259 -18.06 -0.38 22.93
CA PHE A 259 -17.81 0.75 22.06
C PHE A 259 -17.54 0.28 20.65
N GLN A 260 -18.52 -0.38 20.08
CA GLN A 260 -18.43 -0.92 18.74
C GLN A 260 -18.96 0.01 17.66
N ALA A 263 -14.67 1.74 14.42
CA ALA A 263 -13.55 0.80 14.50
C ALA A 263 -12.50 1.26 15.52
N LEU A 264 -12.83 1.12 16.80
CA LEU A 264 -11.94 1.51 17.89
C LEU A 264 -11.19 0.31 18.39
N GLN A 265 -10.05 0.51 19.04
CA GLN A 265 -9.37 -0.65 19.59
C GLN A 265 -10.00 -0.93 20.93
N LEU A 266 -10.33 0.15 21.65
CA LEU A 266 -11.03 0.00 22.92
C LEU A 266 -12.52 -0.14 22.62
N SER A 267 -12.90 -1.34 22.20
CA SER A 267 -14.26 -1.60 21.75
C SER A 267 -14.91 -2.86 22.29
N ASP A 268 -14.41 -4.00 21.78
CA ASP A 268 -14.95 -5.32 22.07
C ASP A 268 -14.59 -5.89 23.43
N LEU A 269 -13.35 -5.68 23.85
CA LEU A 269 -12.85 -6.30 25.07
C LEU A 269 -12.75 -5.34 26.23
N TYR A 270 -13.39 -4.18 26.10
CA TYR A 270 -13.26 -3.14 27.11
C TYR A 270 -14.62 -2.60 27.52
N PHE A 271 -15.29 -3.28 28.43
CA PHE A 271 -16.60 -2.82 28.85
C PHE A 271 -16.42 -1.81 29.97
N VAL A 272 -16.92 -0.60 29.78
CA VAL A 272 -16.64 0.47 30.74
C VAL A 272 -17.83 1.02 31.50
N GLU A 273 -17.65 1.21 32.81
CA GLU A 273 -18.67 1.80 33.68
C GLU A 273 -19.07 3.19 33.17
N PRO A 274 -20.35 3.41 32.84
CA PRO A 274 -20.95 4.64 32.33
C PRO A 274 -20.59 5.85 33.17
N LYS A 275 -20.53 5.66 34.48
CA LYS A 275 -20.19 6.74 35.38
C LYS A 275 -18.82 7.30 35.09
N TRP A 276 -17.85 6.43 34.79
CA TRP A 276 -16.52 6.91 34.50
C TRP A 276 -16.39 7.47 33.14
N LEU A 277 -16.99 6.83 32.16
CA LEU A 277 -16.91 7.34 30.81
C LEU A 277 -17.37 8.78 30.78
N CYS A 278 -18.56 8.99 31.31
CA CYS A 278 -19.17 10.29 31.31
C CYS A 278 -18.42 11.29 32.15
N LYS A 279 -18.12 10.91 33.38
CA LYS A 279 -17.46 11.80 34.32
C LYS A 279 -16.15 12.32 33.85
N ILE A 280 -15.23 11.43 33.52
CA ILE A 280 -13.90 11.84 33.15
C ILE A 280 -13.86 12.68 31.91
N MET A 281 -14.59 12.28 30.87
CA MET A 281 -14.55 13.04 29.64
C MET A 281 -15.16 14.41 29.83
N ALA A 282 -16.25 14.49 30.59
CA ALA A 282 -16.88 15.76 30.88
C ALA A 282 -15.94 16.66 31.66
N GLN A 283 -15.24 16.08 32.62
CA GLN A 283 -14.32 16.87 33.41
C GLN A 283 -13.21 17.43 32.57
N ILE A 284 -12.58 16.61 31.75
CA ILE A 284 -11.48 17.07 30.92
C ILE A 284 -11.88 18.21 30.02
N LEU A 285 -13.10 18.16 29.49
CA LEU A 285 -13.60 19.28 28.73
C LEU A 285 -13.50 20.58 29.52
N THR A 286 -13.91 20.52 30.79
CA THR A 286 -13.90 21.71 31.63
C THR A 286 -12.57 21.98 32.33
N VAL A 287 -11.67 20.98 32.42
CA VAL A 287 -10.40 21.23 33.07
C VAL A 287 -9.62 22.27 32.32
N GLY A 298 -9.24 28.31 22.10
CA GLY A 298 -9.48 27.09 22.84
C GLY A 298 -8.61 25.94 22.37
N ILE A 299 -7.54 26.22 21.64
CA ILE A 299 -6.69 25.15 21.17
C ILE A 299 -5.74 24.71 22.26
N ILE A 300 -5.74 23.41 22.56
CA ILE A 300 -4.91 22.88 23.63
C ILE A 300 -4.02 21.77 23.14
N SER A 301 -2.75 21.83 23.49
CA SER A 301 -1.85 20.76 23.09
C SER A 301 -2.17 19.46 23.76
N ARG A 302 -2.11 18.41 22.95
CA ARG A 302 -2.33 17.04 23.38
C ARG A 302 -1.51 16.69 24.59
N ARG A 303 -0.26 17.15 24.59
CA ARG A 303 0.68 16.74 25.61
C ARG A 303 0.33 17.30 26.94
N ASP A 304 -0.15 18.53 26.96
CA ASP A 304 -0.54 19.13 28.22
C ASP A 304 -1.78 18.45 28.75
N VAL A 305 -2.65 17.99 27.85
CA VAL A 305 -3.80 17.23 28.26
C VAL A 305 -3.34 15.91 28.88
N GLU A 306 -2.36 15.27 28.24
CA GLU A 306 -1.80 14.02 28.74
C GLU A 306 -1.21 14.19 30.11
N LYS A 307 -0.51 15.31 30.33
CA LYS A 307 0.09 15.60 31.61
C LYS A 307 -0.95 15.66 32.69
N PHE A 308 -2.00 16.43 32.47
CA PHE A 308 -3.06 16.53 33.45
C PHE A 308 -3.71 15.19 33.71
N LEU A 309 -4.12 14.51 32.64
CA LEU A 309 -4.79 13.22 32.74
C LEU A 309 -4.00 12.21 33.53
N SER A 310 -2.68 12.16 33.33
CA SER A 310 -1.84 11.21 34.03
C SER A 310 -1.83 11.43 35.54
N LYS A 311 -2.18 12.63 35.98
CA LYS A 311 -2.23 12.94 37.40
C LYS A 311 -3.63 12.68 37.93
N LYS A 312 -4.62 12.94 37.08
CA LYS A 312 -6.02 12.77 37.44
C LYS A 312 -6.38 11.30 37.56
N ARG A 313 -6.15 10.54 36.48
CA ARG A 313 -6.39 9.11 36.48
C ARG A 313 -5.32 8.41 35.67
N LYS A 314 -4.52 7.62 36.38
CA LYS A 314 -3.39 6.91 35.80
C LYS A 314 -3.77 5.83 34.81
N PHE A 315 -4.19 6.23 33.63
CA PHE A 315 -4.52 5.28 32.58
C PHE A 315 -3.27 4.84 31.86
N PRO A 316 -3.24 3.61 31.38
CA PRO A 316 -2.21 3.04 30.54
C PRO A 316 -2.14 3.91 29.31
N LYS A 317 -0.95 4.12 28.78
CA LYS A 317 -0.82 4.98 27.61
C LYS A 317 -1.57 4.42 26.41
N ASN A 318 -1.73 3.11 26.36
CA ASN A 318 -2.50 2.48 25.31
C ASN A 318 -3.94 2.96 25.42
N TYR A 319 -4.44 2.99 26.65
CA TYR A 319 -5.78 3.43 26.91
C TYR A 319 -5.89 4.90 26.64
N MET A 320 -4.81 5.65 26.91
CA MET A 320 -4.81 7.08 26.66
C MET A 320 -4.94 7.37 25.17
N SER A 321 -4.33 6.56 24.31
CA SER A 321 -4.49 6.80 22.88
C SER A 321 -5.93 6.58 22.46
N GLN A 322 -6.58 5.64 23.14
CA GLN A 322 -7.96 5.36 22.84
C GLN A 322 -8.84 6.40 23.47
N TYR A 323 -8.39 6.94 24.59
CA TYR A 323 -9.08 8.00 25.28
C TYR A 323 -9.24 9.17 24.34
N PHE A 324 -8.15 9.55 23.69
CA PHE A 324 -8.20 10.65 22.75
C PHE A 324 -9.10 10.32 21.58
N LYS A 325 -9.10 9.06 21.15
CA LYS A 325 -9.97 8.68 20.05
C LYS A 325 -11.42 8.80 20.47
N LEU A 326 -11.73 8.46 21.72
CA LEU A 326 -13.07 8.61 22.25
C LEU A 326 -13.45 10.07 22.31
N LEU A 327 -12.51 10.95 22.64
CA LEU A 327 -12.84 12.37 22.70
C LEU A 327 -13.31 12.84 21.34
N GLU A 328 -12.68 12.33 20.29
CA GLU A 328 -13.13 12.66 18.94
C GLU A 328 -14.53 12.12 18.67
N LYS A 329 -14.73 10.84 18.96
CA LYS A 329 -16.00 10.20 18.65
C LYS A 329 -17.16 10.70 19.48
N PHE A 330 -16.87 11.22 20.66
CA PHE A 330 -17.91 11.80 21.48
C PHE A 330 -17.95 13.31 21.39
N GLN A 331 -17.30 13.87 20.36
CA GLN A 331 -17.34 15.30 20.07
C GLN A 331 -16.87 16.17 21.21
N ILE A 332 -15.90 15.71 21.98
CA ILE A 332 -15.38 16.48 23.08
C ILE A 332 -14.23 17.32 22.58
N ALA A 333 -13.37 16.69 21.81
CA ALA A 333 -12.23 17.41 21.25
C ALA A 333 -11.83 16.81 19.93
N LEU A 334 -11.49 17.65 18.97
CA LEU A 334 -11.12 17.16 17.67
C LEU A 334 -9.63 17.33 17.45
N PRO A 335 -8.97 16.37 16.81
CA PRO A 335 -7.58 16.43 16.45
C PRO A 335 -7.33 17.54 15.45
N ILE A 336 -6.31 18.35 15.70
CA ILE A 336 -5.90 19.39 14.75
C ILE A 336 -4.64 18.86 14.11
N GLY A 337 -3.49 19.21 14.69
CA GLY A 337 -2.24 18.65 14.26
C GLY A 337 -2.08 17.43 15.12
N GLU A 338 -1.02 16.66 14.94
CA GLU A 338 -0.90 15.49 15.78
C GLU A 338 -0.67 15.85 17.26
N GLU A 339 -0.21 17.07 17.52
CA GLU A 339 0.02 17.52 18.87
C GLU A 339 -1.06 18.41 19.45
N TYR A 340 -2.18 18.60 18.74
CA TYR A 340 -3.20 19.53 19.25
C TYR A 340 -4.65 19.10 19.17
N LEU A 341 -5.46 19.65 20.07
CA LEU A 341 -6.89 19.43 20.08
C LEU A 341 -7.67 20.73 19.93
N LEU A 342 -8.76 20.68 19.18
CA LEU A 342 -9.59 21.84 18.93
C LEU A 342 -10.53 22.14 20.05
N VAL A 343 -11.22 21.11 20.55
CA VAL A 343 -12.17 21.29 21.64
C VAL A 343 -13.34 22.19 21.28
N PRO A 344 -14.09 21.86 20.23
CA PRO A 344 -15.24 22.58 19.68
C PRO A 344 -16.07 23.27 20.74
N SER A 345 -16.45 22.55 21.77
CA SER A 345 -17.23 23.15 22.83
C SER A 345 -16.37 24.15 23.56
N SER A 346 -16.90 25.35 23.75
CA SER A 346 -16.20 26.46 24.40
C SER A 346 -15.44 27.33 23.42
N LEU A 347 -15.41 26.98 22.13
CA LEU A 347 -14.74 27.88 21.20
C LEU A 347 -15.51 29.18 21.18
N SER A 348 -14.81 30.28 20.96
CA SER A 348 -15.47 31.58 20.93
C SER A 348 -16.61 31.58 19.97
N ASP A 349 -17.71 32.20 20.37
CA ASP A 349 -18.87 32.27 19.51
C ASP A 349 -19.09 33.69 19.04
N HIS A 350 -17.99 34.36 18.73
CA HIS A 350 -18.03 35.73 18.23
C HIS A 350 -17.19 35.85 16.98
N ARG A 351 -17.66 35.21 15.90
CA ARG A 351 -17.00 35.18 14.59
C ARG A 351 -15.98 36.28 14.42
N PRO A 352 -14.68 35.94 14.44
CA PRO A 352 -13.54 36.82 14.34
C PRO A 352 -13.62 37.67 13.10
N VAL A 353 -13.09 38.88 13.18
CA VAL A 353 -13.14 39.75 12.04
C VAL A 353 -12.24 39.23 10.95
N ILE A 354 -12.83 38.91 9.81
CA ILE A 354 -12.12 38.39 8.66
C ILE A 354 -12.37 39.23 7.44
N GLU A 355 -11.30 39.78 6.87
CA GLU A 355 -11.45 40.52 5.63
C GLU A 355 -11.01 39.64 4.49
N LEU A 356 -11.93 39.34 3.60
CA LEU A 356 -11.63 38.48 2.48
C LEU A 356 -11.09 39.30 1.34
N PRO A 357 -10.21 38.73 0.53
CA PRO A 357 -9.69 39.28 -0.69
C PRO A 357 -10.78 39.05 -1.66
N HIS A 358 -10.94 39.93 -2.64
CA HIS A 358 -12.03 39.85 -3.63
C HIS A 358 -13.29 40.47 -3.08
N CYS A 359 -13.95 41.29 -3.90
CA CYS A 359 -15.06 42.09 -3.42
C CYS A 359 -16.17 42.22 -4.46
N GLU A 360 -15.83 42.34 -5.73
CA GLU A 360 -16.84 42.46 -6.77
C GLU A 360 -17.58 41.16 -6.84
N ASN A 361 -18.85 41.22 -7.20
CA ASN A 361 -19.69 40.05 -7.17
C ASN A 361 -19.14 38.90 -8.00
N SER A 362 -18.62 39.20 -9.19
CA SER A 362 -18.09 38.17 -10.07
C SER A 362 -16.80 37.54 -9.60
N GLU A 363 -16.20 38.05 -8.55
CA GLU A 363 -14.96 37.47 -8.09
C GLU A 363 -15.15 36.24 -7.22
N ILE A 364 -16.35 36.03 -6.69
CA ILE A 364 -16.57 34.92 -5.77
C ILE A 364 -17.81 34.11 -6.06
N ILE A 365 -17.87 32.92 -5.45
CA ILE A 365 -19.01 32.02 -5.58
C ILE A 365 -19.65 31.80 -4.23
N ILE A 366 -20.96 31.98 -4.13
CA ILE A 366 -21.66 31.83 -2.85
C ILE A 366 -22.78 30.80 -2.88
N ARG A 367 -22.81 29.94 -1.86
CA ARG A 367 -23.82 28.90 -1.75
C ARG A 367 -24.51 28.89 -0.39
N LEU A 368 -25.85 28.88 -0.38
CA LEU A 368 -26.60 28.90 0.89
C LEU A 368 -27.43 27.66 1.19
N TYR A 369 -27.50 27.31 2.46
CA TYR A 369 -28.32 26.18 2.94
C TYR A 369 -29.35 26.62 3.95
N GLU A 370 -30.62 26.69 3.56
CA GLU A 370 -31.66 27.14 4.48
C GLU A 370 -32.23 26.01 5.33
N MET A 371 -32.15 26.20 6.65
CA MET A 371 -32.60 25.21 7.61
C MET A 371 -33.52 25.85 8.63
N PRO A 372 -34.44 25.11 9.23
CA PRO A 372 -35.38 25.57 10.26
C PRO A 372 -34.68 25.73 11.60
N TYR A 373 -33.59 25.02 11.76
CA TYR A 373 -32.76 25.01 12.96
C TYR A 373 -31.62 24.05 12.74
N PHE A 374 -30.48 24.30 13.36
CA PHE A 374 -29.40 23.36 13.22
C PHE A 374 -29.57 22.24 14.24
N PRO A 375 -29.39 20.98 13.85
CA PRO A 375 -29.41 19.81 14.69
C PRO A 375 -28.32 19.90 15.73
N MET A 376 -28.55 19.32 16.90
CA MET A 376 -27.55 19.38 17.93
C MET A 376 -26.34 18.57 17.52
N GLY A 377 -25.17 19.18 17.60
CA GLY A 377 -23.94 18.51 17.21
C GLY A 377 -23.64 18.68 15.73
N PHE A 378 -24.52 19.36 15.00
CA PHE A 378 -24.34 19.58 13.57
C PHE A 378 -23.00 20.22 13.29
N TRP A 379 -22.72 21.29 14.00
CA TRP A 379 -21.50 22.03 13.79
C TRP A 379 -20.25 21.34 14.20
N SER A 380 -20.26 20.60 15.29
CA SER A 380 -19.02 19.97 15.67
C SER A 380 -18.68 18.85 14.73
N ARG A 381 -19.70 18.20 14.19
CA ARG A 381 -19.45 17.14 13.23
C ARG A 381 -18.97 17.72 11.91
N LEU A 382 -19.60 18.82 11.50
CA LEU A 382 -19.24 19.47 10.26
C LEU A 382 -17.82 19.91 10.29
N ILE A 383 -17.41 20.55 11.37
CA ILE A 383 -16.05 21.01 11.52
C ILE A 383 -15.06 19.88 11.42
N ASN A 384 -15.34 18.77 12.08
CA ASN A 384 -14.43 17.66 12.02
C ASN A 384 -14.17 17.24 10.58
N ARG A 385 -15.22 17.23 9.77
CA ARG A 385 -15.05 16.87 8.37
C ARG A 385 -14.31 17.93 7.56
N LEU A 386 -14.67 19.20 7.75
CA LEU A 386 -14.11 20.27 6.94
C LEU A 386 -12.63 20.52 7.17
N LEU A 387 -12.10 20.13 8.32
CA LEU A 387 -10.68 20.34 8.60
C LEU A 387 -9.71 19.68 7.63
N GLU A 388 -10.15 18.68 6.87
CA GLU A 388 -9.22 18.01 5.98
C GLU A 388 -9.23 18.51 4.54
N ILE A 389 -9.96 19.57 4.27
CA ILE A 389 -10.04 20.14 2.92
C ILE A 389 -8.73 20.67 2.38
N SER A 390 -8.48 20.37 1.11
CA SER A 390 -7.25 20.86 0.46
C SER A 390 -7.34 20.86 -1.05
N PRO A 391 -7.08 22.01 -1.69
CA PRO A 391 -7.08 22.24 -3.12
C PRO A 391 -5.85 21.63 -3.77
N TYR A 392 -4.92 21.12 -2.96
CA TYR A 392 -3.71 20.55 -3.50
C TYR A 392 -3.66 19.04 -3.39
N MET A 393 -4.68 18.42 -2.80
CA MET A 393 -4.58 16.97 -2.59
C MET A 393 -4.51 16.20 -3.90
N LEU A 394 -5.01 16.80 -4.98
CA LEU A 394 -4.95 16.16 -6.29
C LEU A 394 -3.52 15.90 -6.76
N LEU A 401 1.72 24.56 1.42
CA LEU A 401 1.83 25.22 2.71
C LEU A 401 0.53 25.04 3.46
N ARG A 402 0.59 25.01 4.78
CA ARG A 402 -0.63 24.85 5.55
C ARG A 402 -1.37 26.18 5.67
N PRO A 403 -2.70 26.17 5.66
CA PRO A 403 -3.59 27.31 5.71
C PRO A 403 -3.68 27.96 7.07
N ASN A 404 -3.90 29.27 7.04
CA ASN A 404 -4.08 30.05 8.25
C ASN A 404 -5.48 29.89 8.78
N ARG A 405 -5.74 28.79 9.47
CA ARG A 405 -7.07 28.50 9.94
C ARG A 405 -7.58 29.33 11.10
N MET A 406 -8.86 29.68 11.06
CA MET A 406 -9.53 30.40 12.14
C MET A 406 -10.85 29.69 12.48
N TYR A 407 -11.31 29.79 13.73
CA TYR A 407 -12.51 29.07 14.09
C TYR A 407 -13.53 29.97 14.78
N TRP A 408 -14.79 29.87 14.38
CA TRP A 408 -15.84 30.68 14.99
C TRP A 408 -16.75 29.93 15.87
N ARG A 409 -16.50 28.64 16.11
CA ARG A 409 -17.55 27.72 16.62
C ARG A 409 -18.64 27.42 15.57
N GLN A 410 -19.24 28.46 15.02
CA GLN A 410 -20.24 28.39 13.97
C GLN A 410 -19.64 28.59 12.57
N GLY A 411 -18.35 28.29 12.38
CA GLY A 411 -17.75 28.48 11.08
C GLY A 411 -16.23 28.29 11.07
N ILE A 412 -15.69 28.05 9.88
CA ILE A 412 -14.26 27.85 9.67
C ILE A 412 -13.71 28.70 8.56
N TYR A 413 -12.57 29.31 8.79
CA TYR A 413 -11.93 30.04 7.72
C TYR A 413 -10.62 29.42 7.37
N LEU A 414 -10.44 29.02 6.13
CA LEU A 414 -9.18 28.48 5.67
C LEU A 414 -8.55 29.53 4.79
N ASN A 415 -7.25 29.72 4.86
CA ASN A 415 -6.68 30.75 4.04
C ASN A 415 -5.95 30.25 2.82
N TRP A 416 -4.79 29.62 3.01
CA TRP A 416 -3.96 29.08 1.92
C TRP A 416 -3.29 30.19 1.11
N SER A 417 -4.08 30.93 0.36
CA SER A 417 -3.60 31.96 -0.54
C SER A 417 -4.73 32.78 -1.08
N PRO A 418 -4.53 34.06 -1.41
CA PRO A 418 -5.46 34.94 -2.08
C PRO A 418 -6.01 34.27 -3.32
N GLU A 419 -5.20 33.43 -3.94
CA GLU A 419 -5.60 32.63 -5.08
C GLU A 419 -6.74 31.66 -4.77
N ALA A 420 -6.69 31.01 -3.61
CA ALA A 420 -7.71 30.02 -3.27
C ALA A 420 -7.87 29.90 -1.77
N TYR A 421 -9.04 30.26 -1.26
CA TYR A 421 -9.34 30.26 0.17
C TYR A 421 -10.79 29.86 0.42
N CYS A 422 -11.17 29.63 1.65
CA CYS A 422 -12.53 29.17 1.88
C CYS A 422 -13.15 29.57 3.21
N LEU A 423 -14.34 30.15 3.15
CA LEU A 423 -15.04 30.53 4.37
C LEU A 423 -16.40 29.87 4.50
N VAL A 424 -16.59 29.11 5.56
CA VAL A 424 -17.88 28.47 5.80
C VAL A 424 -18.43 28.90 7.14
N GLY A 425 -19.63 29.44 7.18
CA GLY A 425 -20.15 29.83 8.49
C GLY A 425 -21.60 30.20 8.50
N SER A 426 -22.18 30.24 9.69
CA SER A 426 -23.59 30.54 9.90
C SER A 426 -23.93 32.01 9.85
N GLU A 427 -24.99 32.34 9.13
CA GLU A 427 -25.49 33.71 9.11
C GLU A 427 -27.01 33.72 9.14
N VAL A 428 -27.57 34.75 9.78
CA VAL A 428 -29.02 34.86 9.92
C VAL A 428 -29.52 36.24 9.50
N LEU A 429 -30.59 36.26 8.70
CA LEU A 429 -31.18 37.53 8.27
C LEU A 429 -32.51 37.83 8.96
N ASP A 430 -32.77 39.11 9.14
CA ASP A 430 -33.97 39.57 9.81
C ASP A 430 -35.21 39.17 9.05
N ASN A 431 -36.25 38.83 9.81
CA ASN A 431 -37.53 38.38 9.28
C ASN A 431 -37.44 37.01 8.61
N HIS A 432 -36.37 36.27 8.88
CA HIS A 432 -36.20 34.95 8.32
C HIS A 432 -35.73 33.97 9.37
N PRO A 433 -36.62 33.55 10.27
CA PRO A 433 -36.41 32.60 11.37
C PRO A 433 -35.39 31.50 11.04
N GLU A 434 -35.48 30.93 9.86
CA GLU A 434 -34.59 29.88 9.41
C GLU A 434 -33.12 30.29 9.47
N SER A 435 -32.30 29.45 10.07
CA SER A 435 -30.87 29.72 10.13
C SER A 435 -30.24 29.16 8.87
N PHE A 436 -28.98 29.52 8.59
CA PHE A 436 -28.39 28.99 7.36
C PHE A 436 -26.91 29.17 7.15
N LEU A 437 -26.38 28.30 6.30
CA LEU A 437 -24.97 28.27 5.98
C LEU A 437 -24.62 29.13 4.81
N LYS A 438 -23.42 29.67 4.83
CA LYS A 438 -22.91 30.40 3.69
C LYS A 438 -21.51 29.94 3.39
N ILE A 439 -21.28 29.52 2.15
CA ILE A 439 -19.99 29.05 1.70
C ILE A 439 -19.41 30.00 0.69
N THR A 440 -18.21 30.51 0.93
CA THR A 440 -17.60 31.41 -0.05
C THR A 440 -16.22 30.98 -0.52
N VAL A 441 -16.06 30.86 -1.83
CA VAL A 441 -14.78 30.54 -2.45
C VAL A 441 -14.55 31.50 -3.60
N PRO A 442 -13.32 31.75 -4.01
CA PRO A 442 -12.94 32.61 -5.10
C PRO A 442 -13.23 31.92 -6.40
N SER A 443 -13.61 32.67 -7.41
CA SER A 443 -13.95 32.05 -8.67
C SER A 443 -12.79 31.68 -9.57
N CYS A 444 -12.21 30.52 -9.32
CA CYS A 444 -11.16 29.96 -10.17
C CYS A 444 -11.13 28.47 -9.93
N ARG A 445 -10.34 27.73 -10.71
CA ARG A 445 -10.30 26.29 -10.59
C ARG A 445 -10.03 25.78 -9.19
N LYS A 446 -9.06 26.33 -8.49
CA LYS A 446 -8.82 25.84 -7.15
C LYS A 446 -9.97 26.17 -6.24
N GLY A 447 -10.61 27.29 -6.48
CA GLY A 447 -11.76 27.67 -5.68
C GLY A 447 -12.87 26.68 -5.89
N CYS A 448 -13.02 26.24 -7.12
CA CYS A 448 -14.02 25.25 -7.46
C CYS A 448 -13.79 23.96 -6.74
N ILE A 449 -12.55 23.50 -6.76
CA ILE A 449 -12.19 22.27 -6.08
C ILE A 449 -12.53 22.33 -4.61
N LEU A 450 -12.26 23.46 -3.97
CA LEU A 450 -12.60 23.62 -2.58
C LEU A 450 -14.10 23.54 -2.38
N LEU A 451 -14.85 24.22 -3.24
CA LEU A 451 -16.30 24.20 -3.13
C LEU A 451 -16.84 22.81 -3.23
N GLY A 452 -16.35 22.05 -4.19
CA GLY A 452 -16.80 20.69 -4.37
C GLY A 452 -16.58 19.87 -3.12
N GLN A 453 -15.41 20.00 -2.51
CA GLN A 453 -15.15 19.23 -1.30
C GLN A 453 -16.08 19.63 -0.17
N VAL A 454 -16.34 20.92 -0.01
CA VAL A 454 -17.22 21.37 1.06
C VAL A 454 -18.62 20.85 0.94
N VAL A 455 -19.21 20.97 -0.24
CA VAL A 455 -20.60 20.55 -0.38
C VAL A 455 -20.75 19.05 -0.37
N ASP A 456 -19.73 18.33 -0.78
CA ASP A 456 -19.77 16.89 -0.66
C ASP A 456 -19.76 16.47 0.79
N HIS A 457 -18.97 17.14 1.62
CA HIS A 457 -18.96 16.80 3.03
C HIS A 457 -20.26 17.14 3.71
N ILE A 458 -20.85 18.27 3.35
CA ILE A 458 -22.11 18.66 3.95
C ILE A 458 -23.21 17.69 3.62
N ASP A 459 -23.34 17.30 2.36
CA ASP A 459 -24.39 16.37 2.04
C ASP A 459 -24.16 14.99 2.63
N SER A 460 -22.91 14.54 2.67
CA SER A 460 -22.63 13.24 3.27
C SER A 460 -22.95 13.24 4.75
N LEU A 461 -22.61 14.34 5.42
CA LEU A 461 -22.89 14.51 6.83
C LEU A 461 -24.34 14.30 7.11
N MET A 462 -25.17 14.97 6.34
CA MET A 462 -26.59 14.88 6.56
C MET A 462 -27.15 13.51 6.25
N GLU A 463 -26.68 12.88 5.19
CA GLU A 463 -27.20 11.56 4.85
C GLU A 463 -26.95 10.56 5.96
N GLU A 464 -25.77 10.62 6.57
CA GLU A 464 -25.46 9.69 7.62
C GLU A 464 -26.04 10.05 8.97
N TRP A 465 -26.00 11.31 9.35
CA TRP A 465 -26.36 11.66 10.71
C TRP A 465 -27.65 12.41 10.89
N PHE A 466 -28.13 13.12 9.88
CA PHE A 466 -29.36 13.85 10.09
C PHE A 466 -30.40 13.65 8.99
N PRO A 467 -30.76 12.40 8.66
CA PRO A 467 -31.73 12.02 7.68
C PRO A 467 -33.04 12.49 8.23
N GLY A 468 -33.97 12.76 7.35
CA GLY A 468 -35.23 13.33 7.77
C GLY A 468 -35.26 14.72 7.20
N LEU A 469 -34.13 15.41 7.28
CA LEU A 469 -34.02 16.71 6.65
C LEU A 469 -34.00 16.51 5.15
N LEU A 470 -33.46 15.37 4.74
CA LEU A 470 -33.37 14.93 3.36
C LEU A 470 -34.53 14.02 2.95
N LEU A 481 -37.03 21.75 3.52
CA LEU A 481 -35.88 21.54 4.38
C LEU A 481 -34.61 21.48 3.56
N LEU A 482 -33.54 22.09 4.07
CA LEU A 482 -32.27 22.12 3.38
C LEU A 482 -32.37 22.77 2.03
N LYS A 483 -33.11 23.85 1.97
CA LYS A 483 -33.32 24.50 0.71
C LYS A 483 -31.99 25.03 0.21
N LYS A 484 -31.57 24.57 -0.96
CA LYS A 484 -30.27 24.99 -1.48
C LYS A 484 -30.39 26.14 -2.45
N TRP A 485 -29.80 27.27 -2.08
CA TRP A 485 -29.87 28.46 -2.90
C TRP A 485 -28.52 28.83 -3.46
N ALA A 486 -28.50 29.32 -4.68
CA ALA A 486 -27.27 29.83 -5.26
C ALA A 486 -27.45 31.32 -5.46
N LEU A 487 -26.39 32.10 -5.24
CA LEU A 487 -26.52 33.54 -5.43
C LEU A 487 -25.82 34.03 -6.66
N TYR A 488 -26.46 34.96 -7.37
CA TYR A 488 -25.85 35.49 -8.58
C TYR A 488 -26.31 36.88 -8.89
N SER A 489 -25.59 37.56 -9.77
CA SER A 489 -26.02 38.87 -10.22
C SER A 489 -25.57 39.07 -11.65
N PHE A 490 -26.25 39.92 -12.39
CA PHE A 490 -25.91 40.14 -13.79
C PHE A 490 -25.00 41.33 -13.99
N ASN A 491 -24.50 41.89 -12.90
CA ASN A 491 -23.65 43.06 -12.99
C ASN A 491 -23.01 43.36 -11.65
N ASP A 492 -21.68 43.48 -11.65
CA ASP A 492 -20.98 43.77 -10.43
C ASP A 492 -21.41 45.09 -9.85
N GLY A 493 -21.56 45.11 -8.54
CA GLY A 493 -22.01 46.30 -7.85
C GLY A 493 -23.50 46.26 -7.51
N GLU A 494 -24.21 45.26 -8.04
CA GLU A 494 -25.63 45.14 -7.74
C GLU A 494 -25.87 44.08 -6.68
N GLU A 495 -27.13 43.87 -6.34
CA GLU A 495 -27.49 42.90 -5.31
C GLU A 495 -27.62 41.50 -5.87
N HIS A 496 -27.45 40.50 -5.02
CA HIS A 496 -27.56 39.13 -5.46
C HIS A 496 -28.99 38.69 -5.54
N GLN A 497 -29.24 37.77 -6.44
CA GLN A 497 -30.53 37.16 -6.62
C GLN A 497 -30.44 35.71 -6.24
N LYS A 498 -31.53 35.16 -5.76
CA LYS A 498 -31.54 33.79 -5.32
C LYS A 498 -32.16 32.84 -6.32
N ILE A 499 -31.61 31.65 -6.44
CA ILE A 499 -32.21 30.62 -7.28
C ILE A 499 -31.97 29.24 -6.68
N LEU A 500 -32.98 28.38 -6.74
CA LEU A 500 -32.82 27.04 -6.20
C LEU A 500 -32.01 26.19 -7.12
N LEU A 501 -31.17 25.34 -6.56
CA LEU A 501 -30.32 24.52 -7.41
C LEU A 501 -31.12 23.61 -8.32
N ASP A 502 -32.29 23.18 -7.89
CA ASP A 502 -33.10 22.34 -8.74
C ASP A 502 -33.41 23.03 -10.06
N ASP A 503 -33.64 24.34 -10.01
CA ASP A 503 -33.92 25.06 -11.23
C ASP A 503 -32.66 25.22 -12.04
N LEU A 504 -31.52 25.39 -11.39
CA LEU A 504 -30.30 25.43 -12.16
C LEU A 504 -30.03 24.09 -12.80
N MET A 505 -30.42 23.00 -12.16
CA MET A 505 -30.26 21.70 -12.78
C MET A 505 -31.13 21.59 -14.01
N LYS A 506 -32.32 22.18 -13.96
CA LYS A 506 -33.21 22.21 -15.12
C LYS A 506 -32.53 22.95 -16.27
N LYS A 507 -31.79 24.00 -15.93
CA LYS A 507 -31.08 24.77 -16.93
C LYS A 507 -29.81 24.07 -17.39
N ALA A 508 -29.18 23.33 -16.49
CA ALA A 508 -27.97 22.58 -16.79
C ALA A 508 -28.26 21.54 -17.85
N GLU A 509 -29.45 20.96 -17.79
CA GLU A 509 -29.88 19.98 -18.77
C GLU A 509 -30.03 20.63 -20.13
N GLU A 510 -30.40 21.90 -20.16
CA GLU A 510 -30.49 22.64 -21.39
C GLU A 510 -29.08 22.99 -21.88
N GLY A 511 -28.19 23.30 -20.93
CA GLY A 511 -26.80 23.65 -21.23
C GLY A 511 -26.63 25.14 -21.53
N ASP A 512 -27.72 25.88 -21.36
CA ASP A 512 -27.79 27.28 -21.66
C ASP A 512 -27.13 28.17 -20.62
N LEU A 513 -27.02 29.44 -20.97
CA LEU A 513 -26.54 30.44 -20.05
C LEU A 513 -27.73 30.81 -19.21
N LEU A 514 -27.53 31.28 -18.01
CA LEU A 514 -28.67 31.73 -17.25
C LEU A 514 -29.09 33.02 -17.88
N VAL A 515 -30.31 33.10 -18.39
CA VAL A 515 -30.71 34.30 -19.12
C VAL A 515 -31.76 35.09 -18.38
N ASN A 516 -31.52 36.39 -18.24
CA ASN A 516 -32.48 37.25 -17.59
C ASN A 516 -33.73 37.32 -18.45
N PRO A 517 -34.86 36.77 -17.99
CA PRO A 517 -36.13 36.66 -18.68
C PRO A 517 -36.72 37.99 -19.11
N ASP A 518 -36.31 39.07 -18.46
CA ASP A 518 -36.80 40.39 -18.78
C ASP A 518 -35.85 41.11 -19.71
N GLN A 519 -34.57 40.80 -19.62
CA GLN A 519 -33.57 41.42 -20.47
C GLN A 519 -32.50 40.46 -20.96
N PRO A 520 -32.70 39.88 -22.16
CA PRO A 520 -31.86 38.91 -22.87
C PRO A 520 -30.40 39.33 -22.97
N ARG A 521 -30.13 40.62 -22.93
CA ARG A 521 -28.75 41.12 -22.98
C ARG A 521 -27.94 40.68 -21.76
N LEU A 522 -28.63 40.36 -20.66
CA LEU A 522 -28.00 39.96 -19.43
C LEU A 522 -27.98 38.46 -19.25
N THR A 523 -26.80 37.86 -19.39
CA THR A 523 -26.66 36.41 -19.23
C THR A 523 -25.48 36.02 -18.36
N ILE A 524 -25.55 34.85 -17.74
CA ILE A 524 -24.47 34.34 -16.90
C ILE A 524 -24.12 32.90 -17.25
N PRO A 525 -22.86 32.58 -17.48
CA PRO A 525 -22.39 31.24 -17.74
C PRO A 525 -22.53 30.43 -16.48
N ILE A 526 -23.52 29.54 -16.49
CA ILE A 526 -23.89 28.65 -15.39
C ILE A 526 -22.76 28.24 -14.48
N SER A 527 -21.63 27.84 -15.05
CA SER A 527 -20.49 27.40 -14.27
C SER A 527 -20.08 28.37 -13.17
N GLN A 528 -20.18 29.66 -13.41
CA GLN A 528 -19.80 30.63 -12.39
C GLN A 528 -20.71 30.58 -11.19
N ILE A 529 -21.97 30.25 -11.40
CA ILE A 529 -22.92 30.16 -10.33
C ILE A 529 -22.80 28.83 -9.64
N ALA A 530 -22.62 27.79 -10.43
CA ALA A 530 -22.62 26.47 -9.88
C ALA A 530 -21.73 25.51 -10.63
N PRO A 531 -20.42 25.62 -10.46
CA PRO A 531 -19.36 24.83 -11.05
C PRO A 531 -19.30 23.41 -10.49
N ASP A 532 -20.20 23.08 -9.58
CA ASP A 532 -20.32 21.73 -9.07
C ASP A 532 -21.49 21.00 -9.71
N LEU A 533 -22.34 21.71 -10.46
CA LEU A 533 -23.43 21.06 -11.17
C LEU A 533 -22.86 20.54 -12.45
N ILE A 534 -22.07 21.37 -13.09
CA ILE A 534 -21.26 20.95 -14.20
C ILE A 534 -19.98 20.45 -13.63
N LEU A 535 -19.57 19.25 -13.96
CA LEU A 535 -18.40 18.69 -13.31
C LEU A 535 -17.09 19.37 -13.67
N ALA A 536 -16.86 20.57 -13.13
CA ALA A 536 -15.67 21.34 -13.42
C ALA A 536 -14.54 21.06 -12.44
N ASP A 537 -14.77 20.22 -11.45
CA ASP A 537 -13.72 19.92 -10.48
C ASP A 537 -13.11 18.54 -10.68
N LEU A 538 -13.16 18.02 -11.90
CA LEU A 538 -12.56 16.74 -12.17
C LEU A 538 -11.10 16.92 -12.48
N PRO A 539 -10.29 15.92 -12.21
CA PRO A 539 -8.90 15.82 -12.60
C PRO A 539 -8.85 15.85 -14.11
N ARG A 540 -7.79 16.40 -14.68
CA ARG A 540 -7.69 16.51 -16.13
C ARG A 540 -7.75 15.16 -16.80
N ASN A 541 -7.23 14.16 -16.11
CA ASN A 541 -7.14 12.82 -16.62
C ASN A 541 -8.48 12.19 -16.90
N ILE A 542 -9.54 12.62 -16.22
CA ILE A 542 -10.83 12.00 -16.45
C ILE A 542 -11.84 12.94 -17.06
N MET A 543 -11.41 13.99 -17.74
CA MET A 543 -12.44 14.78 -18.37
C MET A 543 -12.82 14.09 -19.67
N LEU A 544 -14.12 13.99 -19.92
CA LEU A 544 -14.61 13.27 -21.08
C LEU A 544 -14.38 13.97 -22.38
N ASN A 545 -13.65 13.32 -23.28
CA ASN A 545 -13.44 13.87 -24.60
C ASN A 545 -14.54 13.40 -25.52
N ASN A 546 -15.46 14.29 -25.85
CA ASN A 546 -16.63 13.97 -26.66
C ASN A 546 -16.35 13.59 -28.11
N ASP A 547 -15.11 13.74 -28.56
CA ASP A 547 -14.77 13.33 -29.91
C ASP A 547 -14.24 11.91 -29.94
N GLU A 548 -14.07 11.30 -28.77
CA GLU A 548 -13.58 9.95 -28.69
C GLU A 548 -14.67 8.97 -28.33
N LEU A 549 -15.52 9.36 -27.40
CA LEU A 549 -16.59 8.47 -26.96
C LEU A 549 -17.60 8.21 -28.05
N GLU A 550 -17.78 6.95 -28.38
CA GLU A 550 -18.72 6.53 -29.41
C GLU A 550 -19.66 5.46 -28.91
N PHE A 551 -20.94 5.80 -28.83
CA PHE A 551 -21.94 4.89 -28.27
C PHE A 551 -23.30 5.19 -28.86
N GLU A 552 -24.21 4.22 -28.76
CA GLU A 552 -25.54 4.38 -29.35
C GLU A 552 -26.70 4.38 -28.37
N GLN A 553 -26.52 3.74 -27.22
CA GLN A 553 -27.60 3.50 -26.25
C GLN A 553 -28.70 2.63 -26.86
N ALA A 554 -28.31 1.74 -27.77
CA ALA A 554 -29.26 0.87 -28.42
C ALA A 554 -29.29 -0.46 -27.66
N PRO A 555 -30.42 -1.18 -27.67
CA PRO A 555 -30.71 -2.43 -26.97
C PRO A 555 -29.62 -3.48 -27.10
N GLU A 556 -29.05 -3.60 -28.29
CA GLU A 556 -28.01 -4.60 -28.52
C GLU A 556 -26.69 -4.31 -27.80
N PHE A 557 -26.55 -3.13 -27.23
CA PHE A 557 -25.34 -2.81 -26.51
C PHE A 557 -25.58 -2.85 -25.02
N LEU A 558 -26.81 -3.14 -24.61
CA LEU A 558 -27.10 -3.15 -23.20
C LEU A 558 -26.37 -4.29 -22.53
N LEU A 559 -25.53 -3.95 -21.58
CA LEU A 559 -24.78 -4.94 -20.85
C LEU A 559 -25.47 -5.31 -19.55
N GLY A 560 -26.23 -4.37 -19.00
CA GLY A 560 -26.98 -4.65 -17.77
C GLY A 560 -27.56 -3.37 -17.21
N ASP A 561 -28.23 -3.46 -16.07
CA ASP A 561 -28.81 -2.27 -15.46
C ASP A 561 -28.84 -2.34 -13.94
N GLY A 562 -29.53 -1.40 -13.32
CA GLY A 562 -29.67 -1.38 -11.87
C GLY A 562 -30.40 -0.13 -11.41
N SER A 563 -30.40 0.13 -10.11
CA SER A 563 -31.09 1.31 -9.58
C SER A 563 -30.45 2.61 -10.03
N PHE A 564 -29.17 2.54 -10.38
CA PHE A 564 -28.44 3.68 -10.89
C PHE A 564 -28.80 4.04 -12.33
N GLY A 565 -29.45 3.12 -13.05
CA GLY A 565 -29.76 3.35 -14.46
C GLY A 565 -29.37 2.17 -15.32
N SER A 566 -28.45 2.38 -16.26
CA SER A 566 -28.08 1.27 -17.14
C SER A 566 -26.66 1.32 -17.66
N VAL A 567 -26.18 0.18 -18.17
CA VAL A 567 -24.82 0.05 -18.68
C VAL A 567 -24.78 -0.39 -20.13
N TYR A 568 -24.06 0.33 -20.95
CA TYR A 568 -23.93 -0.04 -22.36
C TYR A 568 -22.49 -0.25 -22.79
N ARG A 569 -22.30 -1.07 -23.82
CA ARG A 569 -20.98 -1.28 -24.38
C ARG A 569 -20.68 -0.15 -25.35
N ALA A 570 -19.45 0.37 -25.30
CA ALA A 570 -19.09 1.51 -26.14
C ALA A 570 -17.62 1.52 -26.50
N ALA A 571 -17.24 2.46 -27.36
CA ALA A 571 -15.85 2.59 -27.73
C ALA A 571 -15.32 3.95 -27.26
N TYR A 572 -14.09 3.97 -26.78
CA TYR A 572 -13.48 5.22 -26.36
C TYR A 572 -12.02 5.16 -26.69
N GLU A 573 -11.55 6.07 -27.52
CA GLU A 573 -10.17 6.06 -27.96
C GLU A 573 -9.76 4.70 -28.54
N GLY A 574 -10.68 4.05 -29.24
CA GLY A 574 -10.41 2.76 -29.88
C GLY A 574 -10.51 1.55 -28.94
N GLU A 575 -10.89 1.74 -27.69
CA GLU A 575 -10.95 0.62 -26.77
C GLU A 575 -12.36 0.32 -26.30
N GLU A 576 -12.58 -0.93 -25.91
CA GLU A 576 -13.89 -1.35 -25.43
C GLU A 576 -14.11 -0.90 -23.99
N VAL A 577 -15.14 -0.10 -23.81
CA VAL A 577 -15.46 0.44 -22.49
C VAL A 577 -16.92 0.24 -22.16
N ALA A 578 -17.24 0.38 -20.89
CA ALA A 578 -18.60 0.26 -20.43
C ALA A 578 -19.07 1.61 -19.96
N VAL A 579 -20.30 1.99 -20.28
CA VAL A 579 -20.77 3.30 -19.90
C VAL A 579 -21.94 3.26 -18.96
N LYS A 580 -21.75 3.73 -17.72
CA LYS A 580 -22.86 3.78 -16.79
C LYS A 580 -23.63 5.05 -17.01
N ILE A 581 -24.93 4.93 -17.15
CA ILE A 581 -25.76 6.10 -17.38
C ILE A 581 -26.74 6.32 -16.26
N PHE A 582 -26.69 7.50 -15.65
CA PHE A 582 -27.59 7.81 -14.57
C PHE A 582 -28.91 8.35 -15.10
N ASN A 583 -29.69 7.43 -15.65
CA ASN A 583 -30.94 7.72 -16.33
C ASN A 583 -32.12 8.05 -15.43
N LYS A 584 -32.16 9.26 -14.93
CA LYS A 584 -33.27 9.77 -14.11
C LYS A 584 -33.45 9.00 -12.82
N HIS A 585 -32.42 8.97 -12.01
CA HIS A 585 -32.46 8.30 -10.73
C HIS A 585 -31.75 9.13 -9.70
N THR A 586 -32.36 10.22 -9.21
CA THR A 586 -31.68 11.13 -8.28
C THR A 586 -30.21 11.33 -8.63
N SER A 587 -30.00 11.68 -9.89
CA SER A 587 -28.69 11.84 -10.47
C SER A 587 -27.99 13.02 -9.87
N LEU A 588 -26.76 13.23 -10.30
CA LEU A 588 -25.88 14.26 -9.77
C LEU A 588 -25.38 13.88 -8.41
N ARG A 589 -26.28 13.72 -7.44
CA ARG A 589 -25.81 13.31 -6.14
C ARG A 589 -25.25 11.91 -6.20
N LEU A 590 -25.94 11.00 -6.90
CA LEU A 590 -25.35 9.68 -7.00
C LEU A 590 -24.09 9.71 -7.80
N LEU A 591 -24.08 10.52 -8.84
CA LEU A 591 -22.94 10.63 -9.71
C LEU A 591 -21.74 11.10 -8.95
N ARG A 592 -21.89 12.17 -8.18
CA ARG A 592 -20.76 12.68 -7.46
C ARG A 592 -20.29 11.74 -6.38
N GLN A 593 -21.20 10.99 -5.76
CA GLN A 593 -20.75 10.01 -4.76
C GLN A 593 -19.84 8.98 -5.39
N GLU A 594 -20.20 8.53 -6.59
CA GLU A 594 -19.38 7.55 -7.26
C GLU A 594 -18.04 8.13 -7.65
N LEU A 595 -18.02 9.40 -8.05
CA LEU A 595 -16.78 10.04 -8.43
C LEU A 595 -15.83 10.16 -7.27
N VAL A 596 -16.36 10.45 -6.10
CA VAL A 596 -15.52 10.54 -4.91
C VAL A 596 -14.87 9.24 -4.58
N VAL A 597 -15.63 8.15 -4.68
CA VAL A 597 -15.07 6.84 -4.40
C VAL A 597 -14.08 6.37 -5.42
N LEU A 598 -14.37 6.57 -6.70
CA LEU A 598 -13.50 6.08 -7.76
C LEU A 598 -12.15 6.78 -7.75
N CYS A 599 -12.15 8.07 -7.49
CA CYS A 599 -10.90 8.77 -7.42
C CYS A 599 -10.24 8.41 -6.12
N HIS A 600 -8.92 8.48 -6.08
CA HIS A 600 -8.14 8.12 -4.89
C HIS A 600 -7.97 6.61 -4.70
N LEU A 601 -8.57 5.79 -5.57
CA LEU A 601 -8.34 4.36 -5.53
C LEU A 601 -7.70 4.01 -6.84
N HIS A 602 -6.41 3.77 -6.83
CA HIS A 602 -5.69 3.57 -8.07
C HIS A 602 -4.82 2.34 -8.03
N HIS A 603 -5.44 1.18 -7.90
CA HIS A 603 -4.68 -0.06 -7.84
C HIS A 603 -4.91 -0.87 -9.12
N PRO A 604 -3.89 -1.57 -9.63
CA PRO A 604 -3.91 -2.42 -10.81
C PRO A 604 -4.98 -3.48 -10.79
N SER A 605 -5.36 -3.96 -9.61
CA SER A 605 -6.38 -4.99 -9.52
C SER A 605 -7.81 -4.46 -9.47
N LEU A 606 -8.00 -3.15 -9.56
CA LEU A 606 -9.35 -2.58 -9.54
C LEU A 606 -9.75 -2.03 -10.89
N ILE A 607 -11.05 -1.90 -11.12
CA ILE A 607 -11.55 -1.37 -12.39
C ILE A 607 -11.48 0.14 -12.37
N SER A 608 -10.67 0.73 -13.22
CA SER A 608 -10.52 2.18 -13.17
C SER A 608 -11.56 2.92 -13.99
N LEU A 609 -11.61 4.22 -13.77
CA LEU A 609 -12.50 5.12 -14.45
C LEU A 609 -11.79 5.76 -15.63
N LEU A 610 -12.41 5.68 -16.79
CA LEU A 610 -11.86 6.23 -18.02
C LEU A 610 -12.64 7.42 -18.50
N ALA A 611 -12.72 8.44 -17.66
CA ALA A 611 -13.41 9.71 -17.92
C ALA A 611 -14.89 9.70 -17.63
N ALA A 612 -15.34 10.81 -17.06
CA ALA A 612 -16.72 11.05 -16.67
C ALA A 612 -17.25 12.29 -17.37
N GLY A 613 -18.55 12.36 -17.61
CA GLY A 613 -19.09 13.53 -18.32
C GLY A 613 -20.52 13.87 -17.98
N ILE A 614 -20.71 15.08 -17.47
CA ILE A 614 -22.00 15.57 -17.02
C ILE A 614 -23.01 15.80 -18.12
N ARG A 615 -22.56 16.05 -19.34
CA ARG A 615 -23.48 16.35 -20.43
C ARG A 615 -24.60 15.31 -20.57
N PRO A 616 -24.30 14.02 -20.43
CA PRO A 616 -25.36 13.01 -20.40
C PRO A 616 -25.30 12.21 -19.10
N ARG A 617 -24.42 12.63 -18.17
CA ARG A 617 -24.24 12.00 -16.87
C ARG A 617 -23.74 10.57 -16.97
N MET A 618 -22.50 10.43 -17.40
CA MET A 618 -21.88 9.14 -17.61
C MET A 618 -20.58 8.88 -16.91
N LEU A 619 -20.37 7.60 -16.58
CA LEU A 619 -19.08 7.11 -16.15
C LEU A 619 -18.55 6.08 -17.12
N VAL A 620 -17.49 6.41 -17.84
CA VAL A 620 -16.91 5.48 -18.78
C VAL A 620 -15.87 4.65 -18.06
N MET A 621 -16.05 3.34 -17.99
CA MET A 621 -15.12 2.48 -17.25
C MET A 621 -14.56 1.35 -18.10
N GLU A 622 -13.48 0.73 -17.62
CA GLU A 622 -12.86 -0.37 -18.35
C GLU A 622 -13.80 -1.54 -18.56
N LEU A 623 -13.88 -2.09 -19.77
CA LEU A 623 -14.66 -3.32 -19.96
C LEU A 623 -13.79 -4.57 -20.03
N ALA A 624 -14.14 -5.58 -19.23
CA ALA A 624 -13.40 -6.84 -19.19
C ALA A 624 -13.48 -7.57 -20.52
N SER A 625 -12.37 -8.14 -20.93
CA SER A 625 -12.29 -8.84 -22.20
C SER A 625 -12.79 -10.27 -22.16
N LYS A 626 -12.45 -11.02 -21.11
CA LYS A 626 -12.81 -12.42 -21.05
C LYS A 626 -14.04 -12.70 -20.21
N GLY A 627 -14.57 -11.66 -19.56
CA GLY A 627 -15.76 -11.80 -18.76
C GLY A 627 -15.48 -12.27 -17.34
N SER A 628 -16.55 -12.55 -16.61
CA SER A 628 -16.49 -12.93 -15.21
C SER A 628 -16.07 -14.38 -14.98
N LEU A 629 -15.39 -14.57 -13.86
CA LEU A 629 -14.86 -15.85 -13.43
C LEU A 629 -15.88 -16.95 -13.38
N ASP A 630 -17.02 -16.70 -12.74
CA ASP A 630 -18.09 -17.69 -12.67
C ASP A 630 -18.32 -18.42 -14.00
N ARG A 631 -18.44 -17.67 -15.09
CA ARG A 631 -18.65 -18.26 -16.38
C ARG A 631 -17.50 -19.13 -16.77
N LEU A 632 -16.29 -18.64 -16.58
CA LEU A 632 -15.11 -19.44 -16.91
C LEU A 632 -15.09 -20.75 -16.15
N LEU A 633 -15.44 -20.70 -14.87
CA LEU A 633 -15.45 -21.90 -14.06
C LEU A 633 -16.41 -22.93 -14.63
N GLN A 634 -17.56 -22.49 -15.08
CA GLN A 634 -18.53 -23.41 -15.64
C GLN A 634 -18.36 -23.69 -17.12
N GLN A 635 -17.57 -22.89 -17.83
CA GLN A 635 -17.46 -23.09 -19.27
C GLN A 635 -16.12 -23.58 -19.82
N ASP A 636 -15.01 -23.36 -19.13
CA ASP A 636 -13.76 -23.86 -19.71
C ASP A 636 -12.64 -24.19 -18.75
N LYS A 637 -12.70 -25.41 -18.22
CA LYS A 637 -11.68 -25.93 -17.31
C LYS A 637 -10.33 -26.08 -17.97
N ALA A 638 -10.31 -26.23 -19.30
CA ALA A 638 -9.07 -26.35 -20.03
C ALA A 638 -8.22 -25.09 -19.90
N SER A 639 -8.87 -23.93 -19.80
CA SER A 639 -8.13 -22.70 -19.62
C SER A 639 -7.61 -22.61 -18.21
N LEU A 640 -8.38 -23.12 -17.26
CA LEU A 640 -8.01 -23.10 -15.85
C LEU A 640 -6.87 -24.03 -15.48
N THR A 641 -5.66 -23.67 -15.87
CA THR A 641 -4.50 -24.48 -15.52
C THR A 641 -4.04 -24.10 -14.15
N ARG A 642 -3.14 -24.89 -13.60
CA ARG A 642 -2.63 -24.64 -12.28
C ARG A 642 -1.93 -23.29 -12.19
N THR A 643 -1.23 -22.92 -13.27
CA THR A 643 -0.56 -21.64 -13.32
C THR A 643 -1.55 -20.49 -13.34
N LEU A 644 -2.58 -20.60 -14.17
CA LEU A 644 -3.56 -19.54 -14.26
C LEU A 644 -4.25 -19.35 -12.93
N GLN A 645 -4.63 -20.44 -12.30
CA GLN A 645 -5.33 -20.41 -11.03
C GLN A 645 -4.54 -19.65 -9.99
N HIS A 646 -3.24 -19.93 -9.90
CA HIS A 646 -2.44 -19.23 -8.94
C HIS A 646 -2.40 -17.74 -9.19
N ARG A 647 -2.23 -17.34 -10.44
CA ARG A 647 -2.14 -15.92 -10.72
C ARG A 647 -3.42 -15.19 -10.40
N ILE A 648 -4.57 -15.84 -10.63
CA ILE A 648 -5.83 -15.23 -10.28
C ILE A 648 -5.91 -14.98 -8.79
N ALA A 649 -5.47 -15.95 -7.99
CA ALA A 649 -5.49 -15.79 -6.55
C ALA A 649 -4.65 -14.60 -6.12
N LEU A 650 -3.50 -14.37 -6.76
CA LEU A 650 -2.68 -13.22 -6.39
C LEU A 650 -3.36 -11.92 -6.65
N HIS A 651 -3.98 -11.80 -7.81
CA HIS A 651 -4.56 -10.53 -8.19
C HIS A 651 -5.72 -10.15 -7.29
N VAL A 652 -6.52 -11.13 -6.91
CA VAL A 652 -7.61 -10.83 -6.01
C VAL A 652 -7.10 -10.42 -4.64
N ALA A 653 -6.09 -11.13 -4.15
CA ALA A 653 -5.54 -10.81 -2.84
C ALA A 653 -5.00 -9.40 -2.79
N ASP A 654 -4.34 -8.94 -3.84
CA ASP A 654 -3.89 -7.56 -3.85
C ASP A 654 -4.99 -6.57 -3.70
N GLY A 655 -6.08 -6.77 -4.42
CA GLY A 655 -7.19 -5.85 -4.33
C GLY A 655 -7.69 -5.77 -2.92
N LEU A 656 -7.82 -6.90 -2.26
CA LEU A 656 -8.30 -6.89 -0.90
C LEU A 656 -7.36 -6.20 0.04
N ARG A 657 -6.07 -6.38 -0.13
CA ARG A 657 -5.13 -5.74 0.75
C ARG A 657 -5.25 -4.24 0.61
N TYR A 658 -5.33 -3.79 -0.62
CA TYR A 658 -5.43 -2.37 -0.93
C TYR A 658 -6.67 -1.76 -0.33
N LEU A 659 -7.82 -2.35 -0.60
CA LEU A 659 -9.07 -1.80 -0.11
C LEU A 659 -9.13 -1.81 1.41
N HIS A 660 -8.55 -2.82 2.03
CA HIS A 660 -8.54 -2.85 3.48
C HIS A 660 -7.65 -1.75 4.04
N SER A 661 -6.53 -1.46 3.36
CA SER A 661 -5.68 -0.37 3.82
C SER A 661 -6.39 0.96 3.61
N ALA A 662 -7.33 0.99 2.68
CA ALA A 662 -8.14 2.17 2.40
C ALA A 662 -9.39 2.23 3.29
N MET A 663 -9.49 1.36 4.30
CA MET A 663 -10.63 1.31 5.21
C MET A 663 -11.97 1.00 4.54
N ILE A 664 -11.93 0.25 3.45
CA ILE A 664 -13.14 -0.12 2.73
C ILE A 664 -13.43 -1.61 2.83
N ILE A 665 -14.63 -1.95 3.28
CA ILE A 665 -14.99 -3.35 3.37
C ILE A 665 -15.75 -3.73 2.12
N TYR A 666 -15.29 -4.76 1.43
CA TYR A 666 -15.90 -5.11 0.15
C TYR A 666 -17.25 -5.79 0.34
N ARG A 667 -17.31 -6.77 1.23
CA ARG A 667 -18.54 -7.49 1.55
C ARG A 667 -19.20 -8.24 0.40
N ASP A 668 -18.46 -8.68 -0.61
CA ASP A 668 -19.13 -9.36 -1.70
C ASP A 668 -18.22 -10.21 -2.59
N LEU A 669 -17.33 -10.99 -1.99
CA LEU A 669 -16.42 -11.79 -2.80
C LEU A 669 -17.00 -13.07 -3.28
N LYS A 670 -17.46 -13.05 -4.50
CA LYS A 670 -17.95 -14.24 -5.15
C LYS A 670 -17.48 -14.21 -6.58
N PRO A 671 -17.41 -15.35 -7.28
CA PRO A 671 -16.96 -15.56 -8.66
C PRO A 671 -17.64 -14.62 -9.66
N HIS A 672 -18.81 -14.13 -9.31
CA HIS A 672 -19.56 -13.26 -10.16
C HIS A 672 -18.95 -11.85 -10.19
N ASN A 673 -18.09 -11.55 -9.23
CA ASN A 673 -17.44 -10.25 -9.11
C ASN A 673 -16.00 -10.22 -9.61
N VAL A 674 -15.48 -11.35 -10.09
CA VAL A 674 -14.09 -11.37 -10.52
C VAL A 674 -14.01 -11.28 -12.02
N LEU A 675 -13.34 -10.27 -12.53
CA LEU A 675 -13.28 -10.09 -13.97
C LEU A 675 -11.94 -10.47 -14.55
N LEU A 676 -11.96 -11.12 -15.70
CA LEU A 676 -10.74 -11.53 -16.36
C LEU A 676 -10.48 -10.73 -17.62
N PHE A 677 -9.24 -10.28 -17.79
CA PHE A 677 -8.83 -9.48 -18.91
C PHE A 677 -7.91 -10.17 -19.90
N THR A 678 -7.82 -11.49 -19.81
CA THR A 678 -6.96 -12.32 -20.65
C THR A 678 -6.66 -13.60 -19.96
N LEU A 679 -6.81 -14.69 -20.66
CA LEU A 679 -6.53 -15.97 -20.07
C LEU A 679 -5.06 -16.36 -20.20
N TYR A 680 -4.30 -15.57 -20.95
CA TYR A 680 -2.87 -15.83 -21.11
C TYR A 680 -2.16 -15.83 -19.75
N PRO A 681 -1.72 -16.98 -19.24
CA PRO A 681 -1.10 -17.20 -17.94
C PRO A 681 0.00 -16.24 -17.59
N ASN A 682 0.82 -15.86 -18.56
CA ASN A 682 1.91 -14.97 -18.25
C ASN A 682 1.65 -13.53 -18.65
N ALA A 683 0.62 -12.92 -18.08
CA ALA A 683 0.29 -11.54 -18.40
C ALA A 683 0.46 -10.69 -17.16
N ALA A 684 0.73 -9.40 -17.34
CA ALA A 684 0.92 -8.50 -16.21
C ALA A 684 -0.34 -8.35 -15.38
N ILE A 685 -1.49 -8.22 -16.04
CA ILE A 685 -2.75 -8.10 -15.33
C ILE A 685 -3.78 -9.07 -15.87
N ILE A 686 -4.33 -9.90 -14.99
CA ILE A 686 -5.29 -10.89 -15.40
C ILE A 686 -6.63 -10.70 -14.72
N ALA A 687 -6.64 -10.62 -13.40
CA ALA A 687 -7.93 -10.50 -12.74
C ALA A 687 -8.10 -9.17 -12.05
N LYS A 688 -9.34 -8.66 -12.05
CA LYS A 688 -9.66 -7.43 -11.34
C LYS A 688 -10.97 -7.56 -10.57
N ILE A 689 -11.11 -6.76 -9.51
CA ILE A 689 -12.32 -6.78 -8.70
C ILE A 689 -13.32 -5.71 -9.14
N ALA A 690 -14.53 -6.14 -9.47
CA ALA A 690 -15.56 -5.24 -9.97
C ALA A 690 -16.31 -4.46 -8.90
N ASP A 691 -16.74 -3.24 -9.27
CA ASP A 691 -17.59 -2.36 -8.45
C ASP A 691 -17.24 -2.25 -6.98
N TYR A 692 -15.97 -1.98 -6.70
CA TYR A 692 -15.48 -1.80 -5.35
C TYR A 692 -15.93 -0.49 -4.74
N GLY A 693 -15.89 -0.43 -3.41
CA GLY A 693 -16.32 0.76 -2.69
C GLY A 693 -17.39 0.41 -1.66
N PRO A 710 -25.02 -13.04 -0.08
CA PRO A 710 -26.00 -14.02 -0.58
C PRO A 710 -25.66 -15.31 0.17
N GLY A 711 -25.73 -16.43 -0.52
CA GLY A 711 -25.21 -17.63 0.15
C GLY A 711 -23.72 -17.75 -0.20
N PHE A 712 -22.86 -16.95 0.47
CA PHE A 712 -21.37 -16.81 0.35
C PHE A 712 -20.84 -16.02 1.54
N ARG A 713 -21.60 -15.86 2.63
CA ARG A 713 -21.42 -15.07 3.84
C ARG A 713 -20.58 -15.71 4.91
N ALA A 714 -19.83 -14.90 5.64
CA ALA A 714 -19.14 -15.37 6.82
C ALA A 714 -20.23 -15.76 7.80
N PRO A 715 -20.05 -16.91 8.66
CA PRO A 715 -21.00 -17.41 9.65
C PRO A 715 -21.20 -16.40 10.76
N GLU A 716 -20.21 -15.54 10.95
CA GLU A 716 -20.28 -14.49 11.94
C GLU A 716 -21.30 -13.44 11.53
N VAL A 717 -21.12 -12.88 10.34
CA VAL A 717 -22.03 -11.85 9.86
C VAL A 717 -23.34 -12.46 9.40
N ALA A 718 -23.33 -13.75 9.10
CA ALA A 718 -24.54 -14.47 8.73
C ALA A 718 -25.56 -14.48 9.86
N ARG A 719 -25.12 -14.21 11.10
CA ARG A 719 -26.02 -14.16 12.24
C ARG A 719 -26.96 -12.96 12.14
N GLY A 720 -26.53 -11.91 11.46
CA GLY A 720 -27.35 -10.72 11.30
C GLY A 720 -27.38 -9.86 12.56
N ASN A 721 -26.34 -9.97 13.39
CA ASN A 721 -26.32 -9.22 14.62
C ASN A 721 -24.94 -8.68 14.99
N VAL A 722 -24.04 -8.63 14.01
CA VAL A 722 -22.70 -8.10 14.20
C VAL A 722 -22.37 -7.09 13.10
N ILE A 723 -21.17 -6.54 13.15
CA ILE A 723 -20.71 -5.54 12.20
C ILE A 723 -19.61 -6.09 11.28
N TYR A 724 -19.69 -5.77 10.00
CA TYR A 724 -18.71 -6.21 9.03
C TYR A 724 -17.35 -5.58 9.24
N ASN A 725 -16.32 -6.36 8.97
CA ASN A 725 -14.96 -5.89 9.05
C ASN A 725 -14.08 -6.74 8.16
N GLN A 726 -12.81 -6.43 8.12
CA GLN A 726 -11.88 -7.14 7.25
C GLN A 726 -11.91 -8.65 7.41
N GLN A 727 -12.26 -9.15 8.57
CA GLN A 727 -12.22 -10.57 8.79
C GLN A 727 -13.35 -11.25 8.06
N ALA A 728 -14.43 -10.51 7.81
CA ALA A 728 -15.54 -11.04 7.04
C ALA A 728 -15.09 -11.21 5.61
N ASP A 729 -14.35 -10.22 5.11
CA ASP A 729 -13.83 -10.33 3.75
C ASP A 729 -12.83 -11.46 3.63
N VAL A 730 -11.99 -11.63 4.63
CA VAL A 730 -11.02 -12.72 4.59
C VAL A 730 -11.71 -14.05 4.49
N TYR A 731 -12.73 -14.25 5.30
CA TYR A 731 -13.46 -15.50 5.26
C TYR A 731 -14.04 -15.71 3.88
N SER A 732 -14.64 -14.66 3.32
CA SER A 732 -15.22 -14.74 2.00
C SER A 732 -14.16 -15.11 0.97
N PHE A 733 -12.96 -14.53 1.11
CA PHE A 733 -11.85 -14.84 0.22
C PHE A 733 -11.52 -16.31 0.26
N GLY A 734 -11.44 -16.85 1.46
CA GLY A 734 -11.13 -18.26 1.61
C GLY A 734 -12.10 -19.10 0.83
N LEU A 735 -13.38 -18.75 0.88
CA LEU A 735 -14.36 -19.50 0.12
C LEU A 735 -14.10 -19.38 -1.36
N LEU A 736 -13.70 -18.19 -1.82
CA LEU A 736 -13.35 -18.00 -3.22
C LEU A 736 -12.22 -18.92 -3.62
N LEU A 737 -11.20 -18.98 -2.78
CA LEU A 737 -10.06 -19.84 -3.04
C LEU A 737 -10.48 -21.29 -3.13
N TYR A 738 -11.36 -21.72 -2.23
CA TYR A 738 -11.91 -23.08 -2.24
C TYR A 738 -12.59 -23.31 -3.58
N ASP A 739 -13.34 -22.33 -4.04
CA ASP A 739 -14.04 -22.41 -5.31
C ASP A 739 -13.07 -22.49 -6.48
N ILE A 740 -11.94 -21.80 -6.37
CA ILE A 740 -10.92 -21.87 -7.41
C ILE A 740 -10.27 -23.23 -7.42
N LEU A 741 -9.94 -23.73 -6.24
CA LEU A 741 -9.29 -25.02 -6.09
C LEU A 741 -10.10 -26.10 -6.75
N THR A 742 -11.39 -26.15 -6.48
CA THR A 742 -12.23 -27.09 -7.16
C THR A 742 -12.83 -26.42 -8.34
N THR A 743 -12.19 -26.57 -9.50
CA THR A 743 -12.60 -25.86 -10.72
C THR A 743 -14.00 -26.19 -11.18
N GLY A 744 -14.56 -27.30 -10.72
CA GLY A 744 -15.92 -27.64 -11.05
C GLY A 744 -16.91 -26.69 -10.42
N GLY A 745 -16.51 -25.96 -9.38
CA GLY A 745 -17.41 -25.05 -8.72
C GLY A 745 -18.44 -25.89 -8.01
N ARG A 746 -17.99 -26.96 -7.39
CA ARG A 746 -18.90 -27.91 -6.81
C ARG A 746 -19.73 -27.32 -5.69
N ILE A 747 -19.16 -26.43 -4.90
CA ILE A 747 -19.99 -25.83 -3.87
C ILE A 747 -20.95 -24.85 -4.54
N VAL A 748 -20.53 -24.28 -5.67
CA VAL A 748 -21.35 -23.36 -6.44
C VAL A 748 -22.50 -24.12 -7.04
N GLU A 749 -22.26 -25.36 -7.43
CA GLU A 749 -23.33 -26.21 -7.91
C GLU A 749 -24.29 -26.51 -6.77
N GLY A 750 -23.74 -26.62 -5.55
CA GLY A 750 -24.53 -26.79 -4.34
C GLY A 750 -25.56 -25.68 -4.15
N LEU A 751 -25.25 -24.45 -4.62
CA LEU A 751 -26.18 -23.30 -4.60
C LEU A 751 -27.56 -23.62 -5.14
N LYS A 752 -27.63 -24.54 -6.10
CA LYS A 752 -28.89 -24.98 -6.71
C LYS A 752 -29.83 -25.61 -5.67
N PHE A 753 -29.29 -25.98 -4.52
CA PHE A 753 -30.03 -26.52 -3.40
C PHE A 753 -29.65 -25.66 -2.19
N PRO A 754 -30.04 -24.37 -2.22
CA PRO A 754 -29.68 -23.29 -1.31
C PRO A 754 -29.97 -23.57 0.16
N ASN A 755 -30.92 -24.46 0.42
CA ASN A 755 -31.28 -24.84 1.77
C ASN A 755 -30.14 -25.56 2.46
N GLU A 756 -29.31 -26.23 1.67
CA GLU A 756 -28.16 -26.92 2.20
C GLU A 756 -26.93 -26.05 2.08
N PHE A 757 -26.84 -25.33 0.96
CA PHE A 757 -25.70 -24.47 0.64
C PHE A 757 -25.41 -23.39 1.66
N ASP A 758 -26.42 -22.56 1.96
CA ASP A 758 -26.22 -21.48 2.92
C ASP A 758 -25.90 -22.03 4.29
N GLU A 759 -26.60 -23.10 4.68
CA GLU A 759 -26.38 -23.70 5.98
C GLU A 759 -25.03 -24.35 6.08
N LEU A 760 -24.58 -24.96 4.98
CA LEU A 760 -23.26 -25.58 4.93
C LEU A 760 -22.18 -24.59 5.28
N GLU A 761 -22.25 -23.41 4.66
CA GLU A 761 -21.26 -22.39 4.92
C GLU A 761 -21.35 -21.92 6.38
N ILE A 762 -22.57 -21.80 6.90
CA ILE A 762 -22.79 -21.46 8.31
C ILE A 762 -22.18 -22.51 9.23
N GLN A 763 -22.36 -23.78 8.91
CA GLN A 763 -21.80 -24.87 9.69
C GLN A 763 -20.29 -24.83 9.64
N GLY A 764 -19.74 -24.48 8.47
CA GLY A 764 -18.31 -24.41 8.27
C GLY A 764 -17.73 -25.80 8.02
N LYS A 765 -18.61 -26.78 7.87
CA LYS A 765 -18.21 -28.16 7.74
C LYS A 765 -18.05 -28.53 6.29
N LEU A 766 -17.03 -27.95 5.66
CA LEU A 766 -16.80 -28.23 4.26
C LEU A 766 -16.03 -29.52 4.12
N PRO A 767 -16.30 -30.29 3.08
CA PRO A 767 -15.69 -31.54 2.73
C PRO A 767 -14.31 -31.33 2.15
N ASP A 768 -13.49 -32.36 2.25
CA ASP A 768 -12.13 -32.33 1.74
C ASP A 768 -12.14 -32.15 0.24
N PRO A 769 -11.65 -31.02 -0.27
CA PRO A 769 -11.68 -30.63 -1.66
C PRO A 769 -11.02 -31.64 -2.60
N VAL A 770 -10.11 -32.44 -2.07
CA VAL A 770 -9.44 -33.44 -2.86
C VAL A 770 -10.26 -34.69 -2.92
N LYS A 771 -10.50 -35.27 -1.75
CA LYS A 771 -11.23 -36.51 -1.63
C LYS A 771 -12.65 -36.42 -2.14
N GLU A 772 -13.34 -35.36 -1.75
CA GLU A 772 -14.73 -35.19 -2.09
C GLU A 772 -14.98 -34.88 -3.55
N TYR A 773 -14.11 -34.12 -4.18
CA TYR A 773 -14.42 -33.74 -5.55
C TYR A 773 -13.51 -34.40 -6.57
N GLY A 774 -12.49 -35.12 -6.10
CA GLY A 774 -11.56 -35.78 -7.02
C GLY A 774 -10.61 -34.75 -7.61
N CYS A 775 -10.19 -33.81 -6.77
CA CYS A 775 -9.34 -32.72 -7.20
C CYS A 775 -7.87 -33.03 -6.96
N ALA A 776 -7.03 -32.85 -7.96
CA ALA A 776 -5.61 -33.14 -7.81
C ALA A 776 -5.05 -32.33 -6.63
N PRO A 777 -4.23 -32.94 -5.76
CA PRO A 777 -3.64 -32.39 -4.57
C PRO A 777 -2.94 -31.09 -4.81
N TRP A 778 -3.06 -30.20 -3.85
CA TRP A 778 -2.42 -28.92 -3.90
C TRP A 778 -2.18 -28.42 -2.50
N PRO A 779 -1.29 -29.08 -1.74
CA PRO A 779 -0.91 -28.77 -0.38
C PRO A 779 -0.46 -27.34 -0.36
N MET A 780 -0.26 -26.78 0.81
CA MET A 780 0.03 -25.35 0.98
C MET A 780 -1.29 -24.57 0.79
N VAL A 781 -1.88 -24.62 -0.41
CA VAL A 781 -3.18 -24.01 -0.63
C VAL A 781 -4.22 -24.68 0.20
N GLU A 782 -4.18 -26.00 0.26
CA GLU A 782 -5.15 -26.72 1.07
C GLU A 782 -5.10 -26.27 2.51
N LYS A 783 -3.90 -26.11 3.07
CA LYS A 783 -3.88 -25.68 4.46
C LYS A 783 -4.17 -24.21 4.57
N LEU A 784 -3.91 -23.44 3.51
CA LEU A 784 -4.25 -22.03 3.54
C LEU A 784 -5.73 -21.86 3.71
N ILE A 785 -6.50 -22.60 2.94
CA ILE A 785 -7.95 -22.54 3.05
C ILE A 785 -8.39 -22.91 4.44
N LYS A 786 -7.80 -23.96 5.01
CA LYS A 786 -8.17 -24.34 6.36
C LYS A 786 -7.83 -23.25 7.37
N GLN A 787 -6.69 -22.61 7.19
CA GLN A 787 -6.26 -21.54 8.07
C GLN A 787 -7.15 -20.33 7.92
N CYS A 788 -7.55 -20.06 6.70
CA CYS A 788 -8.40 -18.94 6.42
C CYS A 788 -9.78 -19.10 6.98
N LEU A 789 -10.42 -20.23 6.69
CA LEU A 789 -11.80 -20.42 7.10
C LEU A 789 -11.95 -20.94 8.52
N LYS A 790 -11.62 -20.10 9.49
CA LYS A 790 -11.80 -20.44 10.89
C LYS A 790 -13.05 -19.77 11.38
N GLU A 791 -13.64 -20.34 12.43
CA GLU A 791 -14.86 -19.80 12.98
C GLU A 791 -14.65 -18.48 13.70
N ASN A 792 -13.57 -18.38 14.45
CA ASN A 792 -13.24 -17.20 15.24
C ASN A 792 -12.52 -16.11 14.44
N PRO A 793 -13.15 -14.95 14.22
CA PRO A 793 -12.66 -13.77 13.52
C PRO A 793 -11.27 -13.34 13.96
N GLN A 794 -10.93 -13.56 15.21
CA GLN A 794 -9.63 -13.13 15.68
C GLN A 794 -8.55 -14.14 15.35
N GLU A 795 -8.96 -15.35 14.99
CA GLU A 795 -8.04 -16.39 14.60
C GLU A 795 -7.75 -16.34 13.12
N ARG A 796 -8.66 -15.77 12.35
CA ARG A 796 -8.45 -15.72 10.91
C ARG A 796 -7.32 -14.73 10.54
N PRO A 797 -6.50 -15.06 9.55
CA PRO A 797 -5.37 -14.30 8.99
C PRO A 797 -5.79 -12.95 8.47
N THR A 798 -4.89 -11.98 8.49
CA THR A 798 -5.23 -10.69 7.92
C THR A 798 -5.03 -10.79 6.44
N SER A 799 -5.64 -9.88 5.69
CA SER A 799 -5.53 -9.91 4.25
C SER A 799 -4.12 -9.63 3.76
N ALA A 800 -3.36 -8.89 4.54
CA ALA A 800 -1.98 -8.64 4.19
C ALA A 800 -1.21 -9.95 4.24
N GLN A 801 -1.45 -10.73 5.30
CA GLN A 801 -0.80 -12.02 5.47
C GLN A 801 -1.21 -12.99 4.41
N VAL A 802 -2.48 -12.96 4.03
CA VAL A 802 -2.95 -13.86 2.98
C VAL A 802 -2.16 -13.64 1.72
N PHE A 803 -1.96 -12.38 1.36
CA PHE A 803 -1.17 -12.10 0.18
C PHE A 803 0.23 -12.61 0.30
N ASP A 804 0.88 -12.34 1.43
CA ASP A 804 2.24 -12.79 1.62
C ASP A 804 2.36 -14.29 1.43
N ILE A 805 1.39 -15.03 1.90
CA ILE A 805 1.38 -16.46 1.73
C ILE A 805 1.25 -16.83 0.27
N LEU A 806 0.37 -16.15 -0.44
CA LEU A 806 0.19 -16.42 -1.86
C LEU A 806 1.42 -16.07 -2.68
N ASN A 807 2.18 -15.09 -2.22
CA ASN A 807 3.41 -14.68 -2.88
C ASN A 807 4.53 -15.68 -2.58
N SER A 808 4.51 -16.82 -3.26
CA SER A 808 5.49 -17.88 -3.02
C SER A 808 5.66 -18.87 -4.14
N ALA A 809 6.90 -19.07 -4.57
CA ALA A 809 7.19 -20.04 -5.60
C ALA A 809 6.94 -21.45 -5.07
N GLU A 810 7.23 -21.65 -3.79
CA GLU A 810 7.04 -22.94 -3.15
C GLU A 810 5.58 -23.33 -3.18
N LEU A 811 4.73 -22.34 -2.95
CA LEU A 811 3.28 -22.53 -3.01
C LEU A 811 2.87 -23.11 -4.34
N VAL A 812 3.42 -22.55 -5.39
CA VAL A 812 3.11 -22.98 -6.73
C VAL A 812 3.66 -24.35 -7.09
N CYS A 813 4.93 -24.59 -6.77
CA CYS A 813 5.59 -25.81 -7.22
C CYS A 813 5.52 -27.01 -6.30
N LEU A 814 5.16 -26.85 -5.04
CA LEU A 814 5.00 -28.04 -4.23
C LEU A 814 3.78 -28.76 -4.70
N THR A 815 3.90 -30.04 -5.02
CA THR A 815 2.73 -30.73 -5.52
C THR A 815 2.19 -31.72 -4.54
N ARG A 816 3.05 -32.47 -3.90
CA ARG A 816 2.55 -33.47 -2.96
C ARG A 816 3.44 -33.66 -1.76
N ARG A 817 2.86 -34.10 -0.67
CA ARG A 817 3.63 -34.40 0.53
C ARG A 817 3.06 -35.60 1.23
N ILE A 818 3.85 -36.65 1.32
CA ILE A 818 3.39 -37.88 1.94
C ILE A 818 4.14 -38.18 3.20
N LEU A 819 3.45 -38.26 4.31
CA LEU A 819 4.13 -38.58 5.55
C LEU A 819 4.27 -40.08 5.66
N LEU A 820 5.39 -40.52 6.20
CA LEU A 820 5.59 -41.94 6.41
C LEU A 820 5.17 -42.28 7.82
N PRO A 821 4.87 -43.55 8.12
CA PRO A 821 4.47 -44.05 9.42
C PRO A 821 5.53 -43.70 10.44
N LYS A 822 5.10 -43.42 11.65
CA LYS A 822 6.01 -43.00 12.71
C LYS A 822 7.07 -44.05 12.99
N ASN A 823 8.31 -43.59 13.17
CA ASN A 823 9.46 -44.44 13.41
C ASN A 823 9.80 -45.31 12.23
N VAL A 824 9.71 -44.74 11.04
CA VAL A 824 10.15 -45.42 9.83
C VAL A 824 11.24 -44.59 9.19
N ILE A 825 12.39 -45.21 9.01
CA ILE A 825 13.53 -44.56 8.44
C ILE A 825 13.96 -45.23 7.17
N VAL A 826 13.86 -44.49 6.08
CA VAL A 826 14.20 -44.98 4.76
C VAL A 826 15.54 -44.44 4.33
N GLU A 827 16.46 -45.33 4.02
CA GLU A 827 17.80 -44.92 3.63
C GLU A 827 18.08 -44.95 2.13
N CYS A 828 17.11 -45.37 1.33
CA CYS A 828 17.30 -45.40 -0.12
C CYS A 828 15.98 -45.50 -0.88
N MET A 829 15.97 -45.04 -2.13
CA MET A 829 14.74 -44.95 -2.91
C MET A 829 14.90 -45.40 -4.36
N VAL A 830 13.96 -46.16 -4.88
CA VAL A 830 13.94 -46.48 -6.30
C VAL A 830 12.57 -46.27 -6.91
N ALA A 831 12.42 -45.24 -7.70
CA ALA A 831 11.14 -45.01 -8.34
C ALA A 831 11.05 -45.87 -9.58
N THR A 832 9.86 -46.38 -9.89
CA THR A 832 9.72 -47.18 -11.10
C THR A 832 9.43 -46.30 -12.29
N HIS A 833 10.34 -46.30 -13.25
CA HIS A 833 10.19 -45.47 -14.43
C HIS A 833 9.22 -46.07 -15.41
N HIS A 834 7.95 -45.78 -15.21
CA HIS A 834 6.94 -46.32 -16.09
C HIS A 834 5.66 -45.46 -15.93
N ALA A 839 3.07 -46.06 -10.85
CA ALA A 839 3.51 -44.86 -10.13
C ALA A 839 3.77 -45.17 -8.67
N SER A 840 4.89 -45.83 -8.41
CA SER A 840 5.23 -46.26 -7.06
C SER A 840 6.73 -46.24 -6.82
N ILE A 841 7.10 -46.27 -5.53
CA ILE A 841 8.49 -46.18 -5.12
C ILE A 841 8.91 -47.27 -4.16
N TRP A 842 10.02 -47.93 -4.45
CA TRP A 842 10.57 -48.91 -3.53
C TRP A 842 11.40 -48.21 -2.49
N LEU A 843 11.17 -48.54 -1.23
CA LEU A 843 11.88 -47.87 -0.17
C LEU A 843 12.70 -48.83 0.66
N GLY A 844 13.89 -48.41 1.07
CA GLY A 844 14.68 -49.26 1.96
C GLY A 844 14.26 -48.97 3.39
N CYS A 845 14.97 -49.51 4.35
CA CYS A 845 14.63 -49.21 5.74
C CYS A 845 15.81 -49.34 6.67
N GLY A 846 16.31 -48.22 7.13
CA GLY A 846 17.44 -48.20 8.05
C GLY A 846 17.02 -48.04 9.51
N HIS A 847 15.71 -47.99 9.76
CA HIS A 847 15.23 -47.89 11.13
C HIS A 847 15.60 -49.11 11.95
N THR A 848 15.32 -50.29 11.43
CA THR A 848 15.64 -51.50 12.16
C THR A 848 17.01 -51.96 11.73
N ASP A 849 17.46 -53.04 12.30
CA ASP A 849 18.73 -53.63 11.92
C ASP A 849 18.50 -54.87 11.08
N ARG A 850 17.34 -54.96 10.46
CA ARG A 850 17.00 -56.11 9.63
C ARG A 850 16.66 -55.68 8.22
N GLY A 851 17.05 -56.50 7.25
CA GLY A 851 16.74 -56.24 5.85
C GLY A 851 15.24 -56.12 5.60
N GLN A 852 14.70 -54.91 5.75
CA GLN A 852 13.29 -54.68 5.55
C GLN A 852 13.03 -53.79 4.35
N LEU A 853 12.18 -54.26 3.45
CA LEU A 853 11.87 -53.56 2.20
C LEU A 853 10.44 -53.03 2.20
N SER A 854 10.29 -51.73 1.98
CA SER A 854 8.97 -51.11 2.01
C SER A 854 8.53 -50.68 0.64
N PHE A 855 7.26 -50.34 0.51
CA PHE A 855 6.74 -49.96 -0.79
C PHE A 855 5.61 -48.94 -0.71
N LEU A 856 5.78 -47.86 -1.46
CA LEU A 856 4.86 -46.73 -1.48
C LEU A 856 4.11 -46.61 -2.80
N ASP A 857 2.79 -46.56 -2.71
CA ASP A 857 1.93 -46.37 -3.89
C ASP A 857 1.49 -44.93 -4.02
N LEU A 858 2.08 -44.20 -4.96
CA LEU A 858 1.76 -42.79 -5.11
C LEU A 858 0.32 -42.54 -5.58
N ASN A 859 -0.30 -43.54 -6.18
CA ASN A 859 -1.66 -43.37 -6.66
C ASN A 859 -2.68 -43.32 -5.54
N THR A 860 -2.38 -43.98 -4.43
CA THR A 860 -3.33 -44.08 -3.33
C THR A 860 -2.68 -43.70 -2.01
N GLU A 861 -1.38 -43.39 -2.05
CA GLU A 861 -0.60 -43.12 -0.86
C GLU A 861 -0.66 -44.34 0.04
N GLY A 862 -0.59 -45.51 -0.58
CA GLY A 862 -0.65 -46.77 0.13
C GLY A 862 0.73 -47.13 0.63
N TYR A 863 0.81 -47.94 1.66
CA TYR A 863 2.10 -48.28 2.19
C TYR A 863 2.15 -49.65 2.81
N THR A 864 3.15 -50.41 2.41
CA THR A 864 3.36 -51.72 2.97
C THR A 864 4.82 -51.94 3.23
N SER A 865 5.15 -53.09 3.79
CA SER A 865 6.53 -53.37 4.13
C SER A 865 6.72 -54.80 4.59
N GLU A 866 7.84 -55.41 4.21
CA GLU A 866 8.12 -56.78 4.62
C GLU A 866 9.61 -57.02 4.78
N GLU A 867 9.97 -57.96 5.63
CA GLU A 867 11.37 -58.28 5.81
C GLU A 867 11.79 -59.22 4.71
N VAL A 868 12.85 -58.87 4.01
CA VAL A 868 13.30 -59.67 2.88
C VAL A 868 14.72 -60.19 3.03
N ALA A 869 15.47 -59.66 3.98
CA ALA A 869 16.85 -60.09 4.14
C ALA A 869 17.29 -59.99 5.58
N ASP A 870 18.45 -60.55 5.86
CA ASP A 870 18.98 -60.52 7.21
C ASP A 870 19.54 -59.17 7.58
N SER A 871 20.66 -58.80 6.98
CA SER A 871 21.27 -57.52 7.31
C SER A 871 20.59 -56.36 6.62
N ARG A 872 20.80 -55.17 7.17
CA ARG A 872 20.18 -53.94 6.68
C ARG A 872 20.46 -53.64 5.22
N ILE A 873 19.41 -53.30 4.49
CA ILE A 873 19.51 -52.96 3.08
C ILE A 873 20.17 -51.63 2.90
N LEU A 874 21.20 -51.59 2.09
CA LEU A 874 21.91 -50.35 1.89
C LEU A 874 21.58 -49.70 0.56
N CYS A 875 21.51 -50.50 -0.51
CA CYS A 875 21.24 -49.93 -1.82
C CYS A 875 20.25 -50.71 -2.64
N LEU A 876 19.38 -50.00 -3.33
CA LEU A 876 18.44 -50.64 -4.22
C LEU A 876 18.71 -50.23 -5.65
N ALA A 877 18.45 -51.13 -6.60
CA ALA A 877 18.58 -50.76 -8.00
C ALA A 877 17.55 -51.48 -8.85
N LEU A 878 17.06 -50.79 -9.87
CA LEU A 878 16.07 -51.39 -10.76
C LEU A 878 16.67 -51.94 -12.02
N VAL A 879 16.51 -53.23 -12.22
CA VAL A 879 16.94 -53.87 -13.45
C VAL A 879 15.77 -53.98 -14.36
N HIS A 880 15.84 -53.32 -15.48
CA HIS A 880 14.73 -53.31 -16.41
C HIS A 880 15.09 -54.02 -17.68
N LEU A 881 14.36 -55.09 -17.97
CA LEU A 881 14.59 -55.87 -19.17
C LEU A 881 13.35 -55.90 -20.06
N PRO A 882 13.00 -54.78 -20.70
CA PRO A 882 11.83 -54.59 -21.57
C PRO A 882 11.85 -55.57 -22.74
N VAL A 883 13.03 -56.04 -23.09
CA VAL A 883 13.21 -57.02 -24.14
C VAL A 883 12.67 -58.37 -23.69
N GLU A 884 12.91 -58.68 -22.42
CA GLU A 884 12.46 -59.93 -21.84
C GLU A 884 11.11 -59.75 -21.15
N LYS A 885 10.63 -58.50 -21.10
CA LYS A 885 9.33 -58.15 -20.51
C LYS A 885 9.31 -58.37 -19.02
N GLU A 886 10.41 -58.03 -18.35
CA GLU A 886 10.49 -58.23 -16.91
C GLU A 886 11.42 -57.24 -16.25
N SER A 887 11.29 -57.11 -14.94
CA SER A 887 12.17 -56.23 -14.18
C SER A 887 12.36 -56.73 -12.76
N TRP A 888 13.50 -56.39 -12.17
CA TRP A 888 13.89 -56.89 -10.86
C TRP A 888 14.44 -55.80 -9.95
N ILE A 889 14.25 -55.96 -8.66
CA ILE A 889 14.84 -55.05 -7.69
C ILE A 889 16.04 -55.70 -7.09
N VAL A 890 17.18 -55.05 -7.20
CA VAL A 890 18.40 -55.57 -6.65
C VAL A 890 18.67 -54.90 -5.34
N SER A 891 18.72 -55.68 -4.28
CA SER A 891 18.96 -55.16 -2.97
C SER A 891 20.33 -55.50 -2.44
N GLY A 892 21.21 -54.51 -2.38
CA GLY A 892 22.51 -54.69 -1.82
C GLY A 892 22.42 -54.44 -0.33
N THR A 893 23.09 -55.26 0.47
CA THR A 893 23.01 -55.09 1.91
C THR A 893 24.34 -55.17 2.63
N GLN A 894 24.30 -54.99 3.96
CA GLN A 894 25.52 -54.99 4.78
C GLN A 894 26.28 -56.31 4.73
N SER A 895 25.57 -57.41 4.61
CA SER A 895 26.20 -58.71 4.51
C SER A 895 27.01 -58.89 3.25
N GLY A 896 26.79 -58.05 2.25
CA GLY A 896 27.49 -58.19 0.99
C GLY A 896 26.66 -58.99 0.00
N THR A 897 25.50 -59.47 0.40
CA THR A 897 24.69 -60.21 -0.55
C THR A 897 23.85 -59.30 -1.42
N LEU A 898 23.40 -59.88 -2.53
CA LEU A 898 22.55 -59.20 -3.50
C LEU A 898 21.24 -59.96 -3.66
N LEU A 899 20.18 -59.43 -3.07
CA LEU A 899 18.90 -60.08 -3.18
C LEU A 899 18.15 -59.50 -4.35
N VAL A 900 17.78 -60.33 -5.30
CA VAL A 900 17.17 -59.85 -6.52
C VAL A 900 15.72 -60.35 -6.59
N ILE A 901 14.76 -59.42 -6.64
CA ILE A 901 13.35 -59.78 -6.59
C ILE A 901 12.54 -59.29 -7.79
N ASN A 902 11.80 -60.20 -8.40
CA ASN A 902 11.03 -59.83 -9.59
C ASN A 902 9.90 -58.88 -9.21
N THR A 903 9.82 -57.75 -9.88
CA THR A 903 8.79 -56.76 -9.60
C THR A 903 7.39 -57.24 -9.97
N GLU A 904 7.31 -58.21 -10.88
CA GLU A 904 6.04 -58.77 -11.31
C GLU A 904 5.64 -59.99 -10.48
N ASP A 905 6.54 -60.48 -9.63
CA ASP A 905 6.25 -61.67 -8.85
C ASP A 905 7.07 -61.71 -7.59
N GLY A 906 6.46 -61.37 -6.47
CA GLY A 906 7.12 -61.36 -5.17
C GLY A 906 7.73 -62.71 -4.77
N LYS A 907 7.22 -63.81 -5.33
CA LYS A 907 7.75 -65.13 -5.01
C LYS A 907 9.11 -65.37 -5.67
N LYS A 908 9.40 -64.65 -6.75
CA LYS A 908 10.66 -64.83 -7.44
C LYS A 908 11.76 -64.05 -6.78
N ARG A 909 12.35 -64.65 -5.75
CA ARG A 909 13.44 -64.04 -5.03
C ARG A 909 14.69 -64.91 -5.17
N HIS A 910 15.83 -64.31 -5.44
CA HIS A 910 17.05 -65.11 -5.49
C HIS A 910 18.27 -64.28 -5.12
N THR A 911 19.37 -64.95 -4.82
CA THR A 911 20.57 -64.24 -4.39
C THR A 911 21.73 -64.49 -5.35
N LEU A 912 22.45 -63.42 -5.69
CA LEU A 912 23.59 -63.51 -6.60
C LEU A 912 24.85 -63.82 -5.81
N GLU A 913 25.95 -64.06 -6.52
CA GLU A 913 27.21 -64.34 -5.84
C GLU A 913 27.49 -63.29 -4.77
N LYS A 914 27.70 -63.76 -3.55
CA LYS A 914 27.96 -62.89 -2.42
C LYS A 914 29.27 -62.13 -2.57
N MET A 915 29.24 -60.85 -2.23
CA MET A 915 30.41 -60.00 -2.31
C MET A 915 31.31 -60.22 -1.09
N THR A 916 32.58 -59.86 -1.21
CA THR A 916 33.54 -60.04 -0.13
C THR A 916 33.42 -58.99 0.96
N ASP A 917 32.61 -57.96 0.71
CA ASP A 917 32.36 -56.93 1.70
C ASP A 917 30.99 -56.36 1.42
N SER A 918 30.54 -55.40 2.23
CA SER A 918 29.21 -54.86 2.09
C SER A 918 29.05 -54.09 0.81
N VAL A 919 27.81 -53.95 0.37
CA VAL A 919 27.54 -53.21 -0.84
C VAL A 919 27.29 -51.77 -0.51
N THR A 920 28.05 -50.89 -1.11
CA THR A 920 27.93 -49.46 -0.83
C THR A 920 27.18 -48.71 -1.89
N CYS A 921 27.17 -49.19 -3.12
CA CYS A 921 26.36 -48.52 -4.13
C CYS A 921 26.08 -49.39 -5.33
N LEU A 922 24.97 -49.12 -5.98
CA LEU A 922 24.59 -49.87 -7.16
C LEU A 922 24.28 -48.94 -8.32
N TYR A 923 24.50 -49.42 -9.52
CA TYR A 923 24.17 -48.65 -10.69
C TYR A 923 23.93 -49.53 -11.88
N CYS A 924 22.88 -49.25 -12.64
CA CYS A 924 22.62 -50.08 -13.79
C CYS A 924 21.82 -49.39 -14.86
N ASN A 935 23.48 -53.14 -20.68
CA ASN A 935 23.50 -52.49 -19.38
C ASN A 935 24.26 -53.40 -18.46
N PHE A 936 24.91 -52.85 -17.48
CA PHE A 936 25.62 -53.71 -16.57
C PHE A 936 25.28 -53.34 -15.16
N LEU A 937 25.14 -54.34 -14.32
CA LEU A 937 24.85 -54.06 -12.94
C LEU A 937 26.16 -53.87 -12.24
N LEU A 938 26.38 -52.67 -11.78
CA LEU A 938 27.63 -52.36 -11.17
C LEU A 938 27.45 -52.40 -9.70
N VAL A 939 28.36 -53.09 -9.03
CA VAL A 939 28.27 -53.21 -7.60
C VAL A 939 29.49 -52.63 -6.96
N GLY A 940 29.32 -51.55 -6.26
CA GLY A 940 30.44 -50.95 -5.59
C GLY A 940 30.44 -51.41 -4.16
N THR A 941 31.52 -52.04 -3.73
CA THR A 941 31.60 -52.54 -2.39
C THR A 941 32.55 -51.74 -1.49
N ALA A 942 32.45 -52.00 -0.20
CA ALA A 942 33.19 -51.27 0.83
C ALA A 942 34.69 -51.47 0.76
N ASP A 943 35.15 -52.52 0.12
CA ASP A 943 36.59 -52.74 0.01
C ASP A 943 37.17 -52.11 -1.26
N GLY A 944 36.43 -51.23 -1.93
CA GLY A 944 36.95 -50.55 -3.10
C GLY A 944 36.86 -51.40 -4.36
N LYS A 945 36.17 -52.53 -4.27
CA LYS A 945 36.03 -53.44 -5.39
C LYS A 945 34.77 -53.14 -6.21
N LEU A 946 34.92 -53.19 -7.54
CA LEU A 946 33.81 -52.96 -8.46
C LEU A 946 33.46 -54.19 -9.26
N ALA A 947 32.28 -54.74 -9.02
CA ALA A 947 31.88 -55.91 -9.78
C ALA A 947 30.97 -55.50 -10.91
N ILE A 948 31.20 -56.06 -12.08
CA ILE A 948 30.40 -55.77 -13.26
C ILE A 948 29.65 -57.00 -13.71
N PHE A 949 28.32 -56.96 -13.64
CA PHE A 949 27.49 -58.07 -14.06
C PHE A 949 26.83 -57.82 -15.40
N GLU A 950 26.79 -58.84 -16.24
CA GLU A 950 26.13 -58.76 -17.53
C GLU A 950 24.64 -58.50 -17.36
N ASP A 951 24.11 -57.71 -18.28
CA ASP A 951 22.73 -57.21 -18.29
C ASP A 951 21.66 -58.26 -17.93
N LYS A 952 21.55 -59.32 -18.71
CA LYS A 952 20.52 -60.32 -18.44
C LYS A 952 20.91 -61.37 -17.41
N THR A 953 22.20 -61.74 -17.38
CA THR A 953 22.75 -62.73 -16.45
C THR A 953 22.24 -62.68 -15.01
N VAL A 954 22.00 -61.48 -14.49
CA VAL A 954 21.57 -61.30 -13.09
C VAL A 954 20.26 -62.01 -12.73
N LYS A 955 19.50 -62.43 -13.74
CA LYS A 955 18.29 -63.20 -13.55
C LYS A 955 18.54 -64.54 -12.86
N LEU A 956 19.72 -65.10 -13.04
CA LEU A 956 20.03 -66.41 -12.50
C LEU A 956 20.57 -66.37 -11.07
N LYS A 957 20.14 -67.33 -10.26
CA LYS A 957 20.58 -67.41 -8.87
C LYS A 957 22.01 -67.86 -8.77
N GLY A 958 22.80 -67.12 -7.97
CA GLY A 958 24.19 -67.45 -7.77
C GLY A 958 25.06 -66.99 -8.94
N ALA A 959 24.51 -66.16 -9.82
CA ALA A 959 25.28 -65.73 -10.96
C ALA A 959 26.51 -64.91 -10.57
N ALA A 960 27.58 -65.16 -11.30
CA ALA A 960 28.85 -64.46 -11.14
C ALA A 960 28.88 -63.28 -12.09
N PRO A 961 29.65 -62.24 -11.79
CA PRO A 961 29.85 -61.03 -12.57
C PRO A 961 30.70 -61.30 -13.77
N LEU A 962 30.56 -60.44 -14.77
CA LEU A 962 31.36 -60.48 -15.98
C LEU A 962 32.82 -60.30 -15.63
N LYS A 963 33.09 -59.28 -14.84
CA LYS A 963 34.47 -59.01 -14.43
C LYS A 963 34.49 -58.18 -13.16
N ILE A 964 35.62 -58.22 -12.45
CA ILE A 964 35.77 -57.51 -11.20
C ILE A 964 37.02 -56.65 -11.17
N LEU A 965 36.88 -55.40 -10.78
CA LEU A 965 38.00 -54.48 -10.73
C LEU A 965 38.35 -54.06 -9.32
N ASN A 966 39.65 -53.85 -9.07
CA ASN A 966 40.11 -53.37 -7.79
C ASN A 966 40.49 -51.92 -7.93
N ILE A 967 39.66 -51.03 -7.39
CA ILE A 967 39.91 -49.61 -7.54
C ILE A 967 40.55 -49.06 -6.29
N GLY A 968 39.89 -49.28 -5.17
CA GLY A 968 40.36 -48.79 -3.89
C GLY A 968 40.96 -49.89 -3.05
N ASN A 969 40.66 -49.86 -1.76
CA ASN A 969 41.18 -50.88 -0.85
C ASN A 969 40.27 -50.99 0.35
N VAL A 970 40.64 -51.87 1.27
CA VAL A 970 39.84 -52.14 2.45
C VAL A 970 39.39 -50.89 3.24
N SER A 971 40.16 -49.81 3.19
CA SER A 971 39.80 -48.58 3.89
C SER A 971 39.24 -47.50 2.97
N THR A 972 39.17 -47.78 1.66
CA THR A 972 38.70 -46.81 0.67
C THR A 972 37.59 -47.41 -0.19
N PRO A 973 36.34 -47.37 0.28
CA PRO A 973 35.13 -47.91 -0.30
C PRO A 973 34.68 -47.13 -1.51
N LEU A 974 33.97 -47.78 -2.42
CA LEU A 974 33.41 -47.05 -3.55
C LEU A 974 32.14 -46.42 -3.06
N MET A 975 31.86 -45.20 -3.45
CA MET A 975 30.62 -44.64 -2.97
C MET A 975 29.78 -43.93 -4.02
N CYS A 976 30.17 -43.99 -5.26
CA CYS A 976 29.37 -43.30 -6.24
C CYS A 976 29.73 -43.64 -7.65
N LEU A 977 28.75 -44.10 -8.41
CA LEU A 977 28.91 -44.40 -9.83
C LEU A 977 28.00 -43.52 -10.64
N SER A 978 28.55 -42.48 -11.23
CA SER A 978 27.75 -41.56 -12.01
C SER A 978 28.06 -41.65 -13.47
N GLU A 979 27.12 -41.22 -14.26
CA GLU A 979 27.29 -41.30 -15.69
C GLU A 979 26.35 -40.36 -16.37
N SER A 980 26.89 -39.38 -17.05
CA SER A 980 26.05 -38.44 -17.75
C SER A 980 26.76 -38.00 -18.98
N ASN A 987 29.68 -42.34 -22.92
CA ASN A 987 29.16 -43.41 -22.06
C ASN A 987 30.19 -43.69 -21.00
N VAL A 988 30.98 -42.67 -20.67
CA VAL A 988 32.08 -42.78 -19.75
C VAL A 988 31.65 -42.64 -18.30
N MET A 989 32.12 -43.57 -17.47
CA MET A 989 31.76 -43.55 -16.07
C MET A 989 32.66 -42.64 -15.29
N TRP A 990 32.13 -42.12 -14.19
CA TRP A 990 32.90 -41.32 -13.27
C TRP A 990 32.53 -41.73 -11.88
N GLY A 991 33.42 -41.61 -10.92
CA GLY A 991 32.97 -41.97 -9.61
C GLY A 991 33.95 -41.70 -8.52
N GLY A 992 33.49 -41.93 -7.29
CA GLY A 992 34.30 -41.63 -6.14
C GLY A 992 34.79 -42.86 -5.43
N CYS A 993 36.05 -42.81 -5.06
CA CYS A 993 36.71 -43.86 -4.30
C CYS A 993 37.59 -43.22 -3.28
N GLY A 994 37.11 -43.14 -2.06
CA GLY A 994 37.89 -42.48 -1.06
C GLY A 994 38.03 -41.03 -1.49
N THR A 995 39.26 -40.60 -1.72
CA THR A 995 39.52 -39.23 -2.10
C THR A 995 39.93 -39.09 -3.56
N LYS A 996 39.75 -40.14 -4.35
CA LYS A 996 40.13 -40.10 -5.75
C LYS A 996 38.93 -40.19 -6.68
N ILE A 997 39.05 -39.57 -7.84
CA ILE A 997 38.00 -39.66 -8.83
C ILE A 997 38.44 -40.54 -9.97
N PHE A 998 37.70 -41.58 -10.22
CA PHE A 998 38.07 -42.51 -11.28
C PHE A 998 37.16 -42.35 -12.48
N SER A 999 37.52 -43.01 -13.55
CA SER A 999 36.71 -42.96 -14.75
C SER A 999 36.86 -44.22 -15.58
N PHE A 1000 35.77 -44.65 -16.22
CA PHE A 1000 35.84 -45.88 -17.02
C PHE A 1000 35.36 -45.81 -18.44
N SER A 1001 36.04 -46.59 -19.26
CA SER A 1001 35.73 -46.78 -20.67
C SER A 1001 34.65 -47.82 -20.79
N ASN A 1002 34.20 -48.06 -22.02
CA ASN A 1002 33.20 -49.09 -22.26
C ASN A 1002 33.78 -50.50 -22.11
N ASP A 1003 35.10 -50.60 -21.96
CA ASP A 1003 35.76 -51.87 -21.75
C ASP A 1003 36.09 -52.05 -20.27
N PHE A 1004 35.59 -51.12 -19.45
CA PHE A 1004 35.78 -51.13 -18.01
C PHE A 1004 37.23 -50.94 -17.63
N THR A 1005 37.97 -50.16 -18.43
CA THR A 1005 39.36 -49.89 -18.12
C THR A 1005 39.46 -48.53 -17.46
N ILE A 1006 40.46 -48.35 -16.59
CA ILE A 1006 40.60 -47.07 -15.92
C ILE A 1006 41.21 -46.05 -16.84
N GLN A 1007 40.51 -44.94 -17.00
CA GLN A 1007 40.95 -43.90 -17.90
C GLN A 1007 41.66 -42.75 -17.22
N LYS A 1008 41.68 -42.73 -15.88
CA LYS A 1008 42.36 -41.70 -15.10
C LYS A 1008 41.96 -41.72 -13.64
N LEU A 1009 42.95 -41.62 -12.78
CA LEU A 1009 42.73 -41.55 -11.34
C LEU A 1009 43.14 -40.20 -10.84
N ILE A 1010 42.16 -39.33 -10.66
CA ILE A 1010 42.42 -37.98 -10.24
C ILE A 1010 42.45 -37.89 -8.74
N GLU A 1011 43.61 -37.62 -8.18
CA GLU A 1011 43.68 -37.48 -6.74
C GLU A 1011 43.21 -36.10 -6.41
N THR A 1012 42.20 -35.97 -5.56
CA THR A 1012 41.67 -34.66 -5.27
C THR A 1012 42.18 -34.09 -3.96
N ARG A 1013 43.10 -34.79 -3.32
CA ARG A 1013 43.64 -34.32 -2.05
C ARG A 1013 44.34 -32.99 -2.18
N THR A 1014 44.84 -32.70 -3.38
CA THR A 1014 45.57 -31.48 -3.65
C THR A 1014 44.72 -30.25 -3.58
N SER A 1015 43.39 -30.41 -3.53
CA SER A 1015 42.51 -29.27 -3.42
C SER A 1015 42.67 -28.57 -2.10
N GLN A 1016 43.34 -29.20 -1.12
CA GLN A 1016 43.55 -28.61 0.20
C GLN A 1016 44.37 -27.34 0.15
N LEU A 1017 45.02 -27.04 -0.97
CA LEU A 1017 45.72 -25.78 -1.12
C LEU A 1017 44.73 -24.63 -1.06
N PHE A 1018 43.48 -24.93 -1.38
CA PHE A 1018 42.37 -24.01 -1.34
C PHE A 1018 41.41 -24.53 -0.27
N SER A 1019 40.53 -23.68 0.21
CA SER A 1019 39.58 -24.11 1.23
C SER A 1019 40.25 -24.59 2.53
N TYR A 1020 39.88 -25.79 2.97
CA TYR A 1020 40.38 -26.34 4.23
C TYR A 1020 40.64 -27.84 4.13
N ALA A 1021 41.81 -28.25 4.59
CA ALA A 1021 42.27 -29.62 4.47
C ALA A 1021 41.33 -30.68 5.03
N ALA A 1022 40.58 -30.39 6.10
CA ALA A 1022 39.70 -31.46 6.61
C ALA A 1022 38.44 -31.58 5.78
N PHE A 1023 38.18 -30.61 4.91
CA PHE A 1023 37.05 -30.70 4.03
C PHE A 1023 37.51 -31.40 2.78
N SER A 1024 38.71 -31.02 2.31
CA SER A 1024 39.28 -31.64 1.15
C SER A 1024 39.62 -33.08 1.40
N ASP A 1025 40.17 -33.37 2.55
CA ASP A 1025 40.51 -34.74 2.84
C ASP A 1025 39.34 -35.46 3.45
N SER A 1026 38.45 -35.95 2.61
CA SER A 1026 37.28 -36.67 3.08
C SER A 1026 36.69 -37.50 1.97
N ASN A 1027 36.06 -38.61 2.32
CA ASN A 1027 35.51 -39.49 1.31
C ASN A 1027 34.45 -38.82 0.44
N ILE A 1028 34.51 -39.10 -0.84
CA ILE A 1028 33.56 -38.53 -1.78
C ILE A 1028 32.20 -39.17 -1.63
N ILE A 1029 31.18 -38.34 -1.50
CA ILE A 1029 29.82 -38.80 -1.41
C ILE A 1029 29.18 -38.90 -2.76
N THR A 1030 29.31 -37.85 -3.55
CA THR A 1030 28.67 -37.91 -4.86
C THR A 1030 29.39 -37.11 -5.92
N VAL A 1031 29.25 -37.58 -7.15
CA VAL A 1031 29.86 -37.00 -8.33
C VAL A 1031 28.82 -36.62 -9.35
N VAL A 1032 28.76 -35.36 -9.72
CA VAL A 1032 27.82 -34.98 -10.75
C VAL A 1032 28.57 -34.63 -12.01
N VAL A 1033 28.18 -35.26 -13.11
CA VAL A 1033 28.94 -35.12 -14.34
C VAL A 1033 28.24 -34.24 -15.38
N ASP A 1034 28.74 -33.06 -15.62
CA ASP A 1034 28.17 -32.19 -16.64
C ASP A 1034 29.26 -31.78 -17.63
N THR A 1035 29.55 -30.48 -17.66
CA THR A 1035 30.65 -29.90 -18.41
C THR A 1035 31.83 -29.71 -17.45
N ALA A 1036 31.60 -30.08 -16.21
CA ALA A 1036 32.57 -30.04 -15.13
C ALA A 1036 32.11 -31.04 -14.10
N LEU A 1037 32.99 -31.45 -13.20
CA LEU A 1037 32.58 -32.39 -12.20
C LEU A 1037 32.24 -31.67 -10.93
N TYR A 1038 31.17 -32.06 -10.27
CA TYR A 1038 30.82 -31.44 -9.02
C TYR A 1038 30.94 -32.46 -7.93
N ILE A 1039 31.86 -32.21 -7.01
CA ILE A 1039 32.17 -33.17 -5.97
C ILE A 1039 31.73 -32.77 -4.60
N ALA A 1040 30.97 -33.63 -3.95
CA ALA A 1040 30.62 -33.38 -2.57
C ALA A 1040 31.24 -34.46 -1.73
N LYS A 1041 31.95 -34.06 -0.68
CA LYS A 1041 32.63 -34.98 0.21
C LYS A 1041 31.97 -35.05 1.55
N GLN A 1042 32.22 -36.13 2.29
CA GLN A 1042 31.52 -36.38 3.52
C GLN A 1042 31.82 -35.32 4.52
N ASN A 1043 30.75 -34.73 5.05
CA ASN A 1043 30.80 -33.67 6.03
C ASN A 1043 31.39 -32.36 5.52
N SER A 1044 31.50 -32.21 4.21
CA SER A 1044 31.99 -30.96 3.65
C SER A 1044 30.84 -29.99 3.58
N PRO A 1045 31.14 -28.71 3.63
CA PRO A 1045 30.23 -27.63 3.39
C PRO A 1045 30.56 -26.99 2.06
N VAL A 1046 31.56 -27.54 1.38
CA VAL A 1046 32.00 -27.00 0.12
C VAL A 1046 31.97 -28.03 -1.00
N VAL A 1047 31.42 -27.62 -2.13
CA VAL A 1047 31.38 -28.44 -3.32
C VAL A 1047 32.52 -28.05 -4.24
N GLU A 1048 33.28 -29.03 -4.69
CA GLU A 1048 34.41 -28.71 -5.55
C GLU A 1048 34.04 -28.82 -6.99
N VAL A 1049 34.57 -27.93 -7.81
CA VAL A 1049 34.29 -28.00 -9.23
C VAL A 1049 35.56 -28.36 -9.96
N TRP A 1050 35.55 -29.43 -10.71
CA TRP A 1050 36.76 -29.84 -11.40
C TRP A 1050 36.66 -29.83 -12.91
N ASP A 1051 37.73 -29.42 -13.55
CA ASP A 1051 37.78 -29.47 -14.99
C ASP A 1051 38.31 -30.78 -15.43
N LYS A 1052 37.41 -31.66 -15.83
CA LYS A 1052 37.76 -33.00 -16.28
C LYS A 1052 38.67 -33.03 -17.51
N LYS A 1053 38.74 -31.93 -18.25
CA LYS A 1053 39.58 -31.88 -19.45
C LYS A 1053 41.04 -31.61 -19.12
N THR A 1054 41.30 -31.00 -17.97
CA THR A 1054 42.68 -30.70 -17.59
C THR A 1054 43.01 -31.22 -16.21
N GLU A 1055 42.01 -31.75 -15.52
CA GLU A 1055 42.15 -32.30 -14.19
C GLU A 1055 42.59 -31.23 -13.20
N LYS A 1056 41.88 -30.10 -13.21
CA LYS A 1056 42.25 -29.00 -12.32
C LYS A 1056 41.07 -28.47 -11.51
N LEU A 1057 41.35 -27.96 -10.33
CA LEU A 1057 40.30 -27.37 -9.51
C LEU A 1057 39.91 -26.05 -10.11
N CYS A 1058 38.63 -25.89 -10.45
CA CYS A 1058 38.15 -24.68 -11.11
C CYS A 1058 37.17 -23.85 -10.33
N GLY A 1059 37.04 -24.10 -9.04
CA GLY A 1059 36.14 -23.30 -8.24
C GLY A 1059 35.56 -24.05 -7.08
N LEU A 1060 35.11 -23.29 -6.09
CA LEU A 1060 34.53 -23.84 -4.91
C LEU A 1060 33.18 -23.22 -4.66
N ILE A 1061 32.25 -24.01 -4.13
CA ILE A 1061 30.94 -23.49 -3.79
C ILE A 1061 30.75 -23.56 -2.29
N ASP A 1062 30.66 -22.41 -1.65
CA ASP A 1062 30.52 -22.35 -0.21
C ASP A 1062 29.06 -22.28 0.24
N CYS A 1063 28.51 -23.41 0.67
CA CYS A 1063 27.12 -23.48 1.09
C CYS A 1063 26.85 -22.69 2.36
N VAL A 1064 27.84 -22.61 3.24
CA VAL A 1064 27.68 -21.86 4.46
C VAL A 1064 27.45 -20.42 4.14
N HIS A 1065 28.23 -19.90 3.20
CA HIS A 1065 28.10 -18.53 2.77
C HIS A 1065 26.69 -18.18 2.35
N PHE A 1066 26.08 -19.04 1.55
CA PHE A 1066 24.74 -18.74 1.11
C PHE A 1066 23.77 -18.65 2.27
N LEU A 1067 23.90 -19.55 3.23
CA LEU A 1067 23.00 -19.50 4.37
C LEU A 1067 23.48 -18.53 5.43
N ARG A 1068 24.70 -18.04 5.29
CA ARG A 1068 25.23 -16.98 6.12
C ARG A 1068 24.53 -15.69 5.76
N GLU A 1069 24.26 -15.52 4.46
CA GLU A 1069 23.52 -14.36 3.98
C GLU A 1069 22.08 -14.40 4.50
N VAL A 1070 21.53 -15.61 4.59
CA VAL A 1070 20.21 -15.80 5.16
C VAL A 1070 20.25 -15.61 6.68
N MET A 1071 19.34 -14.82 7.20
CA MET A 1071 19.32 -14.59 8.64
C MET A 1071 18.82 -15.83 9.38
N MET A 1082 21.80 -25.18 16.07
CA MET A 1082 22.77 -25.62 15.09
C MET A 1082 22.10 -26.26 13.87
N SER A 1083 20.88 -25.83 13.52
CA SER A 1083 20.22 -26.37 12.32
C SER A 1083 20.99 -25.94 11.07
N TYR A 1084 21.72 -24.82 11.15
CA TYR A 1084 22.55 -24.35 10.05
C TYR A 1084 23.93 -24.98 10.07
N SER A 1085 23.97 -26.27 9.82
CA SER A 1085 25.23 -26.98 9.81
C SER A 1085 25.99 -26.71 8.54
N GLY A 1086 25.26 -26.50 7.45
CA GLY A 1086 25.89 -26.23 6.17
C GLY A 1086 26.46 -27.49 5.54
N ARG A 1087 26.18 -28.66 6.09
CA ARG A 1087 26.73 -29.87 5.54
C ARG A 1087 26.04 -30.24 4.25
N VAL A 1088 26.81 -30.58 3.23
CA VAL A 1088 26.19 -30.95 1.96
C VAL A 1088 25.73 -32.38 1.99
N LYS A 1089 24.47 -32.60 1.65
CA LYS A 1089 23.95 -33.97 1.63
C LYS A 1089 23.94 -34.56 0.24
N THR A 1090 23.13 -34.02 -0.66
CA THR A 1090 23.11 -34.57 -2.01
C THR A 1090 23.11 -33.50 -3.07
N LEU A 1091 23.58 -33.89 -4.26
CA LEU A 1091 23.62 -33.01 -5.40
C LEU A 1091 22.78 -33.56 -6.53
N CYS A 1092 21.83 -32.79 -7.03
CA CYS A 1092 21.18 -33.17 -8.27
C CYS A 1092 21.36 -32.10 -9.30
N LEU A 1093 21.41 -32.51 -10.55
CA LEU A 1093 21.63 -31.55 -11.60
C LEU A 1093 20.64 -31.65 -12.70
N GLN A 1094 20.10 -30.51 -13.08
CA GLN A 1094 19.14 -30.39 -14.12
C GLN A 1094 19.80 -29.73 -15.32
N LYS A 1095 19.49 -30.20 -16.52
CA LYS A 1095 20.18 -29.72 -17.71
C LYS A 1095 19.75 -28.32 -18.17
N ASN A 1096 18.86 -27.68 -17.42
CA ASN A 1096 18.48 -26.31 -17.68
C ASN A 1096 19.30 -25.37 -16.84
N THR A 1097 20.48 -25.81 -16.37
CA THR A 1097 21.41 -25.08 -15.51
C THR A 1097 21.03 -25.09 -14.02
N ALA A 1098 19.88 -25.61 -13.65
CA ALA A 1098 19.60 -25.61 -12.22
C ALA A 1098 20.43 -26.67 -11.50
N LEU A 1099 21.00 -26.30 -10.37
CA LEU A 1099 21.75 -27.24 -9.55
C LEU A 1099 21.07 -27.31 -8.19
N TRP A 1100 20.66 -28.49 -7.78
CA TRP A 1100 19.92 -28.66 -6.55
C TRP A 1100 20.81 -29.17 -5.45
N ILE A 1101 21.00 -28.40 -4.39
CA ILE A 1101 21.88 -28.86 -3.32
C ILE A 1101 21.17 -29.02 -1.99
N GLY A 1102 21.06 -30.25 -1.52
CA GLY A 1102 20.41 -30.47 -0.24
C GLY A 1102 21.42 -30.28 0.86
N THR A 1103 20.97 -30.15 2.09
CA THR A 1103 21.92 -29.96 3.17
C THR A 1103 21.50 -30.61 4.47
N GLY A 1104 22.31 -30.39 5.49
CA GLY A 1104 22.09 -30.95 6.80
C GLY A 1104 20.76 -30.51 7.40
N GLY A 1105 20.48 -29.22 7.34
CA GLY A 1105 19.21 -28.71 7.84
C GLY A 1105 18.17 -28.78 6.74
N GLY A 1106 16.96 -28.33 7.01
CA GLY A 1106 15.90 -28.39 6.02
C GLY A 1106 15.99 -27.27 4.99
N HIS A 1107 17.06 -27.29 4.19
CA HIS A 1107 17.25 -26.28 3.15
C HIS A 1107 17.66 -26.93 1.85
N ILE A 1108 17.21 -26.36 0.76
CA ILE A 1108 17.62 -26.79 -0.56
C ILE A 1108 18.09 -25.58 -1.31
N LEU A 1109 19.31 -25.60 -1.79
CA LEU A 1109 19.79 -24.44 -2.49
C LEU A 1109 19.59 -24.62 -3.97
N LEU A 1110 19.12 -23.59 -4.63
CA LEU A 1110 19.01 -23.65 -6.07
C LEU A 1110 20.08 -22.78 -6.65
N LEU A 1111 21.04 -23.38 -7.33
CA LEU A 1111 22.08 -22.59 -7.95
C LEU A 1111 21.99 -22.58 -9.46
N ASP A 1112 22.49 -21.52 -10.03
CA ASP A 1112 22.58 -21.32 -11.46
C ASP A 1112 23.91 -21.79 -11.99
N LEU A 1113 23.94 -22.90 -12.70
CA LEU A 1113 25.19 -23.43 -13.23
C LEU A 1113 25.89 -22.52 -14.21
N SER A 1114 25.16 -21.66 -14.90
CA SER A 1114 25.81 -20.82 -15.87
C SER A 1114 26.55 -19.65 -15.24
N THR A 1115 26.22 -19.31 -13.98
CA THR A 1115 26.89 -18.20 -13.34
C THR A 1115 27.37 -18.53 -11.94
N ARG A 1116 27.03 -19.72 -11.45
CA ARG A 1116 27.35 -20.14 -10.09
C ARG A 1116 26.73 -19.19 -9.09
N ARG A 1117 25.44 -18.95 -9.23
CA ARG A 1117 24.76 -18.01 -8.35
C ARG A 1117 23.49 -18.55 -7.73
N LEU A 1118 23.15 -18.01 -6.58
CA LEU A 1118 22.01 -18.47 -5.84
C LEU A 1118 20.70 -17.95 -6.37
N ILE A 1119 19.89 -18.86 -6.87
CA ILE A 1119 18.57 -18.55 -7.37
C ILE A 1119 17.63 -18.33 -6.20
N ARG A 1120 17.64 -19.30 -5.27
CA ARG A 1120 16.80 -19.19 -4.09
C ARG A 1120 17.07 -20.26 -3.06
N VAL A 1121 16.77 -19.95 -1.80
CA VAL A 1121 16.88 -20.92 -0.75
C VAL A 1121 15.51 -21.45 -0.39
N ILE A 1122 15.29 -22.73 -0.60
CA ILE A 1122 14.02 -23.34 -0.27
C ILE A 1122 14.19 -23.88 1.12
N TYR A 1123 13.38 -23.48 2.07
CA TYR A 1123 13.69 -23.96 3.40
C TYR A 1123 12.54 -24.10 4.34
N ASN A 1124 12.85 -24.66 5.51
CA ASN A 1124 11.89 -24.98 6.55
C ASN A 1124 11.08 -26.13 6.02
N PHE A 1125 11.80 -26.96 5.29
CA PHE A 1125 11.30 -28.11 4.61
C PHE A 1125 10.96 -29.24 5.57
N CYS A 1126 11.96 -29.68 6.31
CA CYS A 1126 11.85 -30.72 7.31
C CYS A 1126 13.06 -30.59 8.20
N ASN A 1127 13.35 -31.59 9.02
CA ASN A 1127 14.52 -31.48 9.88
C ASN A 1127 15.83 -31.63 9.09
N SER A 1128 15.93 -32.65 8.24
CA SER A 1128 17.17 -32.88 7.50
C SER A 1128 16.94 -33.60 6.17
N VAL A 1129 17.70 -33.27 5.13
CA VAL A 1129 17.47 -33.91 3.84
C VAL A 1129 18.25 -35.21 3.69
N ARG A 1130 17.57 -36.30 3.34
CA ARG A 1130 18.27 -37.56 3.18
C ARG A 1130 18.69 -37.84 1.74
N VAL A 1131 17.73 -38.00 0.82
CA VAL A 1131 18.09 -38.19 -0.60
C VAL A 1131 17.22 -37.40 -1.52
N MET A 1132 17.73 -37.14 -2.71
CA MET A 1132 16.96 -36.43 -3.71
C MET A 1132 17.00 -37.18 -5.02
N MET A 1133 15.86 -37.33 -5.67
CA MET A 1133 15.84 -38.01 -6.95
C MET A 1133 15.13 -37.23 -8.00
N THR A 1134 15.49 -37.48 -9.24
CA THR A 1134 14.78 -36.90 -10.36
C THR A 1134 13.98 -38.02 -10.95
N ALA A 1135 12.68 -37.83 -11.08
CA ALA A 1135 11.90 -38.92 -11.61
C ALA A 1135 10.72 -38.46 -12.41
N GLN A 1136 10.38 -39.24 -13.41
CA GLN A 1136 9.25 -38.96 -14.23
C GLN A 1136 8.06 -39.70 -13.68
N LEU A 1137 6.96 -39.00 -13.49
CA LEU A 1137 5.76 -39.61 -12.94
C LEU A 1137 5.02 -40.42 -13.97
N GLY A 1138 3.93 -41.02 -13.55
CA GLY A 1138 3.11 -41.82 -14.43
C GLY A 1138 2.26 -40.99 -15.38
N SER A 1139 2.28 -39.67 -15.16
CA SER A 1139 1.63 -38.66 -15.99
C SER A 1139 2.65 -38.06 -16.96
N LEU A 1140 3.89 -38.56 -16.88
CA LEU A 1140 5.06 -38.10 -17.63
C LEU A 1140 5.61 -36.76 -17.13
N LYS A 1141 5.06 -36.23 -16.03
CA LYS A 1141 5.54 -35.00 -15.45
C LYS A 1141 6.83 -35.24 -14.68
N ASN A 1142 7.83 -34.37 -14.85
CA ASN A 1142 9.07 -34.58 -14.12
C ASN A 1142 9.05 -33.87 -12.77
N VAL A 1143 9.45 -34.59 -11.73
CA VAL A 1143 9.46 -34.04 -10.39
C VAL A 1143 10.69 -34.40 -9.58
N MET A 1144 10.90 -33.65 -8.51
CA MET A 1144 11.95 -33.99 -7.57
C MET A 1144 11.36 -34.74 -6.42
N LEU A 1145 11.98 -35.83 -6.05
CA LEU A 1145 11.53 -36.62 -4.93
C LEU A 1145 12.47 -36.39 -3.80
N VAL A 1146 12.07 -35.59 -2.83
CA VAL A 1146 12.99 -35.33 -1.76
C VAL A 1146 12.55 -36.03 -0.51
N LEU A 1147 13.37 -36.95 -0.05
CA LEU A 1147 13.09 -37.71 1.14
C LEU A 1147 13.85 -37.14 2.29
N GLY A 1148 13.17 -36.80 3.36
CA GLY A 1148 13.89 -36.23 4.49
C GLY A 1148 13.48 -36.75 5.84
N TYR A 1149 14.20 -36.31 6.85
CA TYR A 1149 13.97 -36.63 8.24
C TYR A 1149 13.21 -35.49 8.83
N ASN A 1150 12.45 -35.77 9.86
CA ASN A 1150 11.70 -34.74 10.50
C ASN A 1150 11.54 -35.02 11.97
N ARG A 1151 12.66 -35.33 12.60
CA ARG A 1151 12.67 -35.51 14.05
C ARG A 1151 12.12 -34.26 14.68
N GLU A 1162 10.37 -38.47 18.40
CA GLU A 1162 9.46 -38.32 17.25
C GLU A 1162 10.10 -38.50 15.89
N ILE A 1163 10.75 -39.66 15.66
CA ILE A 1163 11.34 -39.97 14.35
C ILE A 1163 10.31 -39.98 13.23
N GLN A 1164 10.04 -38.81 12.70
CA GLN A 1164 9.14 -38.67 11.58
C GLN A 1164 9.98 -38.51 10.33
N SER A 1165 9.49 -39.02 9.23
CA SER A 1165 10.17 -38.92 7.95
C SER A 1165 9.11 -38.76 6.88
N CYS A 1166 9.48 -38.20 5.73
CA CYS A 1166 8.47 -37.97 4.71
C CYS A 1166 9.01 -37.71 3.33
N LEU A 1167 8.15 -37.91 2.34
CA LEU A 1167 8.50 -37.72 0.95
C LEU A 1167 7.83 -36.50 0.39
N THR A 1168 8.61 -35.60 -0.18
CA THR A 1168 8.03 -34.42 -0.76
C THR A 1168 8.24 -34.39 -2.25
N VAL A 1169 7.19 -34.10 -3.00
CA VAL A 1169 7.31 -34.09 -4.46
C VAL A 1169 7.21 -32.69 -5.01
N TRP A 1170 8.28 -32.24 -5.68
CA TRP A 1170 8.32 -30.88 -6.22
C TRP A 1170 8.28 -30.84 -7.73
N ASP A 1171 7.61 -29.83 -8.27
CA ASP A 1171 7.60 -29.64 -9.70
C ASP A 1171 8.98 -29.27 -10.17
N ILE A 1172 9.57 -30.08 -11.05
CA ILE A 1172 10.92 -29.87 -11.56
C ILE A 1172 11.22 -28.46 -12.08
N ASN A 1173 10.20 -27.65 -12.39
CA ASN A 1173 10.42 -26.33 -12.94
C ASN A 1173 10.51 -25.24 -11.88
N LEU A 1174 10.63 -25.64 -10.62
CA LEU A 1174 10.75 -24.69 -9.52
C LEU A 1174 11.70 -23.52 -9.76
N PRO A 1175 12.94 -23.72 -10.22
CA PRO A 1175 13.91 -22.68 -10.51
C PRO A 1175 13.34 -21.61 -11.43
N HIS A 1176 12.53 -22.01 -12.39
CA HIS A 1176 11.98 -21.07 -13.34
C HIS A 1176 10.84 -20.33 -12.74
N GLU A 1177 10.07 -21.01 -11.90
CA GLU A 1177 8.95 -20.35 -11.27
C GLU A 1177 9.42 -19.32 -10.30
N VAL A 1178 10.52 -19.59 -9.61
CA VAL A 1178 11.06 -18.60 -8.71
C VAL A 1178 11.37 -17.32 -9.41
N GLN A 1179 12.08 -17.41 -10.52
CA GLN A 1179 12.44 -16.21 -11.24
C GLN A 1179 11.26 -15.54 -11.92
N ASN A 1180 10.37 -16.32 -12.53
CA ASN A 1180 9.25 -15.73 -13.23
C ASN A 1180 8.30 -15.06 -12.30
N LEU A 1181 8.05 -15.67 -11.15
CA LEU A 1181 7.17 -15.07 -10.18
C LEU A 1181 7.74 -13.76 -9.71
N GLU A 1182 9.02 -13.75 -9.39
CA GLU A 1182 9.64 -12.53 -8.91
C GLU A 1182 9.47 -11.39 -9.89
N LYS A 1183 9.66 -11.68 -11.18
CA LYS A 1183 9.48 -10.68 -12.19
C LYS A 1183 8.07 -10.16 -12.20
N HIS A 1184 7.11 -11.08 -12.19
CA HIS A 1184 5.69 -10.75 -12.22
C HIS A 1184 5.32 -9.80 -11.11
N ILE A 1185 5.77 -10.09 -9.92
CA ILE A 1185 5.47 -9.25 -8.78
C ILE A 1185 6.05 -7.87 -8.94
N GLU A 1186 7.27 -7.78 -9.44
CA GLU A 1186 7.91 -6.49 -9.56
C GLU A 1186 7.28 -5.61 -10.60
N VAL A 1187 6.90 -6.18 -11.74
CA VAL A 1187 6.27 -5.39 -12.77
C VAL A 1187 5.02 -4.74 -12.29
N ARG A 1188 4.19 -5.51 -11.60
CA ARG A 1188 2.94 -4.98 -11.12
C ARG A 1188 3.15 -3.98 -10.01
N LYS A 1189 4.21 -4.16 -9.23
CA LYS A 1189 4.54 -3.20 -8.20
C LYS A 1189 4.81 -1.84 -8.81
N GLU A 1190 5.55 -1.82 -9.90
CA GLU A 1190 5.85 -0.57 -10.58
C GLU A 1190 4.60 0.07 -11.14
N LEU A 1191 3.70 -0.75 -11.69
CA LEU A 1191 2.46 -0.21 -12.23
C LEU A 1191 1.61 0.40 -11.15
N ALA A 1192 1.63 -0.17 -9.96
CA ALA A 1192 0.85 0.38 -8.87
C ALA A 1192 1.33 1.78 -8.55
N GLU A 1193 2.63 1.99 -8.56
CA GLU A 1193 3.16 3.31 -8.28
C GLU A 1193 2.89 4.27 -9.41
N LYS A 1194 2.95 3.77 -10.64
CA LYS A 1194 2.64 4.57 -11.80
C LYS A 1194 1.26 5.16 -11.71
N MET A 1195 0.28 4.31 -11.42
CA MET A 1195 -1.11 4.72 -11.30
C MET A 1195 -1.33 5.68 -10.16
N ARG A 1196 -0.87 5.31 -8.97
CA ARG A 1196 -1.07 6.14 -7.80
C ARG A 1196 -0.44 7.51 -7.96
N ARG A 1197 0.68 7.57 -8.66
CA ARG A 1197 1.40 8.81 -8.85
C ARG A 1197 0.73 9.76 -9.83
N THR A 1198 0.10 9.23 -10.88
CA THR A 1198 -0.56 10.07 -11.86
C THR A 1198 -1.67 10.90 -11.20
N SER A 1199 -2.65 10.20 -10.63
CA SER A 1199 -3.77 10.84 -9.95
C SER A 1199 -4.39 11.98 -10.76
N PRO B 344 39.04 -10.30 34.60
CA PRO B 344 39.18 -9.94 36.02
C PRO B 344 39.47 -11.16 36.86
N SER B 345 40.64 -11.16 37.51
CA SER B 345 41.11 -12.26 38.34
C SER B 345 40.25 -12.49 39.59
N SER B 346 39.43 -11.50 39.94
CA SER B 346 38.52 -11.59 41.08
C SER B 346 37.31 -12.50 40.80
N LEU B 347 37.12 -12.93 39.55
CA LEU B 347 35.98 -13.78 39.21
C LEU B 347 36.16 -15.22 39.67
N SER B 348 35.02 -15.88 39.88
CA SER B 348 34.99 -17.28 40.27
C SER B 348 35.20 -18.17 39.05
N ASP B 349 35.30 -19.47 39.28
CA ASP B 349 35.49 -20.43 38.19
C ASP B 349 34.17 -20.88 37.53
N HIS B 350 33.08 -20.12 37.75
CA HIS B 350 31.77 -20.39 37.16
C HIS B 350 31.81 -20.63 35.66
N ARG B 351 31.03 -21.62 35.25
CA ARG B 351 30.91 -22.08 33.86
C ARG B 351 29.44 -22.03 33.41
N PRO B 352 28.99 -20.89 32.88
CA PRO B 352 27.64 -20.56 32.42
C PRO B 352 27.07 -21.55 31.43
N VAL B 353 25.77 -21.82 31.55
CA VAL B 353 25.08 -22.73 30.65
C VAL B 353 24.76 -22.07 29.31
N ILE B 354 25.75 -22.04 28.45
CA ILE B 354 25.63 -21.41 27.14
C ILE B 354 25.36 -22.42 26.04
N GLU B 355 24.23 -22.28 25.36
CA GLU B 355 23.94 -23.17 24.24
C GLU B 355 24.85 -22.82 23.07
N LEU B 356 25.52 -23.82 22.55
CA LEU B 356 26.45 -23.63 21.46
C LEU B 356 25.91 -24.19 20.16
N PRO B 357 26.39 -23.68 19.03
CA PRO B 357 26.21 -24.20 17.70
C PRO B 357 27.18 -25.34 17.55
N HIS B 358 27.04 -26.12 16.50
CA HIS B 358 27.95 -27.22 16.29
C HIS B 358 27.89 -28.24 17.44
N CYS B 359 26.68 -28.68 17.78
CA CYS B 359 26.46 -29.60 18.90
C CYS B 359 26.82 -31.06 18.62
N GLU B 360 26.93 -31.46 17.36
CA GLU B 360 27.25 -32.85 17.04
C GLU B 360 28.75 -33.06 17.09
N ASN B 361 29.18 -34.29 17.37
CA ASN B 361 30.62 -34.55 17.57
C ASN B 361 31.49 -34.14 16.40
N SER B 362 31.05 -34.40 15.17
CA SER B 362 31.82 -34.04 13.98
C SER B 362 31.82 -32.55 13.71
N GLU B 363 31.00 -31.80 14.44
CA GLU B 363 30.91 -30.38 14.24
C GLU B 363 32.00 -29.64 14.97
N ILE B 364 32.70 -30.30 15.91
CA ILE B 364 33.74 -29.65 16.68
C ILE B 364 35.03 -30.42 16.82
N ILE B 365 36.05 -29.70 17.23
CA ILE B 365 37.39 -30.20 17.48
C ILE B 365 37.66 -30.14 18.96
N ILE B 366 38.12 -31.23 19.57
CA ILE B 366 38.44 -31.16 21.00
C ILE B 366 39.88 -31.57 21.32
N ARG B 367 40.61 -30.63 21.92
CA ARG B 367 42.00 -30.84 22.34
C ARG B 367 42.17 -30.85 23.86
N LEU B 368 42.82 -31.89 24.40
CA LEU B 368 43.00 -32.00 25.84
C LEU B 368 44.47 -31.93 26.29
N TYR B 369 44.72 -31.24 27.42
CA TYR B 369 46.06 -31.14 28.02
C TYR B 369 46.05 -31.60 29.47
N GLU B 370 46.57 -32.79 29.74
CA GLU B 370 46.46 -33.35 31.09
C GLU B 370 47.66 -33.05 32.01
N MET B 371 47.33 -32.63 33.23
CA MET B 371 48.27 -32.35 34.32
C MET B 371 47.46 -32.11 35.62
N PRO B 372 47.77 -32.81 36.72
CA PRO B 372 47.08 -32.83 38.01
C PRO B 372 46.74 -31.45 38.56
N TYR B 373 47.60 -30.48 38.34
CA TYR B 373 47.36 -29.15 38.85
C TYR B 373 48.23 -28.11 38.19
N PHE B 374 47.64 -26.96 37.91
CA PHE B 374 48.31 -25.87 37.25
C PHE B 374 48.40 -24.65 38.17
N PRO B 375 49.38 -24.66 39.11
CA PRO B 375 49.63 -23.62 40.13
C PRO B 375 48.98 -22.29 39.84
N MET B 376 48.03 -21.91 40.71
CA MET B 376 47.31 -20.65 40.64
C MET B 376 48.23 -19.50 40.24
N GLY B 377 47.86 -18.86 39.15
CA GLY B 377 48.65 -17.80 38.53
C GLY B 377 48.84 -18.21 37.08
N PHE B 378 48.81 -19.53 36.85
CA PHE B 378 48.87 -20.13 35.54
C PHE B 378 47.77 -19.60 34.64
N TRP B 379 46.55 -19.58 35.15
CA TRP B 379 45.41 -19.15 34.37
C TRP B 379 45.35 -17.65 34.20
N SER B 380 46.01 -16.91 35.11
CA SER B 380 46.09 -15.47 34.95
C SER B 380 47.03 -15.16 33.79
N ARG B 381 48.11 -15.91 33.70
CA ARG B 381 49.05 -15.74 32.60
C ARG B 381 48.45 -16.28 31.31
N LEU B 382 47.64 -17.34 31.43
CA LEU B 382 46.99 -17.94 30.30
C LEU B 382 46.02 -16.97 29.67
N ILE B 383 45.13 -16.40 30.46
CA ILE B 383 44.18 -15.43 29.91
C ILE B 383 44.86 -14.20 29.34
N ASN B 384 45.98 -13.78 29.93
CA ASN B 384 46.70 -12.66 29.36
C ASN B 384 47.16 -12.96 27.94
N ARG B 385 47.59 -14.20 27.70
CA ARG B 385 47.99 -14.59 26.36
C ARG B 385 46.79 -15.00 25.49
N LEU B 386 45.70 -15.47 26.11
CA LEU B 386 44.50 -15.80 25.33
C LEU B 386 43.86 -14.54 24.79
N LEU B 387 43.99 -13.41 25.50
CA LEU B 387 43.44 -12.15 25.00
C LEU B 387 44.40 -11.48 24.02
N GLU B 388 44.64 -12.21 22.93
CA GLU B 388 45.50 -11.91 21.80
C GLU B 388 44.96 -12.59 20.52
N ILE B 389 44.09 -13.60 20.70
CA ILE B 389 43.52 -14.39 19.61
C ILE B 389 42.75 -13.54 18.62
N SER B 390 43.04 -13.74 17.34
CA SER B 390 42.36 -13.01 16.26
C SER B 390 42.70 -13.63 14.92
N PRO B 391 41.76 -14.37 14.30
CA PRO B 391 41.94 -15.17 13.10
C PRO B 391 42.09 -14.29 11.86
N TYR B 392 41.69 -13.03 12.01
CA TYR B 392 41.73 -12.04 10.96
C TYR B 392 43.14 -11.64 10.60
N MET B 393 44.05 -11.79 11.55
CA MET B 393 45.42 -11.35 11.37
C MET B 393 46.20 -12.20 10.37
N LEU B 394 45.67 -13.35 9.97
CA LEU B 394 46.37 -14.14 8.98
C LEU B 394 46.01 -13.71 7.57
N LEU B 401 37.81 -7.65 15.33
CA LEU B 401 36.58 -8.11 15.97
C LEU B 401 36.80 -8.40 17.42
N ARG B 402 35.94 -7.82 18.25
CA ARG B 402 36.00 -8.01 19.69
C ARG B 402 34.61 -8.45 20.17
N PRO B 403 34.34 -9.76 20.13
CA PRO B 403 33.11 -10.46 20.43
C PRO B 403 32.77 -10.50 21.91
N ASN B 404 31.58 -10.97 22.23
CA ASN B 404 31.10 -11.03 23.61
C ASN B 404 31.70 -12.18 24.41
N ARG B 405 32.98 -12.03 24.74
CA ARG B 405 33.72 -13.00 25.51
C ARG B 405 33.25 -13.05 26.96
N MET B 406 33.39 -14.22 27.57
CA MET B 406 33.00 -14.41 28.96
C MET B 406 34.10 -15.15 29.72
N TYR B 407 34.93 -14.38 30.42
CA TYR B 407 36.05 -14.94 31.19
C TYR B 407 35.54 -15.78 32.35
N TRP B 408 36.07 -16.99 32.48
CA TRP B 408 35.65 -17.96 33.49
C TRP B 408 36.69 -18.19 34.57
N ARG B 409 37.61 -17.24 34.78
CA ARG B 409 38.72 -17.38 35.73
C ARG B 409 39.73 -18.40 35.22
N GLN B 410 39.35 -19.68 35.24
CA GLN B 410 40.19 -20.73 34.71
C GLN B 410 39.73 -21.09 33.30
N GLY B 411 39.87 -20.13 32.39
CA GLY B 411 39.43 -20.31 31.00
C GLY B 411 38.57 -19.15 30.52
N ILE B 412 38.11 -19.21 29.27
CA ILE B 412 37.28 -18.17 28.68
C ILE B 412 36.44 -18.64 27.48
N TYR B 413 35.22 -18.11 27.41
CA TYR B 413 34.24 -18.37 26.37
C TYR B 413 34.57 -17.80 24.98
N LEU B 414 34.93 -16.51 24.93
CA LEU B 414 35.30 -15.76 23.69
C LEU B 414 34.15 -15.48 22.68
N ASN B 415 33.37 -16.50 22.29
CA ASN B 415 32.18 -16.35 21.43
C ASN B 415 32.46 -16.25 19.94
N TRP B 416 33.19 -15.20 19.55
CA TRP B 416 33.51 -14.91 18.15
C TRP B 416 32.27 -14.86 17.24
N SER B 417 31.81 -16.02 16.78
CA SER B 417 30.65 -16.10 15.88
C SER B 417 30.02 -17.50 15.87
N PRO B 418 28.78 -17.63 15.38
CA PRO B 418 28.05 -18.87 15.15
C PRO B 418 28.84 -19.78 14.22
N GLU B 419 29.57 -19.18 13.29
CA GLU B 419 30.42 -19.86 12.34
C GLU B 419 31.71 -20.35 12.96
N ALA B 420 32.34 -19.50 13.76
CA ALA B 420 33.61 -19.86 14.38
C ALA B 420 33.69 -19.29 15.78
N TYR B 421 34.00 -20.17 16.74
CA TYR B 421 34.09 -19.83 18.15
C TYR B 421 35.20 -20.62 18.83
N CYS B 422 35.58 -20.23 20.05
CA CYS B 422 36.67 -20.92 20.73
C CYS B 422 36.58 -20.93 22.23
N LEU B 423 36.23 -22.07 22.82
CA LEU B 423 36.16 -22.18 24.27
C LEU B 423 37.41 -22.84 24.82
N VAL B 424 38.03 -22.21 25.81
CA VAL B 424 39.26 -22.75 26.41
C VAL B 424 39.16 -22.76 27.93
N GLY B 425 39.46 -23.89 28.57
CA GLY B 425 39.42 -23.84 30.03
C GLY B 425 39.77 -25.14 30.76
N SER B 426 39.83 -25.06 32.09
CA SER B 426 40.19 -26.23 32.91
C SER B 426 39.01 -27.19 33.06
N GLU B 427 39.34 -28.48 33.24
CA GLU B 427 38.35 -29.54 33.37
C GLU B 427 38.81 -30.65 34.33
N VAL B 428 37.84 -31.41 34.84
CA VAL B 428 38.12 -32.57 35.69
C VAL B 428 36.94 -33.54 35.58
N LEU B 429 37.21 -34.85 35.60
CA LEU B 429 36.13 -35.83 35.45
C LEU B 429 36.01 -36.74 36.66
N ASP B 430 34.83 -37.34 36.82
CA ASP B 430 34.62 -38.26 37.93
C ASP B 430 35.59 -39.42 37.82
N ASN B 431 36.27 -39.73 38.93
CA ASN B 431 37.29 -40.77 39.01
C ASN B 431 38.54 -40.45 38.18
N HIS B 432 38.69 -39.18 37.79
CA HIS B 432 39.83 -38.70 37.02
C HIS B 432 40.32 -37.38 37.60
N PRO B 433 40.96 -37.43 38.78
CA PRO B 433 41.46 -36.31 39.59
C PRO B 433 42.53 -35.50 38.87
N GLU B 434 43.14 -36.07 37.84
CA GLU B 434 44.13 -35.32 37.08
C GLU B 434 43.39 -34.29 36.25
N SER B 435 43.67 -33.01 36.50
CA SER B 435 42.98 -31.95 35.80
C SER B 435 43.48 -31.82 34.39
N PHE B 436 42.73 -31.12 33.55
CA PHE B 436 43.19 -30.93 32.21
C PHE B 436 42.59 -29.72 31.53
N LEU B 437 43.25 -29.24 30.49
CA LEU B 437 42.71 -28.12 29.75
C LEU B 437 41.94 -28.67 28.58
N LYS B 438 40.89 -27.96 28.18
CA LYS B 438 40.05 -28.39 27.07
C LYS B 438 39.78 -27.26 26.11
N ILE B 439 40.02 -27.51 24.82
CA ILE B 439 39.75 -26.51 23.80
C ILE B 439 38.68 -26.98 22.84
N THR B 440 37.65 -26.16 22.64
CA THR B 440 36.59 -26.50 21.71
C THR B 440 36.41 -25.43 20.63
N VAL B 441 36.65 -25.83 19.39
CA VAL B 441 36.44 -24.96 18.23
C VAL B 441 35.66 -25.80 17.24
N PRO B 442 34.91 -25.20 16.34
CA PRO B 442 34.13 -25.87 15.33
C PRO B 442 35.06 -26.40 14.28
N SER B 443 34.69 -27.51 13.67
CA SER B 443 35.56 -28.14 12.69
C SER B 443 35.55 -27.42 11.35
N CYS B 444 36.35 -26.38 11.26
CA CYS B 444 36.51 -25.61 10.05
C CYS B 444 37.81 -24.86 10.13
N ARG B 445 38.20 -24.20 9.05
CA ARG B 445 39.47 -23.50 9.04
C ARG B 445 39.55 -22.38 10.03
N LYS B 446 38.48 -21.61 10.18
CA LYS B 446 38.53 -20.52 11.15
C LYS B 446 38.69 -21.06 12.54
N GLY B 447 38.06 -22.19 12.81
CA GLY B 447 38.20 -22.83 14.09
C GLY B 447 39.63 -23.30 14.25
N CYS B 448 40.18 -23.86 13.18
CA CYS B 448 41.56 -24.33 13.17
C CYS B 448 42.51 -23.19 13.50
N ILE B 449 42.28 -22.03 12.91
CA ILE B 449 43.09 -20.85 13.17
C ILE B 449 43.01 -20.45 14.63
N LEU B 450 41.79 -20.41 15.17
CA LEU B 450 41.60 -20.05 16.56
C LEU B 450 42.29 -21.05 17.47
N LEU B 451 42.18 -22.33 17.12
CA LEU B 451 42.84 -23.41 17.84
C LEU B 451 44.33 -23.27 17.81
N GLY B 452 44.89 -23.09 16.61
CA GLY B 452 46.32 -22.98 16.40
C GLY B 452 46.92 -21.86 17.22
N GLN B 453 46.28 -20.70 17.24
CA GLN B 453 46.79 -19.60 18.02
C GLN B 453 46.72 -19.92 19.51
N VAL B 454 45.60 -20.52 19.96
CA VAL B 454 45.45 -20.91 21.36
C VAL B 454 46.43 -21.93 21.85
N VAL B 455 46.67 -22.98 21.07
CA VAL B 455 47.59 -24.02 21.53
C VAL B 455 49.01 -23.53 21.56
N ASP B 456 49.35 -22.57 20.70
CA ASP B 456 50.66 -21.97 20.77
C ASP B 456 50.80 -21.10 22.00
N HIS B 457 49.72 -20.43 22.39
CA HIS B 457 49.72 -19.62 23.60
C HIS B 457 49.85 -20.50 24.84
N ILE B 458 49.17 -21.64 24.83
CA ILE B 458 49.27 -22.58 25.94
C ILE B 458 50.66 -23.15 26.06
N ASP B 459 51.24 -23.59 24.96
CA ASP B 459 52.60 -24.10 25.03
C ASP B 459 53.63 -23.04 25.36
N SER B 460 53.43 -21.79 24.91
CA SER B 460 54.39 -20.76 25.28
C SER B 460 54.30 -20.51 26.77
N LEU B 461 53.11 -20.73 27.34
CA LEU B 461 52.90 -20.65 28.78
C LEU B 461 53.57 -21.84 29.47
N MET B 462 53.51 -23.01 28.85
CA MET B 462 54.17 -24.16 29.46
C MET B 462 55.68 -23.90 29.50
N GLU B 463 56.19 -23.17 28.52
CA GLU B 463 57.59 -22.78 28.51
C GLU B 463 57.87 -21.65 29.52
N GLU B 464 56.92 -20.71 29.64
CA GLU B 464 57.02 -19.55 30.53
C GLU B 464 56.70 -19.83 32.00
N TRP B 465 55.49 -20.33 32.27
CA TRP B 465 55.06 -20.66 33.62
C TRP B 465 55.76 -21.89 34.16
N PHE B 466 56.04 -22.88 33.29
CA PHE B 466 56.75 -24.08 33.75
C PHE B 466 58.08 -24.41 33.05
N PRO B 467 59.07 -23.49 32.96
CA PRO B 467 60.36 -23.68 32.30
C PRO B 467 60.99 -25.03 32.62
N GLY B 468 61.21 -25.84 31.57
CA GLY B 468 61.90 -27.12 31.74
C GLY B 468 61.01 -28.31 32.13
N LEU B 469 59.73 -28.08 32.42
CA LEU B 469 58.86 -29.18 32.83
C LEU B 469 58.68 -30.20 31.72
N LEU B 470 58.51 -29.71 30.50
CA LEU B 470 58.38 -30.58 29.35
C LEU B 470 59.65 -31.40 29.17
N LEU B 481 53.42 -35.57 32.63
CA LEU B 481 52.64 -34.34 32.74
C LEU B 481 52.48 -33.64 31.40
N LEU B 482 51.43 -32.82 31.29
CA LEU B 482 51.15 -32.05 30.08
C LEU B 482 50.94 -32.95 28.87
N LYS B 483 50.16 -33.99 29.09
CA LYS B 483 49.94 -35.00 28.07
C LYS B 483 48.94 -34.47 27.06
N LYS B 484 49.28 -34.58 25.79
CA LYS B 484 48.45 -34.02 24.74
C LYS B 484 47.60 -35.06 24.07
N TRP B 485 46.28 -34.90 24.15
CA TRP B 485 45.39 -35.89 23.57
C TRP B 485 44.42 -35.31 22.56
N ALA B 486 44.24 -36.04 21.46
CA ALA B 486 43.27 -35.68 20.45
C ALA B 486 42.00 -36.45 20.73
N LEU B 487 40.93 -35.74 21.11
CA LEU B 487 39.69 -36.41 21.47
C LEU B 487 38.85 -36.58 20.18
N TYR B 488 38.44 -37.81 19.87
CA TYR B 488 37.74 -38.03 18.59
C TYR B 488 36.64 -39.08 18.66
N SER B 489 35.80 -39.11 17.63
CA SER B 489 34.75 -40.11 17.53
C SER B 489 34.48 -40.51 16.10
N PHE B 490 34.14 -41.77 15.89
CA PHE B 490 33.84 -42.25 14.54
C PHE B 490 32.37 -42.09 14.19
N ASN B 491 31.58 -41.44 15.05
CA ASN B 491 30.16 -41.30 14.77
C ASN B 491 29.49 -40.34 15.73
N ASP B 492 28.78 -39.37 15.18
CA ASP B 492 28.10 -38.39 16.00
C ASP B 492 27.15 -39.03 16.97
N GLY B 493 27.22 -38.58 18.22
CA GLY B 493 26.41 -39.11 19.29
C GLY B 493 27.14 -40.18 20.11
N GLU B 494 28.27 -40.67 19.59
CA GLU B 494 29.04 -41.69 20.29
C GLU B 494 30.06 -41.13 21.25
N GLU B 495 30.62 -42.01 22.05
CA GLU B 495 31.65 -41.67 23.02
C GLU B 495 32.98 -41.41 22.34
N HIS B 496 33.68 -40.38 22.81
CA HIS B 496 34.97 -40.02 22.26
C HIS B 496 36.12 -40.83 22.85
N GLN B 497 37.18 -40.97 22.07
CA GLN B 497 38.39 -41.68 22.46
C GLN B 497 39.59 -40.75 22.32
N LYS B 498 40.68 -41.02 23.03
CA LYS B 498 41.84 -40.12 22.99
C LYS B 498 43.07 -40.70 22.28
N ILE B 499 43.73 -39.85 21.46
CA ILE B 499 44.97 -40.22 20.78
C ILE B 499 46.13 -39.41 21.31
N LEU B 500 47.15 -40.07 21.83
CA LEU B 500 48.32 -39.34 22.27
C LEU B 500 48.92 -38.72 21.03
N LEU B 501 49.15 -37.41 21.04
CA LEU B 501 49.62 -36.78 19.81
C LEU B 501 50.95 -37.32 19.32
N ASP B 502 51.77 -37.87 20.21
CA ASP B 502 53.02 -38.47 19.77
C ASP B 502 52.75 -39.58 18.76
N ASP B 503 51.77 -40.43 19.07
CA ASP B 503 51.37 -41.50 18.18
C ASP B 503 50.65 -40.95 16.96
N LEU B 504 49.91 -39.87 17.14
CA LEU B 504 49.23 -39.25 16.01
C LEU B 504 50.27 -38.74 15.01
N MET B 505 51.37 -38.17 15.52
CA MET B 505 52.44 -37.67 14.66
C MET B 505 53.12 -38.80 13.91
N LYS B 506 53.22 -39.98 14.54
CA LYS B 506 53.75 -41.16 13.87
C LYS B 506 52.88 -41.49 12.66
N LYS B 507 51.57 -41.32 12.82
CA LYS B 507 50.61 -41.54 11.75
C LYS B 507 50.53 -40.37 10.78
N ALA B 508 50.82 -39.16 11.27
CA ALA B 508 50.82 -37.98 10.42
C ALA B 508 51.87 -38.16 9.34
N GLU B 509 53.00 -38.77 9.70
CA GLU B 509 54.04 -39.07 8.72
C GLU B 509 53.48 -39.87 7.54
N GLU B 510 52.60 -40.82 7.84
CA GLU B 510 51.99 -41.66 6.82
C GLU B 510 51.07 -40.80 5.94
N GLY B 511 50.32 -39.88 6.57
CA GLY B 511 49.43 -38.96 5.86
C GLY B 511 48.06 -39.59 5.54
N ASP B 512 47.80 -40.75 6.12
CA ASP B 512 46.56 -41.49 5.90
C ASP B 512 45.53 -41.07 6.95
N LEU B 513 44.37 -41.70 6.91
CA LEU B 513 43.33 -41.45 7.88
C LEU B 513 43.49 -42.38 9.05
N LEU B 514 42.84 -42.06 10.14
CA LEU B 514 42.83 -42.96 11.27
C LEU B 514 42.02 -44.16 10.81
N VAL B 515 42.62 -45.33 10.80
CA VAL B 515 41.87 -46.49 10.33
C VAL B 515 41.59 -47.46 11.43
N ASN B 516 40.32 -47.75 11.65
CA ASN B 516 39.98 -48.73 12.66
C ASN B 516 40.35 -50.12 12.12
N PRO B 517 41.35 -50.78 12.71
CA PRO B 517 41.91 -52.07 12.30
C PRO B 517 40.92 -53.22 12.42
N ASP B 518 39.90 -53.04 13.24
CA ASP B 518 38.89 -54.06 13.46
C ASP B 518 37.71 -53.81 12.53
N GLN B 519 37.50 -52.54 12.21
CA GLN B 519 36.45 -52.15 11.31
C GLN B 519 36.90 -51.04 10.40
N PRO B 520 37.71 -51.36 9.38
CA PRO B 520 38.35 -50.51 8.36
C PRO B 520 37.38 -49.56 7.69
N ARG B 521 36.09 -49.90 7.77
CA ARG B 521 35.02 -49.08 7.23
C ARG B 521 34.97 -47.73 7.95
N LEU B 522 35.50 -47.67 9.16
CA LEU B 522 35.54 -46.45 9.95
C LEU B 522 36.89 -45.76 9.84
N THR B 523 36.93 -44.62 9.14
CA THR B 523 38.17 -43.86 9.04
C THR B 523 37.97 -42.37 9.32
N ILE B 524 39.00 -41.70 9.86
CA ILE B 524 38.92 -40.26 10.16
C ILE B 524 40.14 -39.44 9.67
N PRO B 525 39.94 -38.35 8.96
CA PRO B 525 40.96 -37.40 8.53
C PRO B 525 41.76 -36.90 9.72
N ILE B 526 43.08 -37.06 9.67
CA ILE B 526 43.95 -36.59 10.76
C ILE B 526 43.82 -35.11 10.99
N SER B 527 43.64 -34.36 9.91
CA SER B 527 43.49 -32.91 9.99
C SER B 527 42.24 -32.50 10.79
N GLN B 528 41.25 -33.38 10.91
CA GLN B 528 40.11 -33.09 11.76
C GLN B 528 40.45 -33.46 13.18
N ILE B 529 41.14 -34.59 13.31
CA ILE B 529 41.56 -35.07 14.61
C ILE B 529 42.43 -34.04 15.32
N ALA B 530 43.33 -33.40 14.58
CA ALA B 530 44.23 -32.41 15.15
C ALA B 530 44.61 -31.35 14.14
N PRO B 531 43.71 -30.41 13.85
CA PRO B 531 43.82 -29.30 12.92
C PRO B 531 45.14 -28.53 13.00
N ASP B 532 45.75 -28.44 14.18
CA ASP B 532 47.02 -27.72 14.30
C ASP B 532 48.24 -28.58 14.01
N LEU B 533 48.04 -29.84 13.65
CA LEU B 533 49.15 -30.70 13.30
C LEU B 533 49.54 -30.48 11.86
N ILE B 534 48.54 -30.47 10.98
CA ILE B 534 48.77 -30.20 9.57
C ILE B 534 48.42 -28.75 9.28
N LEU B 535 49.38 -28.00 8.78
CA LEU B 535 49.22 -26.57 8.56
C LEU B 535 48.25 -26.13 7.46
N ALA B 536 46.96 -26.28 7.71
CA ALA B 536 45.92 -25.82 6.80
C ALA B 536 45.45 -24.42 7.18
N ASP B 537 45.88 -23.93 8.35
CA ASP B 537 45.50 -22.63 8.87
C ASP B 537 46.50 -21.53 8.56
N LEU B 538 47.41 -21.78 7.64
CA LEU B 538 48.38 -20.77 7.27
C LEU B 538 47.75 -19.79 6.33
N PRO B 539 48.31 -18.59 6.23
CA PRO B 539 47.98 -17.59 5.24
C PRO B 539 48.12 -18.31 3.91
N ARG B 540 47.13 -18.14 3.06
CA ARG B 540 47.04 -18.87 1.80
C ARG B 540 48.33 -18.83 0.97
N ASN B 541 48.99 -17.68 0.99
CA ASN B 541 50.20 -17.47 0.19
C ASN B 541 51.43 -18.26 0.66
N ILE B 542 51.39 -18.87 1.84
CA ILE B 542 52.55 -19.63 2.28
C ILE B 542 52.26 -21.12 2.41
N MET B 543 51.17 -21.59 1.82
CA MET B 543 50.99 -23.04 1.87
C MET B 543 51.93 -23.63 0.83
N LEU B 544 52.74 -24.60 1.24
CA LEU B 544 53.73 -25.15 0.32
C LEU B 544 53.14 -25.91 -0.83
N ASN B 545 53.46 -25.47 -2.04
CA ASN B 545 53.01 -26.18 -3.19
C ASN B 545 54.00 -27.30 -3.47
N ASN B 546 53.60 -28.52 -3.16
CA ASN B 546 54.47 -29.70 -3.29
C ASN B 546 54.80 -30.07 -4.74
N ASP B 547 54.13 -29.44 -5.70
CA ASP B 547 54.42 -29.70 -7.09
C ASP B 547 55.42 -28.67 -7.62
N GLU B 548 55.79 -27.70 -6.78
CA GLU B 548 56.74 -26.66 -7.16
C GLU B 548 58.05 -26.74 -6.41
N LEU B 549 58.05 -27.41 -5.24
CA LEU B 549 59.30 -27.47 -4.50
C LEU B 549 60.27 -28.50 -5.00
N GLU B 550 61.11 -28.05 -5.93
CA GLU B 550 62.18 -28.86 -6.51
C GLU B 550 63.37 -28.93 -5.55
N PHE B 551 63.20 -29.70 -4.47
CA PHE B 551 64.22 -29.83 -3.44
C PHE B 551 64.89 -31.21 -3.46
N GLU B 552 66.14 -31.22 -3.92
CA GLU B 552 66.94 -32.44 -4.05
C GLU B 552 67.44 -33.04 -2.73
N GLN B 553 67.79 -32.17 -1.77
CA GLN B 553 68.32 -32.55 -0.46
C GLN B 553 69.73 -33.16 -0.50
N ALA B 554 70.43 -33.00 -1.61
CA ALA B 554 71.78 -33.54 -1.74
C ALA B 554 72.79 -32.55 -1.14
N PRO B 555 73.99 -33.00 -0.75
CA PRO B 555 75.11 -32.23 -0.18
C PRO B 555 75.46 -31.01 -1.04
N GLU B 556 75.28 -31.12 -2.35
CA GLU B 556 75.52 -30.03 -3.29
C GLU B 556 74.56 -28.83 -3.09
N PHE B 557 73.49 -29.08 -2.36
CA PHE B 557 72.50 -28.07 -2.05
C PHE B 557 72.66 -27.54 -0.64
N LEU B 558 73.66 -28.05 0.09
CA LEU B 558 73.84 -27.64 1.48
C LEU B 558 74.37 -26.21 1.59
N LEU B 559 73.64 -25.39 2.33
CA LEU B 559 74.02 -24.01 2.55
C LEU B 559 74.61 -23.80 3.94
N GLY B 560 74.01 -24.45 4.94
CA GLY B 560 74.45 -24.32 6.32
C GLY B 560 73.66 -25.24 7.24
N ASP B 561 73.54 -24.87 8.51
CA ASP B 561 72.80 -25.72 9.44
C ASP B 561 72.39 -24.96 10.71
N GLY B 562 71.81 -25.70 11.66
CA GLY B 562 71.41 -25.12 12.94
C GLY B 562 70.96 -26.22 13.90
N SER B 563 70.49 -25.83 15.08
CA SER B 563 70.07 -26.82 16.08
C SER B 563 68.86 -27.63 15.64
N PHE B 564 68.05 -27.04 14.78
CA PHE B 564 66.87 -27.68 14.22
C PHE B 564 67.19 -28.74 13.15
N GLY B 565 68.41 -28.71 12.60
CA GLY B 565 68.77 -29.62 11.54
C GLY B 565 69.72 -28.98 10.53
N SER B 566 69.28 -28.87 9.27
CA SER B 566 70.17 -28.34 8.24
C SER B 566 69.51 -27.39 7.25
N VAL B 567 70.33 -26.52 6.65
CA VAL B 567 69.85 -25.56 5.65
C VAL B 567 70.39 -25.91 4.28
N TYR B 568 69.49 -26.15 3.34
CA TYR B 568 69.86 -26.47 1.97
C TYR B 568 69.23 -25.48 1.00
N ARG B 569 69.45 -25.67 -0.29
CA ARG B 569 68.82 -24.81 -1.28
C ARG B 569 67.90 -25.63 -2.19
N ALA B 570 66.96 -24.97 -2.86
CA ALA B 570 66.00 -25.66 -3.71
C ALA B 570 65.47 -24.74 -4.79
N ALA B 571 64.96 -25.29 -5.88
CA ALA B 571 64.37 -24.45 -6.91
C ALA B 571 62.84 -24.33 -6.76
N TYR B 572 62.38 -23.74 -5.65
CA TYR B 572 60.94 -23.61 -5.44
C TYR B 572 60.37 -22.71 -6.52
N GLU B 573 59.41 -23.21 -7.26
CA GLU B 573 58.82 -22.48 -8.37
C GLU B 573 59.86 -21.93 -9.35
N GLY B 574 60.99 -22.63 -9.52
CA GLY B 574 62.02 -22.22 -10.46
C GLY B 574 63.05 -21.24 -9.86
N GLU B 575 62.83 -20.80 -8.63
CA GLU B 575 63.73 -19.83 -7.99
C GLU B 575 64.53 -20.47 -6.88
N GLU B 576 65.82 -20.18 -6.83
CA GLU B 576 66.64 -20.72 -5.75
C GLU B 576 66.20 -20.14 -4.42
N VAL B 577 65.84 -21.03 -3.50
CA VAL B 577 65.38 -20.68 -2.17
C VAL B 577 66.12 -21.49 -1.13
N ALA B 578 66.12 -21.01 0.10
CA ALA B 578 66.77 -21.71 1.19
C ALA B 578 65.75 -22.63 1.84
N VAL B 579 66.18 -23.81 2.25
CA VAL B 579 65.24 -24.73 2.87
C VAL B 579 65.73 -25.23 4.22
N LYS B 580 64.90 -25.05 5.24
CA LYS B 580 65.27 -25.51 6.58
C LYS B 580 64.65 -26.84 6.90
N ILE B 581 65.49 -27.87 6.99
CA ILE B 581 65.01 -29.20 7.30
C ILE B 581 65.06 -29.45 8.78
N PHE B 582 63.89 -29.66 9.37
CA PHE B 582 63.82 -29.95 10.79
C PHE B 582 64.10 -31.43 10.97
N ASN B 583 65.39 -31.75 10.98
CA ASN B 583 65.89 -33.12 10.93
C ASN B 583 65.86 -33.86 12.25
N LYS B 584 64.67 -34.21 12.70
CA LYS B 584 64.48 -34.97 13.93
C LYS B 584 64.98 -34.22 15.15
N HIS B 585 64.79 -32.90 15.15
CA HIS B 585 65.19 -32.06 16.27
C HIS B 585 64.01 -31.21 16.66
N THR B 586 62.97 -31.87 17.14
CA THR B 586 61.72 -31.22 17.52
C THR B 586 61.07 -30.55 16.32
N SER B 587 60.88 -31.35 15.27
CA SER B 587 60.24 -30.91 14.04
C SER B 587 58.77 -30.67 14.29
N LEU B 588 58.08 -30.07 13.31
CA LEU B 588 56.66 -29.71 13.39
C LEU B 588 56.44 -28.53 14.35
N ARG B 589 56.79 -28.71 15.62
CA ARG B 589 56.70 -27.71 16.66
C ARG B 589 57.54 -26.48 16.38
N LEU B 590 58.86 -26.67 16.25
CA LEU B 590 59.75 -25.54 16.02
C LEU B 590 59.43 -24.88 14.72
N LEU B 591 59.00 -25.67 13.75
CA LEU B 591 58.64 -25.17 12.44
C LEU B 591 57.53 -24.12 12.55
N ARG B 592 56.41 -24.46 13.20
CA ARG B 592 55.37 -23.44 13.30
C ARG B 592 55.77 -22.31 14.22
N GLN B 593 56.53 -22.58 15.27
CA GLN B 593 56.95 -21.48 16.14
C GLN B 593 57.74 -20.45 15.33
N GLU B 594 58.62 -20.92 14.43
CA GLU B 594 59.31 -20.01 13.52
C GLU B 594 58.33 -19.28 12.62
N LEU B 595 57.31 -19.98 12.13
CA LEU B 595 56.30 -19.34 11.29
C LEU B 595 55.58 -18.21 12.02
N VAL B 596 55.37 -18.38 13.32
CA VAL B 596 54.75 -17.33 14.13
C VAL B 596 55.62 -16.08 14.11
N VAL B 597 56.93 -16.27 14.25
CA VAL B 597 57.89 -15.16 14.18
C VAL B 597 57.87 -14.51 12.80
N LEU B 598 57.83 -15.35 11.76
CA LEU B 598 57.81 -14.90 10.38
C LEU B 598 56.53 -14.17 10.02
N CYS B 599 55.42 -14.53 10.67
CA CYS B 599 54.15 -13.87 10.43
C CYS B 599 54.25 -12.41 10.85
N HIS B 600 53.89 -11.52 9.93
CA HIS B 600 53.97 -10.06 10.10
C HIS B 600 55.41 -9.52 10.14
N LEU B 601 56.38 -10.34 9.77
CA LEU B 601 57.76 -9.89 9.75
C LEU B 601 58.04 -9.38 8.33
N HIS B 602 58.08 -8.06 8.16
CA HIS B 602 58.23 -7.49 6.83
C HIS B 602 59.25 -6.37 6.72
N HIS B 603 60.43 -6.68 6.19
CA HIS B 603 61.45 -5.67 5.97
C HIS B 603 62.44 -6.17 4.93
N PRO B 604 62.88 -5.32 4.00
CA PRO B 604 63.85 -5.58 2.91
C PRO B 604 65.16 -6.19 3.38
N SER B 605 65.61 -5.87 4.59
CA SER B 605 66.85 -6.40 5.12
C SER B 605 66.70 -7.82 5.69
N LEU B 606 65.46 -8.29 5.81
CA LEU B 606 65.19 -9.59 6.38
C LEU B 606 64.88 -10.64 5.34
N ILE B 607 65.07 -11.89 5.72
CA ILE B 607 64.79 -13.02 4.85
C ILE B 607 63.32 -13.39 4.94
N SER B 608 62.60 -13.25 3.83
CA SER B 608 61.18 -13.54 3.85
C SER B 608 60.86 -15.02 3.71
N LEU B 609 59.62 -15.35 4.05
CA LEU B 609 59.10 -16.70 3.97
C LEU B 609 58.46 -16.97 2.63
N LEU B 610 58.95 -17.98 1.95
CA LEU B 610 58.44 -18.34 0.65
C LEU B 610 57.76 -19.70 0.69
N ALA B 611 56.74 -19.81 1.57
CA ALA B 611 55.94 -21.01 1.83
C ALA B 611 56.61 -21.94 2.86
N ALA B 612 55.77 -22.51 3.71
CA ALA B 612 56.20 -23.43 4.76
C ALA B 612 56.41 -24.87 4.22
N GLY B 613 55.63 -25.83 4.74
CA GLY B 613 55.74 -27.22 4.31
C GLY B 613 55.79 -28.20 5.47
N ILE B 614 54.63 -28.45 6.06
CA ILE B 614 54.47 -29.33 7.21
C ILE B 614 54.66 -30.80 6.88
N ARG B 615 54.41 -31.18 5.64
CA ARG B 615 54.52 -32.57 5.24
C ARG B 615 55.96 -33.08 5.23
N PRO B 616 56.91 -32.27 4.75
CA PRO B 616 58.33 -32.61 4.80
C PRO B 616 59.00 -32.03 6.04
N ARG B 617 58.35 -31.02 6.64
CA ARG B 617 58.90 -30.26 7.76
C ARG B 617 60.12 -29.51 7.26
N MET B 618 59.90 -28.81 6.15
CA MET B 618 60.95 -28.10 5.45
C MET B 618 60.53 -26.69 5.06
N LEU B 619 60.93 -25.68 5.84
CA LEU B 619 60.54 -24.31 5.54
C LEU B 619 61.26 -23.75 4.34
N VAL B 620 60.54 -23.06 3.46
CA VAL B 620 61.16 -22.46 2.29
C VAL B 620 61.34 -20.95 2.47
N MET B 621 62.58 -20.50 2.42
CA MET B 621 62.92 -19.10 2.67
C MET B 621 63.63 -18.41 1.52
N GLU B 622 63.57 -17.09 1.52
CA GLU B 622 64.25 -16.26 0.55
C GLU B 622 65.77 -16.49 0.51
N LEU B 623 66.31 -16.69 -0.68
CA LEU B 623 67.75 -16.92 -0.83
C LEU B 623 68.34 -16.00 -1.89
N ALA B 624 69.31 -15.20 -1.49
CA ALA B 624 69.98 -14.27 -2.41
C ALA B 624 71.30 -13.79 -1.82
N LEU C 814 6.40 59.15 -25.24
CA LEU C 814 6.04 60.42 -24.64
C LEU C 814 5.67 60.28 -23.18
N THR C 815 4.96 59.20 -22.84
CA THR C 815 4.39 58.96 -21.51
C THR C 815 3.77 60.22 -20.90
N ARG C 816 2.99 60.96 -21.70
CA ARG C 816 2.33 62.17 -21.21
C ARG C 816 1.15 61.82 -20.33
N ARG C 817 1.21 62.24 -19.08
CA ARG C 817 0.14 61.93 -18.14
C ARG C 817 -1.02 62.90 -18.30
N ILE C 818 -1.95 62.59 -19.20
CA ILE C 818 -3.09 63.49 -19.42
C ILE C 818 -4.21 63.22 -18.43
N LEU C 819 -4.55 64.24 -17.66
CA LEU C 819 -5.63 64.08 -16.70
C LEU C 819 -6.86 64.84 -17.15
N LEU C 820 -8.02 64.20 -16.98
CA LEU C 820 -9.29 64.83 -17.33
C LEU C 820 -9.94 65.33 -16.04
N PRO C 821 -11.02 66.11 -16.14
CA PRO C 821 -11.78 66.66 -15.02
C PRO C 821 -12.29 65.56 -14.10
N LYS C 822 -12.40 65.89 -12.83
CA LYS C 822 -12.83 64.92 -11.83
C LYS C 822 -14.23 64.41 -12.12
N ASN C 823 -14.39 63.11 -11.96
CA ASN C 823 -15.59 62.34 -12.22
C ASN C 823 -15.89 62.15 -13.70
N VAL C 824 -14.91 62.41 -14.57
CA VAL C 824 -15.06 62.09 -15.98
C VAL C 824 -14.84 60.61 -16.19
N ILE C 825 -15.80 59.98 -16.86
CA ILE C 825 -15.77 58.56 -17.15
C ILE C 825 -15.96 58.37 -18.64
N VAL C 826 -15.11 57.53 -19.23
CA VAL C 826 -15.16 57.32 -20.66
C VAL C 826 -15.55 55.90 -21.05
N GLU C 827 -16.57 55.78 -21.91
CA GLU C 827 -17.02 54.47 -22.39
C GLU C 827 -16.55 54.09 -23.78
N CYS C 828 -15.90 55.02 -24.47
CA CYS C 828 -15.41 54.73 -25.81
C CYS C 828 -14.38 55.76 -26.25
N MET C 829 -13.57 55.36 -27.24
CA MET C 829 -12.47 56.20 -27.68
C MET C 829 -12.09 55.97 -29.14
N VAL C 830 -11.88 57.07 -29.87
CA VAL C 830 -11.38 56.97 -31.23
C VAL C 830 -10.44 58.14 -31.49
N ALA C 831 -9.31 57.87 -32.11
CA ALA C 831 -8.33 58.90 -32.38
C ALA C 831 -8.21 59.15 -33.87
N THR C 832 -7.92 60.39 -34.24
CA THR C 832 -7.75 60.71 -35.65
C THR C 832 -6.35 60.36 -36.08
N HIS C 833 -6.22 59.42 -37.02
CA HIS C 833 -4.90 58.96 -37.45
C HIS C 833 -4.31 59.82 -38.56
N HIS C 834 -4.03 61.06 -38.20
CA HIS C 834 -3.44 62.04 -39.09
C HIS C 834 -2.44 62.85 -38.27
N ALA C 839 -3.72 65.73 -34.31
CA ALA C 839 -3.44 64.95 -33.10
C ALA C 839 -4.53 65.21 -32.06
N SER C 840 -5.59 64.42 -32.13
CA SER C 840 -6.72 64.59 -31.22
C SER C 840 -7.56 63.32 -31.06
N ILE C 841 -8.30 63.27 -29.95
CA ILE C 841 -9.08 62.10 -29.57
C ILE C 841 -10.53 62.39 -29.17
N TRP C 842 -11.47 61.62 -29.72
CA TRP C 842 -12.88 61.77 -29.35
C TRP C 842 -13.21 60.75 -28.26
N LEU C 843 -13.92 61.21 -27.20
CA LEU C 843 -14.23 60.31 -26.08
C LEU C 843 -15.72 60.35 -25.70
N GLY C 844 -16.30 59.19 -25.37
CA GLY C 844 -17.71 59.17 -24.96
C GLY C 844 -17.88 59.43 -23.47
N CYS C 845 -18.81 60.33 -23.10
CA CYS C 845 -19.00 60.71 -21.70
C CYS C 845 -19.80 59.73 -20.86
N GLY C 846 -19.13 58.66 -20.45
CA GLY C 846 -19.72 57.62 -19.61
C GLY C 846 -20.28 58.11 -18.29
N HIS C 847 -19.72 59.20 -17.77
CA HIS C 847 -20.18 59.77 -16.51
C HIS C 847 -21.52 60.50 -16.57
N THR C 848 -22.07 60.67 -17.77
CA THR C 848 -23.36 61.34 -17.87
C THR C 848 -24.43 60.31 -18.15
N ASP C 849 -25.68 60.77 -18.17
CA ASP C 849 -26.79 59.90 -18.48
C ASP C 849 -27.27 60.08 -19.91
N ARG C 850 -26.52 60.86 -20.70
CA ARG C 850 -26.91 61.15 -22.06
C ARG C 850 -25.70 61.14 -22.97
N GLY C 851 -25.93 60.81 -24.23
CA GLY C 851 -24.87 60.79 -25.22
C GLY C 851 -24.18 62.13 -25.37
N GLN C 852 -23.14 62.36 -24.57
CA GLN C 852 -22.36 63.56 -24.76
C GLN C 852 -21.07 63.13 -25.43
N LEU C 853 -20.57 63.92 -26.36
CA LEU C 853 -19.32 63.57 -27.02
C LEU C 853 -18.26 64.58 -26.68
N SER C 854 -17.24 64.12 -25.99
CA SER C 854 -16.15 64.99 -25.58
C SER C 854 -15.01 64.92 -26.56
N PHE C 855 -14.09 65.87 -26.44
CA PHE C 855 -13.01 65.94 -27.39
C PHE C 855 -11.72 66.49 -26.80
N LEU C 856 -10.67 65.69 -26.95
CA LEU C 856 -9.34 65.99 -26.45
C LEU C 856 -8.38 66.43 -27.53
N ASP C 857 -7.79 67.60 -27.36
CA ASP C 857 -6.79 68.12 -28.29
C ASP C 857 -5.40 67.83 -27.78
N LEU C 858 -4.73 66.86 -28.38
CA LEU C 858 -3.41 66.45 -27.90
C LEU C 858 -2.33 67.50 -28.18
N ASN C 859 -2.60 68.40 -29.12
CA ASN C 859 -1.64 69.44 -29.45
C ASN C 859 -1.58 70.55 -28.41
N THR C 860 -2.67 70.75 -27.66
CA THR C 860 -2.71 71.84 -26.68
C THR C 860 -3.17 71.34 -25.32
N GLU C 861 -3.54 70.06 -25.25
CA GLU C 861 -4.07 69.46 -24.04
C GLU C 861 -5.37 70.16 -23.67
N GLY C 862 -6.25 70.29 -24.65
CA GLY C 862 -7.53 70.94 -24.46
C GLY C 862 -8.63 69.91 -24.37
N TYR C 863 -9.73 70.24 -23.70
CA TYR C 863 -10.78 69.25 -23.57
C TYR C 863 -12.15 69.90 -23.50
N THR C 864 -13.05 69.46 -24.38
CA THR C 864 -14.40 70.00 -24.46
C THR C 864 -15.45 68.93 -24.60
N SER C 865 -16.71 69.35 -24.82
CA SER C 865 -17.83 68.42 -24.94
C SER C 865 -19.11 69.04 -25.48
N GLU C 866 -19.86 68.24 -26.25
CA GLU C 866 -21.13 68.66 -26.83
C GLU C 866 -22.10 67.48 -26.95
N GLU C 867 -23.37 67.71 -26.62
CA GLU C 867 -24.36 66.64 -26.69
C GLU C 867 -24.61 66.16 -28.10
N VAL C 868 -24.66 64.84 -28.24
CA VAL C 868 -24.91 64.23 -29.52
C VAL C 868 -26.09 63.25 -29.53
N ALA C 869 -26.49 62.73 -28.36
CA ALA C 869 -27.60 61.78 -28.36
C ALA C 869 -28.31 61.65 -27.01
N ASP C 870 -29.53 61.13 -27.04
CA ASP C 870 -30.32 60.91 -25.85
C ASP C 870 -29.74 59.79 -24.99
N SER C 871 -29.36 58.69 -25.63
CA SER C 871 -28.78 57.54 -24.95
C SER C 871 -27.27 57.70 -24.94
N ARG C 872 -26.57 56.86 -24.19
CA ARG C 872 -25.13 57.05 -24.07
C ARG C 872 -24.37 56.46 -25.26
N ILE C 873 -23.14 56.91 -25.44
CA ILE C 873 -22.33 56.44 -26.55
C ILE C 873 -21.60 55.17 -26.16
N LEU C 874 -21.78 54.12 -26.94
CA LEU C 874 -21.10 52.87 -26.67
C LEU C 874 -19.85 52.66 -27.52
N CYS C 875 -19.81 53.27 -28.71
CA CYS C 875 -18.63 53.10 -29.56
C CYS C 875 -18.47 54.19 -30.60
N LEU C 876 -17.24 54.68 -30.74
CA LEU C 876 -16.92 55.70 -31.74
C LEU C 876 -16.03 55.14 -32.84
N ALA C 877 -16.22 55.62 -34.07
CA ALA C 877 -15.34 55.21 -35.16
C ALA C 877 -15.11 56.32 -36.18
N LEU C 878 -13.92 56.34 -36.76
CA LEU C 878 -13.56 57.35 -37.74
C LEU C 878 -13.76 56.90 -39.17
N VAL C 879 -14.55 57.66 -39.90
CA VAL C 879 -14.76 57.44 -41.32
C VAL C 879 -13.96 58.49 -42.05
N HIS C 880 -13.03 58.07 -42.87
CA HIS C 880 -12.21 59.03 -43.59
C HIS C 880 -12.26 58.82 -45.07
N LEU C 881 -12.66 59.87 -45.77
CA LEU C 881 -12.74 59.86 -47.21
C LEU C 881 -11.89 60.97 -47.80
N PRO C 882 -10.58 60.73 -47.98
CA PRO C 882 -9.58 61.65 -48.52
C PRO C 882 -9.92 62.07 -49.95
N VAL C 883 -10.76 61.28 -50.62
CA VAL C 883 -11.23 61.59 -51.96
C VAL C 883 -12.37 62.63 -51.88
N GLU C 884 -13.04 62.69 -50.73
CA GLU C 884 -14.09 63.64 -50.46
C GLU C 884 -13.53 64.80 -49.63
N LYS C 885 -12.30 64.60 -49.12
CA LYS C 885 -11.57 65.55 -48.29
C LYS C 885 -12.28 65.82 -46.97
N GLU C 886 -13.01 64.82 -46.47
CA GLU C 886 -13.75 64.97 -45.23
C GLU C 886 -13.65 63.72 -44.34
N SER C 887 -13.97 63.92 -43.06
CA SER C 887 -13.94 62.81 -42.12
C SER C 887 -15.05 62.95 -41.09
N TRP C 888 -15.52 61.81 -40.59
CA TRP C 888 -16.64 61.77 -39.66
C TRP C 888 -16.44 60.82 -38.48
N ILE C 889 -17.06 61.14 -37.35
CA ILE C 889 -17.07 60.25 -36.21
C ILE C 889 -18.43 59.61 -36.09
N VAL C 890 -18.49 58.30 -36.13
CA VAL C 890 -19.76 57.63 -36.02
C VAL C 890 -20.00 57.27 -34.58
N SER C 891 -21.14 57.67 -34.06
CA SER C 891 -21.51 57.42 -32.70
C SER C 891 -22.53 56.31 -32.59
N GLY C 892 -22.07 55.16 -32.12
CA GLY C 892 -22.94 54.01 -31.90
C GLY C 892 -23.42 54.08 -30.46
N THR C 893 -24.71 54.32 -30.29
CA THR C 893 -25.26 54.50 -28.96
C THR C 893 -26.10 53.35 -28.45
N GLN C 894 -26.48 53.46 -27.18
CA GLN C 894 -27.33 52.48 -26.48
C GLN C 894 -28.69 52.35 -27.16
N SER C 895 -29.17 53.44 -27.75
CA SER C 895 -30.43 53.45 -28.47
C SER C 895 -30.43 52.58 -29.73
N GLY C 896 -29.25 52.26 -30.25
CA GLY C 896 -29.16 51.50 -31.48
C GLY C 896 -28.98 52.44 -32.67
N THR C 897 -29.04 53.75 -32.44
CA THR C 897 -28.87 54.67 -33.55
C THR C 897 -27.40 54.94 -33.84
N LEU C 898 -27.16 55.41 -35.06
CA LEU C 898 -25.83 55.76 -35.55
C LEU C 898 -25.77 57.21 -35.99
N LEU C 899 -25.15 58.04 -35.17
CA LEU C 899 -25.05 59.45 -35.54
C LEU C 899 -23.69 59.73 -36.15
N VAL C 900 -23.70 60.34 -37.31
CA VAL C 900 -22.48 60.63 -38.02
C VAL C 900 -22.09 62.08 -37.86
N ILE C 901 -20.93 62.35 -37.28
CA ILE C 901 -20.54 63.74 -37.05
C ILE C 901 -19.28 64.13 -37.79
N ASN C 902 -19.40 65.07 -38.72
CA ASN C 902 -18.24 65.54 -39.48
C ASN C 902 -17.24 66.23 -38.54
N THR C 903 -15.96 65.91 -38.68
CA THR C 903 -14.97 66.52 -37.77
C THR C 903 -14.53 67.89 -38.24
N GLU C 904 -14.66 68.15 -39.54
CA GLU C 904 -14.32 69.47 -40.09
C GLU C 904 -15.44 70.47 -39.80
N ASP C 905 -16.63 69.95 -39.54
CA ASP C 905 -17.80 70.75 -39.19
C ASP C 905 -18.71 69.94 -38.29
N GLY C 906 -18.62 70.17 -36.98
CA GLY C 906 -19.39 69.43 -35.99
C GLY C 906 -20.92 69.57 -36.11
N LYS C 907 -21.37 70.58 -36.86
CA LYS C 907 -22.80 70.76 -37.04
C LYS C 907 -23.27 69.98 -38.27
N LYS C 908 -22.33 69.57 -39.12
CA LYS C 908 -22.66 68.79 -40.29
C LYS C 908 -22.79 67.34 -39.87
N ARG C 909 -24.00 66.97 -39.47
CA ARG C 909 -24.23 65.62 -39.01
C ARG C 909 -25.14 64.86 -39.96
N HIS C 910 -24.92 63.56 -40.03
CA HIS C 910 -25.66 62.68 -40.92
C HIS C 910 -26.21 61.52 -40.07
N THR C 911 -27.02 60.66 -40.65
CA THR C 911 -27.60 59.57 -39.87
C THR C 911 -27.64 58.25 -40.62
N LEU C 912 -27.19 57.19 -39.99
CA LEU C 912 -27.28 55.89 -40.62
C LEU C 912 -28.46 55.15 -40.02
N GLU C 913 -29.05 54.23 -40.78
CA GLU C 913 -30.21 53.47 -40.33
C GLU C 913 -30.03 52.84 -38.97
N LYS C 914 -31.00 53.08 -38.10
CA LYS C 914 -31.05 52.56 -36.73
C LYS C 914 -31.03 51.05 -36.68
N MET C 915 -30.22 50.51 -35.79
CA MET C 915 -30.07 49.08 -35.61
C MET C 915 -31.21 48.49 -34.80
N THR C 916 -31.36 47.17 -34.88
CA THR C 916 -32.41 46.45 -34.18
C THR C 916 -32.19 46.43 -32.67
N ASP C 917 -30.95 46.62 -32.25
CA ASP C 917 -30.63 46.71 -30.84
C ASP C 917 -29.49 47.72 -30.68
N SER C 918 -28.91 47.82 -29.49
CA SER C 918 -27.84 48.78 -29.26
C SER C 918 -26.59 48.42 -30.04
N VAL C 919 -25.76 49.43 -30.27
CA VAL C 919 -24.53 49.22 -31.02
C VAL C 919 -23.38 48.96 -30.08
N THR C 920 -22.74 47.82 -30.24
CA THR C 920 -21.65 47.45 -29.34
C THR C 920 -20.29 47.79 -29.92
N CYS C 921 -20.18 47.79 -31.25
CA CYS C 921 -18.89 48.10 -31.83
C CYS C 921 -18.97 48.58 -33.26
N LEU C 922 -17.95 49.33 -33.66
CA LEU C 922 -17.86 49.88 -34.99
C LEU C 922 -16.50 49.64 -35.62
N TYR C 923 -16.45 49.59 -36.94
CA TYR C 923 -15.17 49.44 -37.62
C TYR C 923 -15.25 49.87 -39.07
N CYS C 924 -14.56 50.94 -39.41
CA CYS C 924 -14.59 51.45 -40.77
C CYS C 924 -13.29 51.21 -41.51
N ASN C 935 -14.07 50.67 -49.09
CA ASN C 935 -14.30 51.02 -47.68
C ASN C 935 -15.77 50.90 -47.28
N PHE C 936 -15.98 50.59 -46.01
CA PHE C 936 -17.31 50.52 -45.43
C PHE C 936 -17.29 50.39 -43.90
N LEU C 937 -18.40 50.76 -43.28
CA LEU C 937 -18.55 50.75 -41.84
C LEU C 937 -19.23 49.51 -41.34
N LEU C 938 -18.56 48.81 -40.45
CA LEU C 938 -19.11 47.63 -39.85
C LEU C 938 -19.74 48.02 -38.52
N VAL C 939 -20.94 47.51 -38.25
CA VAL C 939 -21.66 47.85 -37.04
C VAL C 939 -22.12 46.61 -36.29
N GLY C 940 -21.45 46.29 -35.19
CA GLY C 940 -21.83 45.12 -34.42
C GLY C 940 -22.88 45.49 -33.38
N THR C 941 -23.90 44.65 -33.26
CA THR C 941 -24.99 44.94 -32.32
C THR C 941 -25.12 43.92 -31.19
N ALA C 942 -25.90 44.32 -30.20
CA ALA C 942 -26.17 43.51 -29.02
C ALA C 942 -26.91 42.23 -29.35
N ASP C 943 -27.71 42.24 -30.42
CA ASP C 943 -28.41 41.02 -30.77
C ASP C 943 -27.64 40.19 -31.80
N GLY C 944 -26.33 40.43 -31.95
CA GLY C 944 -25.51 39.59 -32.81
C GLY C 944 -25.65 39.86 -34.30
N LYS C 945 -25.85 41.10 -34.70
CA LYS C 945 -25.93 41.37 -36.13
C LYS C 945 -24.81 42.26 -36.57
N LEU C 946 -24.42 42.13 -37.83
CA LEU C 946 -23.38 42.98 -38.36
C LEU C 946 -23.88 43.78 -39.53
N ALA C 947 -24.13 45.05 -39.33
CA ALA C 947 -24.55 45.86 -40.44
C ALA C 947 -23.34 46.42 -41.13
N ILE C 948 -23.39 46.46 -42.45
CA ILE C 948 -22.33 46.99 -43.26
C ILE C 948 -22.83 48.16 -44.05
N PHE C 949 -22.27 49.34 -43.82
CA PHE C 949 -22.66 50.53 -44.55
C PHE C 949 -21.59 50.96 -45.52
N GLU C 950 -21.95 51.08 -46.79
CA GLU C 950 -21.01 51.52 -47.81
C GLU C 950 -20.44 52.89 -47.45
N ASP C 951 -19.11 53.05 -47.52
CA ASP C 951 -18.42 54.26 -47.09
C ASP C 951 -19.10 55.62 -47.31
N LYS C 952 -19.54 55.91 -48.54
CA LYS C 952 -20.07 57.24 -48.81
C LYS C 952 -21.51 57.45 -48.37
N THR C 953 -22.12 56.45 -47.73
CA THR C 953 -23.44 56.61 -47.15
C THR C 953 -23.30 57.44 -45.88
N VAL C 954 -22.06 57.63 -45.42
CA VAL C 954 -21.71 58.49 -44.30
C VAL C 954 -22.16 59.93 -44.53
N LYS C 955 -22.35 60.32 -45.80
CA LYS C 955 -22.79 61.65 -46.16
C LYS C 955 -24.31 61.76 -46.27
N LEU C 956 -25.00 60.65 -46.07
CA LEU C 956 -26.44 60.60 -46.23
C LEU C 956 -27.16 60.52 -44.89
N LYS C 957 -28.41 60.97 -44.86
CA LYS C 957 -29.19 60.91 -43.64
C LYS C 957 -30.34 59.94 -43.80
N GLY C 958 -30.40 58.97 -42.90
CA GLY C 958 -31.40 57.90 -42.96
C GLY C 958 -30.93 56.83 -43.95
N ALA C 959 -29.62 56.67 -44.05
CA ALA C 959 -29.03 55.76 -45.02
C ALA C 959 -29.17 54.29 -44.68
N ALA C 960 -29.51 53.48 -45.68
CA ALA C 960 -29.60 52.05 -45.50
C ALA C 960 -28.22 51.42 -45.72
N PRO C 961 -27.92 50.30 -45.05
CA PRO C 961 -26.69 49.54 -45.12
C PRO C 961 -26.56 48.76 -46.40
N LEU C 962 -25.31 48.52 -46.76
CA LEU C 962 -24.90 47.72 -47.89
C LEU C 962 -25.34 46.27 -47.70
N LYS C 963 -25.10 45.74 -46.51
CA LYS C 963 -25.45 44.35 -46.19
C LYS C 963 -25.57 44.14 -44.69
N ILE C 964 -26.42 43.21 -44.25
CA ILE C 964 -26.54 42.89 -42.83
C ILE C 964 -26.39 41.39 -42.58
N LEU C 965 -25.50 41.03 -41.66
CA LEU C 965 -25.29 39.62 -41.36
C LEU C 965 -25.97 39.17 -40.07
N ASN C 966 -26.51 37.96 -40.11
CA ASN C 966 -27.11 37.31 -38.95
C ASN C 966 -26.06 36.41 -38.32
N ILE C 967 -25.43 36.89 -37.25
CA ILE C 967 -24.33 36.17 -36.63
C ILE C 967 -24.71 35.48 -35.31
N GLY C 968 -25.30 36.23 -34.40
CA GLY C 968 -25.74 35.70 -33.11
C GLY C 968 -27.23 35.91 -32.86
N ASN C 969 -27.59 36.30 -31.64
CA ASN C 969 -28.99 36.53 -31.29
C ASN C 969 -29.10 37.40 -30.05
N VAL C 970 -30.31 37.63 -29.56
CA VAL C 970 -30.48 38.52 -28.42
C VAL C 970 -29.75 38.10 -27.14
N SER C 971 -29.42 36.82 -27.02
CA SER C 971 -28.68 36.34 -25.85
C SER C 971 -27.20 36.29 -26.13
N THR C 972 -26.83 36.47 -27.39
CA THR C 972 -25.47 36.32 -27.83
C THR C 972 -25.04 37.47 -28.73
N PRO C 973 -24.46 38.52 -28.15
CA PRO C 973 -24.04 39.75 -28.78
C PRO C 973 -22.76 39.60 -29.57
N LEU C 974 -22.66 40.45 -30.59
CA LEU C 974 -21.48 40.57 -31.43
C LEU C 974 -20.72 41.72 -30.88
N MET C 975 -19.42 41.58 -30.65
CA MET C 975 -18.71 42.67 -30.01
C MET C 975 -17.30 42.89 -30.52
N CYS C 976 -16.67 41.90 -31.12
CA CYS C 976 -15.33 42.15 -31.60
C CYS C 976 -15.19 42.13 -33.10
N LEU C 977 -14.81 43.29 -33.64
CA LEU C 977 -14.50 43.43 -35.06
C LEU C 977 -13.01 43.62 -35.22
N SER C 978 -12.30 42.54 -35.50
CA SER C 978 -10.86 42.60 -35.62
C SER C 978 -10.31 42.18 -36.98
N GLU C 979 -10.08 43.16 -37.84
CA GLU C 979 -9.43 42.87 -39.12
C GLU C 979 -7.94 42.89 -38.87
N SER C 980 -7.26 41.79 -39.17
CA SER C 980 -5.83 41.80 -38.92
C SER C 980 -5.10 40.80 -39.78
N ASN C 987 -6.91 40.16 -46.15
CA ASN C 987 -7.71 41.20 -45.53
C ASN C 987 -9.09 40.66 -45.22
N VAL C 988 -9.20 39.97 -44.08
CA VAL C 988 -10.45 39.37 -43.66
C VAL C 988 -10.82 39.82 -42.26
N MET C 989 -12.08 39.65 -41.90
CA MET C 989 -12.56 40.08 -40.60
C MET C 989 -12.75 38.97 -39.60
N TRP C 990 -12.09 39.08 -38.47
CA TRP C 990 -12.29 38.12 -37.42
C TRP C 990 -13.40 38.64 -36.49
N GLY C 991 -14.41 37.80 -36.24
CA GLY C 991 -15.55 38.23 -35.45
C GLY C 991 -15.71 37.52 -34.11
N GLY C 992 -15.80 38.30 -33.04
CA GLY C 992 -16.02 37.77 -31.71
C GLY C 992 -17.50 37.86 -31.35
N CYS C 993 -18.16 36.71 -31.29
CA CYS C 993 -19.59 36.66 -30.99
C CYS C 993 -19.88 35.54 -30.01
N GLY C 994 -20.19 35.91 -28.77
CA GLY C 994 -20.47 34.92 -27.77
C GLY C 994 -19.24 34.09 -27.51
N THR C 995 -19.35 32.80 -27.77
CA THR C 995 -18.23 31.89 -27.57
C THR C 995 -17.64 31.41 -28.89
N LYS C 996 -18.05 32.03 -30.00
CA LYS C 996 -17.58 31.63 -31.31
C LYS C 996 -16.73 32.67 -32.03
N ILE C 997 -15.80 32.17 -32.83
CA ILE C 997 -14.91 33.02 -33.61
C ILE C 997 -15.22 32.89 -35.09
N PHE C 998 -15.51 34.01 -35.72
CA PHE C 998 -15.86 34.05 -37.12
C PHE C 998 -14.76 34.60 -37.99
N SER C 999 -14.73 34.20 -39.25
CA SER C 999 -13.81 34.79 -40.21
C SER C 999 -14.64 35.13 -41.42
N PHE C 1000 -14.64 36.40 -41.82
CA PHE C 1000 -15.48 36.82 -42.92
C PHE C 1000 -14.70 37.17 -44.16
N SER C 1001 -15.21 36.69 -45.29
CA SER C 1001 -14.63 36.88 -46.61
C SER C 1001 -14.81 38.28 -47.13
N ASN C 1002 -14.30 38.50 -48.33
CA ASN C 1002 -14.41 39.76 -49.04
C ASN C 1002 -15.86 40.11 -49.39
N ASP C 1003 -16.74 39.09 -49.42
CA ASP C 1003 -18.14 39.30 -49.71
C ASP C 1003 -19.00 38.97 -48.49
N PHE C 1004 -18.38 39.05 -47.30
CA PHE C 1004 -19.02 38.82 -46.01
C PHE C 1004 -19.51 37.39 -45.77
N THR C 1005 -18.81 36.42 -46.36
CA THR C 1005 -19.16 35.01 -46.16
C THR C 1005 -18.41 34.45 -44.97
N ILE C 1006 -19.11 33.70 -44.13
CA ILE C 1006 -18.43 33.11 -42.98
C ILE C 1006 -17.48 32.03 -43.45
N GLN C 1007 -16.22 32.43 -43.59
CA GLN C 1007 -15.15 31.55 -44.01
C GLN C 1007 -14.87 30.50 -42.97
N LYS C 1008 -14.80 30.95 -41.72
CA LYS C 1008 -14.53 30.06 -40.62
C LYS C 1008 -15.40 30.31 -39.43
N LEU C 1009 -15.59 29.26 -38.65
CA LEU C 1009 -16.35 29.33 -37.42
C LEU C 1009 -15.76 28.40 -36.38
N ILE C 1010 -15.20 28.98 -35.33
CA ILE C 1010 -14.60 28.20 -34.26
C ILE C 1010 -15.34 28.38 -32.97
N GLU C 1011 -16.01 27.33 -32.49
CA GLU C 1011 -16.59 27.45 -31.18
C GLU C 1011 -15.50 27.12 -30.19
N THR C 1012 -15.29 28.01 -29.24
CA THR C 1012 -14.20 27.87 -28.31
C THR C 1012 -14.57 27.20 -27.00
N ARG C 1013 -15.81 26.72 -26.90
CA ARG C 1013 -16.27 26.05 -25.69
C ARG C 1013 -15.52 24.76 -25.42
N THR C 1014 -14.88 24.19 -26.44
CA THR C 1014 -14.13 22.96 -26.29
C THR C 1014 -12.86 23.18 -25.48
N SER C 1015 -12.48 24.45 -25.27
CA SER C 1015 -11.30 24.76 -24.49
C SER C 1015 -11.48 24.41 -23.02
N GLN C 1016 -12.72 24.11 -22.58
CA GLN C 1016 -13.01 23.70 -21.21
C GLN C 1016 -12.17 22.54 -20.70
N LEU C 1017 -11.63 21.73 -21.60
CA LEU C 1017 -10.76 20.64 -21.16
C LEU C 1017 -9.52 21.20 -20.48
N PHE C 1018 -9.13 22.39 -20.87
CA PHE C 1018 -8.01 23.11 -20.31
C PHE C 1018 -8.54 24.30 -19.54
N SER C 1019 -7.70 24.99 -18.81
CA SER C 1019 -8.16 26.18 -18.09
C SER C 1019 -9.27 25.87 -17.09
N TYR C 1020 -10.36 26.60 -17.17
CA TYR C 1020 -11.47 26.44 -16.25
C TYR C 1020 -12.75 26.90 -16.90
N ALA C 1021 -13.80 26.10 -16.76
CA ALA C 1021 -15.07 26.30 -17.44
C ALA C 1021 -15.68 27.68 -17.25
N ALA C 1022 -15.55 28.25 -16.08
CA ALA C 1022 -16.13 29.57 -15.86
C ALA C 1022 -15.48 30.63 -16.73
N PHE C 1023 -14.24 30.38 -17.16
CA PHE C 1023 -13.53 31.32 -17.97
C PHE C 1023 -13.80 31.00 -19.41
N SER C 1024 -13.70 29.71 -19.73
CA SER C 1024 -13.92 29.23 -21.09
C SER C 1024 -15.28 29.62 -21.58
N ASP C 1025 -16.27 29.37 -20.78
CA ASP C 1025 -17.60 29.72 -21.16
C ASP C 1025 -17.87 31.17 -20.85
N SER C 1026 -17.48 32.04 -21.75
CA SER C 1026 -17.69 33.46 -21.54
C SER C 1026 -17.64 34.22 -22.83
N ASN C 1027 -18.32 35.34 -22.87
CA ASN C 1027 -18.38 36.13 -24.07
C ASN C 1027 -17.02 36.68 -24.50
N ILE C 1028 -16.72 36.56 -25.79
CA ILE C 1028 -15.46 37.04 -26.32
C ILE C 1028 -15.47 38.55 -26.41
N ILE C 1029 -14.43 39.16 -25.84
CA ILE C 1029 -14.31 40.61 -25.84
C ILE C 1029 -13.31 41.11 -26.87
N THR C 1030 -12.10 40.57 -26.85
CA THR C 1030 -11.08 41.04 -27.79
C THR C 1030 -10.42 39.90 -28.56
N VAL C 1031 -10.28 40.11 -29.87
CA VAL C 1031 -9.64 39.15 -30.76
C VAL C 1031 -8.45 39.79 -31.44
N VAL C 1032 -7.27 39.25 -31.22
CA VAL C 1032 -6.06 39.76 -31.86
C VAL C 1032 -5.50 38.68 -32.77
N VAL C 1033 -5.13 39.04 -33.99
CA VAL C 1033 -4.67 38.00 -34.92
C VAL C 1033 -3.36 38.31 -35.63
N ASP C 1034 -2.44 37.35 -35.60
CA ASP C 1034 -1.22 37.47 -36.38
C ASP C 1034 -0.98 36.14 -37.13
N THR C 1035 -0.45 35.17 -36.43
CA THR C 1035 -0.20 33.82 -36.86
C THR C 1035 -1.17 32.96 -36.08
N ALA C 1036 -1.67 33.53 -34.98
CA ALA C 1036 -2.62 32.87 -34.11
C ALA C 1036 -3.61 33.91 -33.59
N LEU C 1037 -4.69 33.41 -33.01
CA LEU C 1037 -5.76 34.25 -32.49
C LEU C 1037 -5.60 34.38 -30.99
N TYR C 1038 -5.70 35.59 -30.46
CA TYR C 1038 -5.58 35.76 -29.02
C TYR C 1038 -6.92 36.22 -28.53
N ILE C 1039 -7.57 35.36 -27.72
CA ILE C 1039 -8.93 35.61 -27.31
C ILE C 1039 -9.07 36.03 -25.85
N ALA C 1040 -9.52 37.25 -25.65
CA ALA C 1040 -9.81 37.75 -24.32
C ALA C 1040 -11.30 37.65 -24.05
N LYS C 1041 -11.69 36.77 -23.14
CA LYS C 1041 -13.08 36.61 -22.78
C LYS C 1041 -13.44 37.40 -21.53
N GLN C 1042 -14.70 37.72 -21.40
CA GLN C 1042 -15.16 38.58 -20.33
C GLN C 1042 -14.89 37.96 -18.97
N ASN C 1043 -14.21 38.74 -18.12
CA ASN C 1043 -13.82 38.36 -16.75
C ASN C 1043 -12.80 37.23 -16.67
N SER C 1044 -12.10 36.94 -17.76
CA SER C 1044 -11.09 35.89 -17.75
C SER C 1044 -9.73 36.41 -17.30
N PRO C 1045 -8.96 35.60 -16.57
CA PRO C 1045 -7.60 35.82 -16.15
C PRO C 1045 -6.61 35.16 -17.11
N VAL C 1046 -7.14 34.55 -18.17
CA VAL C 1046 -6.30 33.89 -19.16
C VAL C 1046 -6.73 34.27 -20.57
N VAL C 1047 -5.78 34.16 -21.51
CA VAL C 1047 -6.03 34.43 -22.92
C VAL C 1047 -5.85 33.17 -23.74
N GLU C 1048 -6.83 32.84 -24.57
CA GLU C 1048 -6.72 31.63 -25.35
C GLU C 1048 -5.97 31.90 -26.63
N VAL C 1049 -5.14 30.96 -27.06
CA VAL C 1049 -4.40 31.12 -28.29
C VAL C 1049 -4.85 30.06 -29.28
N TRP C 1050 -5.40 30.47 -30.41
CA TRP C 1050 -5.92 29.51 -31.39
C TRP C 1050 -5.19 29.49 -32.72
N ASP C 1051 -5.07 28.31 -33.30
CA ASP C 1051 -4.41 28.09 -34.59
C ASP C 1051 -5.33 28.38 -35.72
N LYS C 1052 -5.16 29.51 -36.37
CA LYS C 1052 -5.98 29.90 -37.51
C LYS C 1052 -5.92 28.92 -38.69
N LYS C 1053 -4.87 28.10 -38.75
CA LYS C 1053 -4.69 27.16 -39.84
C LYS C 1053 -5.37 25.81 -39.64
N THR C 1054 -5.60 25.41 -38.38
CA THR C 1054 -6.23 24.12 -38.12
C THR C 1054 -7.43 24.24 -37.20
N GLU C 1055 -7.66 25.45 -36.69
CA GLU C 1055 -8.77 25.75 -35.79
C GLU C 1055 -8.64 24.94 -34.50
N LYS C 1056 -7.44 25.01 -33.91
CA LYS C 1056 -7.15 24.27 -32.68
C LYS C 1056 -6.52 25.14 -31.60
N LEU C 1057 -6.70 24.75 -30.36
CA LEU C 1057 -6.12 25.53 -29.28
C LEU C 1057 -4.61 25.34 -29.26
N CYS C 1058 -3.87 26.42 -29.48
CA CYS C 1058 -2.41 26.42 -29.47
C CYS C 1058 -1.84 26.56 -28.08
N GLY C 1059 -2.57 27.22 -27.20
CA GLY C 1059 -2.10 27.37 -25.84
C GLY C 1059 -2.86 28.41 -25.06
N LEU C 1060 -2.45 28.60 -23.82
CA LEU C 1060 -3.09 29.58 -22.95
C LEU C 1060 -2.06 30.55 -22.39
N ILE C 1061 -2.47 31.79 -22.19
CA ILE C 1061 -1.62 32.77 -21.57
C ILE C 1061 -2.19 33.07 -20.21
N ASP C 1062 -1.48 32.71 -19.17
CA ASP C 1062 -2.02 32.90 -17.84
C ASP C 1062 -1.56 34.20 -17.20
N CYS C 1063 -2.43 35.20 -17.25
CA CYS C 1063 -2.10 36.53 -16.75
C CYS C 1063 -1.99 36.57 -15.25
N VAL C 1064 -2.96 35.97 -14.55
CA VAL C 1064 -2.89 35.96 -13.10
C VAL C 1064 -1.66 35.23 -12.59
N HIS C 1065 -1.13 34.28 -13.36
CA HIS C 1065 0.14 33.65 -13.02
C HIS C 1065 1.26 34.65 -13.04
N PHE C 1066 1.32 35.45 -14.09
CA PHE C 1066 2.39 36.43 -14.16
C PHE C 1066 2.29 37.40 -13.01
N LEU C 1067 1.08 37.75 -12.61
CA LEU C 1067 0.89 38.63 -11.47
C LEU C 1067 1.22 37.90 -10.17
N ARG C 1068 1.00 36.59 -10.13
CA ARG C 1068 1.49 35.74 -9.05
C ARG C 1068 3.01 35.80 -8.93
N GLU C 1069 3.70 35.82 -10.08
CA GLU C 1069 5.17 35.95 -10.07
C GLU C 1069 5.59 37.31 -9.52
N VAL C 1070 4.82 38.36 -9.85
CA VAL C 1070 5.07 39.68 -9.31
C VAL C 1070 4.94 39.72 -7.81
N MET C 1071 5.90 40.33 -7.13
CA MET C 1071 5.84 40.38 -5.68
C MET C 1071 4.77 41.35 -5.21
N MET C 1082 -8.22 43.20 -3.51
CA MET C 1082 -8.80 42.92 -4.82
C MET C 1082 -8.30 43.89 -5.88
N SER C 1083 -7.19 44.58 -5.61
CA SER C 1083 -6.66 45.53 -6.57
C SER C 1083 -6.10 44.89 -7.84
N TYR C 1084 -5.67 43.62 -7.76
CA TYR C 1084 -5.12 42.97 -8.93
C TYR C 1084 -5.85 41.69 -9.24
N SER C 1085 -7.07 41.82 -9.74
CA SER C 1085 -7.87 40.67 -10.06
C SER C 1085 -7.27 39.83 -11.18
N GLY C 1086 -6.51 40.48 -12.05
CA GLY C 1086 -5.90 39.78 -13.18
C GLY C 1086 -6.84 39.65 -14.35
N ARG C 1087 -8.06 40.18 -14.24
CA ARG C 1087 -8.99 40.08 -15.33
C ARG C 1087 -8.50 40.89 -16.50
N VAL C 1088 -8.49 40.28 -17.67
CA VAL C 1088 -8.01 40.96 -18.86
C VAL C 1088 -9.03 41.95 -19.39
N LYS C 1089 -8.58 43.19 -19.58
CA LYS C 1089 -9.42 44.24 -20.11
C LYS C 1089 -9.15 44.51 -21.58
N THR C 1090 -7.88 44.49 -21.98
CA THR C 1090 -7.61 44.77 -23.38
C THR C 1090 -6.31 44.17 -23.92
N LEU C 1091 -6.34 43.81 -25.20
CA LEU C 1091 -5.17 43.25 -25.87
C LEU C 1091 -4.70 44.13 -27.02
N CYS C 1092 -3.47 44.64 -26.95
CA CYS C 1092 -2.89 45.35 -28.08
C CYS C 1092 -1.67 44.62 -28.59
N LEU C 1093 -1.43 44.67 -29.89
CA LEU C 1093 -0.29 43.94 -30.42
C LEU C 1093 0.48 44.63 -31.52
N GLN C 1094 1.77 44.84 -31.29
CA GLN C 1094 2.66 45.40 -32.29
C GLN C 1094 3.38 44.29 -33.03
N LYS C 1095 3.52 44.46 -34.35
CA LYS C 1095 4.19 43.52 -35.27
C LYS C 1095 5.48 42.84 -34.76
N ASN C 1096 6.14 43.41 -33.76
CA ASN C 1096 7.32 42.83 -33.16
C ASN C 1096 6.97 41.91 -31.97
N THR C 1097 5.74 41.36 -31.98
CA THR C 1097 5.19 40.44 -30.96
C THR C 1097 4.92 41.11 -29.61
N ALA C 1098 4.97 42.44 -29.57
CA ALA C 1098 4.73 43.17 -28.33
C ALA C 1098 3.26 43.11 -27.94
N LEU C 1099 2.88 42.09 -27.19
CA LEU C 1099 1.50 41.97 -26.77
C LEU C 1099 1.29 42.71 -25.46
N TRP C 1100 0.43 43.72 -25.45
CA TRP C 1100 0.15 44.45 -24.24
C TRP C 1100 -1.17 44.00 -23.69
N ILE C 1101 -1.15 43.55 -22.45
CA ILE C 1101 -2.36 43.09 -21.83
C ILE C 1101 -2.74 44.00 -20.69
N GLY C 1102 -3.76 44.80 -20.89
CA GLY C 1102 -4.18 45.66 -19.81
C GLY C 1102 -5.09 44.86 -18.92
N THR C 1103 -4.86 44.93 -17.61
CA THR C 1103 -5.71 44.19 -16.69
C THR C 1103 -6.65 45.14 -16.01
N GLY C 1104 -7.56 44.62 -15.22
CA GLY C 1104 -8.49 45.48 -14.52
C GLY C 1104 -7.85 46.22 -13.34
N GLY C 1105 -6.59 45.90 -13.02
CA GLY C 1105 -5.90 46.56 -11.92
C GLY C 1105 -5.00 47.65 -12.47
N GLY C 1106 -3.90 47.89 -11.76
CA GLY C 1106 -2.96 48.90 -12.20
C GLY C 1106 -1.80 48.32 -13.00
N HIS C 1107 -1.87 47.03 -13.32
CA HIS C 1107 -0.77 46.47 -14.06
C HIS C 1107 -1.09 46.20 -15.52
N ILE C 1108 -0.08 46.40 -16.36
CA ILE C 1108 -0.16 46.12 -17.79
C ILE C 1108 0.95 45.15 -18.17
N LEU C 1109 0.57 44.00 -18.70
CA LEU C 1109 1.55 42.98 -19.00
C LEU C 1109 2.04 43.02 -20.44
N LEU C 1110 3.32 43.31 -20.63
CA LEU C 1110 3.91 43.25 -21.95
C LEU C 1110 4.55 41.90 -22.12
N LEU C 1111 4.15 41.17 -23.15
CA LEU C 1111 4.56 39.80 -23.37
C LEU C 1111 5.01 39.52 -24.82
N ASP C 1112 6.09 38.76 -24.95
CA ASP C 1112 6.70 38.38 -26.22
C ASP C 1112 6.08 37.16 -26.83
N LEU C 1113 5.22 37.35 -27.83
CA LEU C 1113 4.53 36.24 -28.46
C LEU C 1113 5.38 35.29 -29.31
N SER C 1114 6.64 35.61 -29.57
CA SER C 1114 7.48 34.68 -30.33
C SER C 1114 7.94 33.54 -29.41
N THR C 1115 7.91 33.78 -28.10
CA THR C 1115 8.30 32.76 -27.13
C THR C 1115 7.25 32.59 -26.05
N ARG C 1116 6.22 33.44 -26.07
CA ARG C 1116 5.17 33.46 -25.05
C ARG C 1116 5.80 33.77 -23.71
N ARG C 1117 6.62 34.81 -23.69
CA ARG C 1117 7.36 35.14 -22.49
C ARG C 1117 7.13 36.56 -22.03
N LEU C 1118 6.79 36.70 -20.76
CA LEU C 1118 6.54 38.01 -20.21
C LEU C 1118 7.77 38.88 -20.32
N ILE C 1119 7.62 40.03 -20.94
CA ILE C 1119 8.69 40.99 -21.13
C ILE C 1119 8.80 41.93 -19.95
N ARG C 1120 7.70 42.61 -19.64
CA ARG C 1120 7.73 43.59 -18.58
C ARG C 1120 6.35 44.07 -18.18
N VAL C 1121 6.12 44.21 -16.89
CA VAL C 1121 4.86 44.69 -16.40
C VAL C 1121 4.93 46.16 -16.02
N ILE C 1122 3.98 46.96 -16.51
CA ILE C 1122 3.93 48.36 -16.10
C ILE C 1122 3.31 48.33 -14.74
N TYR C 1123 4.01 48.86 -13.76
CA TYR C 1123 3.52 48.74 -12.39
C TYR C 1123 2.73 49.95 -11.90
N ASN C 1124 1.55 49.68 -11.36
CA ASN C 1124 0.67 50.69 -10.76
C ASN C 1124 0.45 51.91 -11.63
N PHE C 1125 0.05 51.65 -12.86
CA PHE C 1125 -0.23 52.68 -13.84
C PHE C 1125 -1.35 53.61 -13.37
N CYS C 1126 -2.46 53.00 -12.96
CA CYS C 1126 -3.63 53.70 -12.45
C CYS C 1126 -4.34 52.68 -11.59
N ASN C 1127 -5.43 53.04 -10.94
CA ASN C 1127 -6.07 52.04 -10.10
C ASN C 1127 -6.82 50.99 -10.93
N SER C 1128 -7.29 51.35 -12.14
CA SER C 1128 -7.93 50.36 -13.00
C SER C 1128 -7.85 50.75 -14.47
N VAL C 1129 -7.11 49.97 -15.26
CA VAL C 1129 -6.95 50.27 -16.69
C VAL C 1129 -8.20 49.91 -17.47
N ARG C 1130 -8.71 50.85 -18.26
CA ARG C 1130 -9.93 50.60 -19.02
C ARG C 1130 -9.64 50.09 -20.43
N VAL C 1131 -9.03 50.92 -21.29
CA VAL C 1131 -8.68 50.53 -22.66
C VAL C 1131 -7.32 51.03 -23.09
N MET C 1132 -6.78 50.41 -24.13
CA MET C 1132 -5.48 50.81 -24.68
C MET C 1132 -5.56 50.91 -26.21
N MET C 1133 -5.00 51.99 -26.78
CA MET C 1133 -5.01 52.15 -28.24
C MET C 1133 -3.65 52.49 -28.85
N THR C 1134 -3.27 51.77 -29.90
CA THR C 1134 -2.03 52.08 -30.58
C THR C 1134 -2.29 53.18 -31.60
N ALA C 1135 -1.52 54.26 -31.51
CA ALA C 1135 -1.77 55.38 -32.41
C ALA C 1135 -0.53 56.23 -32.60
N GLN C 1136 -0.54 57.08 -33.63
CA GLN C 1136 0.57 57.99 -33.85
C GLN C 1136 0.19 59.41 -33.51
N LEU C 1137 1.14 60.13 -32.92
CA LEU C 1137 0.97 61.53 -32.57
C LEU C 1137 1.12 62.43 -33.77
N GLY C 1138 1.00 63.74 -33.53
CA GLY C 1138 1.17 64.73 -34.60
C GLY C 1138 2.58 64.67 -35.19
N SER C 1139 3.53 64.18 -34.39
CA SER C 1139 4.93 63.99 -34.78
C SER C 1139 5.18 62.60 -35.39
N LEU C 1140 4.12 61.81 -35.51
CA LEU C 1140 4.14 60.42 -35.97
C LEU C 1140 4.73 59.44 -34.94
N LYS C 1141 5.02 59.92 -33.74
CA LYS C 1141 5.50 59.04 -32.69
C LYS C 1141 4.48 57.97 -32.33
N ASN C 1142 4.93 56.73 -32.34
CA ASN C 1142 4.09 55.59 -32.02
C ASN C 1142 3.91 55.49 -30.52
N VAL C 1143 2.67 55.72 -30.08
CA VAL C 1143 2.35 55.71 -28.67
C VAL C 1143 1.18 54.84 -28.33
N MET C 1144 1.08 54.49 -27.07
CA MET C 1144 -0.03 53.70 -26.60
C MET C 1144 -0.91 54.55 -25.73
N LEU C 1145 -2.13 54.73 -26.17
CA LEU C 1145 -3.10 55.53 -25.48
C LEU C 1145 -3.73 54.73 -24.38
N VAL C 1146 -3.07 54.71 -23.22
CA VAL C 1146 -3.58 53.91 -22.13
C VAL C 1146 -4.57 54.71 -21.32
N LEU C 1147 -5.83 54.36 -21.42
CA LEU C 1147 -6.88 55.07 -20.74
C LEU C 1147 -7.38 54.27 -19.55
N GLY C 1148 -7.37 54.87 -18.37
CA GLY C 1148 -7.83 54.16 -17.19
C GLY C 1148 -8.27 55.12 -16.10
N TYR C 1149 -8.54 54.59 -14.92
CA TYR C 1149 -9.03 55.43 -13.85
C TYR C 1149 -8.20 55.31 -12.59
N ASN C 1150 -8.13 56.42 -11.86
CA ASN C 1150 -7.42 56.49 -10.62
C ASN C 1150 -8.36 56.63 -9.42
N ARG C 1151 -9.57 56.03 -9.52
CA ARG C 1151 -10.50 56.08 -8.39
C ARG C 1151 -9.74 55.72 -7.14
N GLU C 1162 -14.74 60.59 -6.81
CA GLU C 1162 -13.54 61.16 -7.40
C GLU C 1162 -12.94 60.32 -8.53
N ILE C 1163 -13.68 60.16 -9.63
CA ILE C 1163 -13.10 59.36 -10.70
C ILE C 1163 -12.12 60.19 -11.48
N GLN C 1164 -10.86 59.79 -11.43
CA GLN C 1164 -9.87 60.52 -12.16
C GLN C 1164 -9.47 59.78 -13.41
N SER C 1165 -10.08 60.16 -14.52
CA SER C 1165 -9.74 59.56 -15.78
C SER C 1165 -8.38 60.02 -16.21
N CYS C 1166 -7.58 59.08 -16.67
CA CYS C 1166 -6.24 59.39 -17.09
C CYS C 1166 -5.87 58.71 -18.37
N LEU C 1167 -5.35 59.48 -19.28
CA LEU C 1167 -4.88 58.98 -20.54
C LEU C 1167 -3.39 59.16 -20.62
N THR C 1168 -2.64 58.08 -20.60
CA THR C 1168 -1.21 58.27 -20.76
C THR C 1168 -0.76 57.97 -22.15
N VAL C 1169 -0.15 58.96 -22.78
CA VAL C 1169 0.38 58.80 -24.11
C VAL C 1169 1.72 58.09 -24.00
N TRP C 1170 1.65 56.78 -23.82
CA TRP C 1170 2.80 55.93 -23.51
C TRP C 1170 3.78 55.75 -24.66
N ASP C 1171 5.06 55.80 -24.34
CA ASP C 1171 6.16 55.66 -25.29
C ASP C 1171 6.35 54.24 -25.81
N ILE C 1172 5.94 53.97 -27.06
CA ILE C 1172 6.22 52.64 -27.62
C ILE C 1172 7.57 52.62 -28.32
PB GDP D . -30.91 22.59 35.48
O1B GDP D . -30.70 21.11 35.67
O2B GDP D . -32.24 22.91 34.84
O3B GDP D . -29.85 23.14 34.64
O3A GDP D . -30.92 23.31 36.89
PA GDP D . -31.65 22.79 38.14
O1A GDP D . -30.56 22.47 39.08
O2A GDP D . -32.80 21.86 37.90
O5' GDP D . -32.43 24.09 38.58
C5' GDP D . -33.22 24.18 39.76
C4' GDP D . -33.58 25.63 40.00
O4' GDP D . -34.75 26.05 39.31
C3' GDP D . -33.93 25.90 41.46
O3' GDP D . -33.33 27.11 41.84
C2' GDP D . -35.42 26.08 41.47
O2' GDP D . -35.95 26.84 42.53
C1' GDP D . -35.64 26.76 40.14
N9 GDP D . -36.97 26.39 39.64
C8 GDP D . -37.16 25.07 39.42
N7 GDP D . -38.46 24.75 39.52
C5 GDP D . -39.11 25.88 39.80
C6 GDP D . -40.51 26.28 40.02
O6 GDP D . -41.44 25.43 39.97
N1 GDP D . -40.76 27.58 40.29
C2 GDP D . -39.78 28.53 40.38
N2 GDP D . -40.10 29.83 40.64
N3 GDP D . -38.48 28.25 40.16
C4 GDP D . -38.11 26.97 39.89
MG MG E . -29.77 19.97 37.03
#